data_1DUC
# 
_entry.id   1DUC 
# 
_audit_conform.dict_name       mmcif_pdbx.dic 
_audit_conform.dict_version    5.392 
_audit_conform.dict_location   http://mmcif.pdb.org/dictionaries/ascii/mmcif_pdbx.dic 
# 
loop_
_database_2.database_id 
_database_2.database_code 
_database_2.pdbx_database_accession 
_database_2.pdbx_DOI 
PDB   1DUC         pdb_00001duc 10.2210/pdb1duc/pdb 
WWPDB D_1000172940 ?            ?                   
# 
loop_
_pdbx_audit_revision_history.ordinal 
_pdbx_audit_revision_history.data_content_type 
_pdbx_audit_revision_history.major_revision 
_pdbx_audit_revision_history.minor_revision 
_pdbx_audit_revision_history.revision_date 
1 'Structure model' 1 0 1998-06-03 
2 'Structure model' 1 1 2008-03-24 
3 'Structure model' 1 2 2011-07-13 
4 'Structure model' 1 3 2017-11-29 
5 'Structure model' 1 4 2023-08-09 
6 'Structure model' 1 5 2024-05-22 
# 
_pdbx_audit_revision_details.ordinal             1 
_pdbx_audit_revision_details.revision_ordinal    1 
_pdbx_audit_revision_details.data_content_type   'Structure model' 
_pdbx_audit_revision_details.provider            repository 
_pdbx_audit_revision_details.type                'Initial release' 
_pdbx_audit_revision_details.description         ? 
_pdbx_audit_revision_details.details             ? 
# 
loop_
_pdbx_audit_revision_group.ordinal 
_pdbx_audit_revision_group.revision_ordinal 
_pdbx_audit_revision_group.data_content_type 
_pdbx_audit_revision_group.group 
1  2 'Structure model' 'Version format compliance' 
2  3 'Structure model' 'Derived calculations'      
3  3 'Structure model' 'Version format compliance' 
4  4 'Structure model' Advisory                    
5  5 'Structure model' Advisory                    
6  5 'Structure model' 'Data collection'           
7  5 'Structure model' 'Database references'       
8  5 'Structure model' 'Derived calculations'      
9  5 'Structure model' 'Refinement description'    
10 6 'Structure model' 'Data collection'           
# 
loop_
_pdbx_audit_revision_category.ordinal 
_pdbx_audit_revision_category.revision_ordinal 
_pdbx_audit_revision_category.data_content_type 
_pdbx_audit_revision_category.category 
1  4 'Structure model' pdbx_unobs_or_zero_occ_atoms  
2  5 'Structure model' database_2                    
3  5 'Structure model' diffrn_source                 
4  5 'Structure model' pdbx_initial_refinement_model 
5  5 'Structure model' pdbx_struct_conn_angle        
6  5 'Structure model' pdbx_unobs_or_zero_occ_atoms  
7  5 'Structure model' struct_conn                   
8  5 'Structure model' struct_site                   
9  6 'Structure model' chem_comp_atom                
10 6 'Structure model' chem_comp_bond                
# 
loop_
_pdbx_audit_revision_item.ordinal 
_pdbx_audit_revision_item.revision_ordinal 
_pdbx_audit_revision_item.data_content_type 
_pdbx_audit_revision_item.item 
1  5 'Structure model' '_database_2.pdbx_DOI'                      
2  5 'Structure model' '_database_2.pdbx_database_accession'       
3  5 'Structure model' '_diffrn_source.pdbx_synchrotron_site'      
4  5 'Structure model' '_pdbx_struct_conn_angle.ptnr1_auth_seq_id' 
5  5 'Structure model' '_pdbx_struct_conn_angle.ptnr1_symmetry'    
6  5 'Structure model' '_pdbx_struct_conn_angle.ptnr3_auth_seq_id' 
7  5 'Structure model' '_pdbx_struct_conn_angle.ptnr3_symmetry'    
8  5 'Structure model' '_pdbx_struct_conn_angle.value'             
9  5 'Structure model' '_struct_conn.pdbx_dist_value'              
10 5 'Structure model' '_struct_conn.ptnr1_auth_comp_id'           
11 5 'Structure model' '_struct_conn.ptnr1_auth_seq_id'            
12 5 'Structure model' '_struct_conn.ptnr1_label_asym_id'          
13 5 'Structure model' '_struct_conn.ptnr1_label_atom_id'          
14 5 'Structure model' '_struct_conn.ptnr1_label_comp_id'          
15 5 'Structure model' '_struct_conn.ptnr2_auth_comp_id'           
16 5 'Structure model' '_struct_conn.ptnr2_auth_seq_id'            
17 5 'Structure model' '_struct_conn.ptnr2_label_asym_id'          
18 5 'Structure model' '_struct_conn.ptnr2_label_atom_id'          
19 5 'Structure model' '_struct_conn.ptnr2_label_comp_id'          
20 5 'Structure model' '_struct_conn.ptnr2_symmetry'               
21 5 'Structure model' '_struct_site.pdbx_auth_asym_id'            
22 5 'Structure model' '_struct_site.pdbx_auth_comp_id'            
23 5 'Structure model' '_struct_site.pdbx_auth_seq_id'             
# 
_pdbx_database_status.status_code                     REL 
_pdbx_database_status.entry_id                        1DUC 
_pdbx_database_status.recvd_initial_deposition_date   1997-11-29 
_pdbx_database_status.deposit_site                    ? 
_pdbx_database_status.process_site                    BNL 
_pdbx_database_status.status_code_sf                  REL 
_pdbx_database_status.status_code_mr                  ? 
_pdbx_database_status.SG_entry                        ? 
_pdbx_database_status.pdb_format_compatible           Y 
_pdbx_database_status.status_code_cs                  ? 
_pdbx_database_status.methods_development_category    ? 
_pdbx_database_status.status_code_nmr_data            ? 
# 
loop_
_audit_author.name 
_audit_author.pdbx_ordinal 
'Dauter, Z.'                 1 
'Persson, R.'                2 
'Rosengren, A.M.'            3 
'Nyman, P.O.'                4 
'Wilson, K.S.'               5 
'Cedergren-Zeppezauer, E.S.' 6 
# 
_citation.id                        primary 
_citation.title                     
'Crystal structure of dUTPase from equine infectious anaemia virus; active site metal binding in a substrate analogue complex.' 
_citation.journal_abbrev            J.Mol.Biol. 
_citation.journal_volume            285 
_citation.page_first                655 
_citation.page_last                 673 
_citation.year                      1999 
_citation.journal_id_ASTM           JMOBAK 
_citation.country                   UK 
_citation.journal_id_ISSN           0022-2836 
_citation.journal_id_CSD            0070 
_citation.book_publisher            ? 
_citation.pdbx_database_id_PubMed   9878436 
_citation.pdbx_database_id_DOI      10.1006/jmbi.1998.2332 
# 
loop_
_citation_author.citation_id 
_citation_author.name 
_citation_author.ordinal 
_citation_author.identifier_ORCID 
primary 'Dauter, Z.'                 1 ? 
primary 'Persson, R.'                2 ? 
primary 'Rosengren, A.M.'            3 ? 
primary 'Nyman, P.O.'                4 ? 
primary 'Wilson, K.S.'               5 ? 
primary 'Cedergren-Zeppezauer, E.S.' 6 ? 
# 
loop_
_entity.id 
_entity.type 
_entity.src_method 
_entity.pdbx_description 
_entity.formula_weight 
_entity.pdbx_number_of_molecules 
_entity.pdbx_ec 
_entity.pdbx_mutation 
_entity.pdbx_fragment 
_entity.details 
1 polymer     man 
;DEOXYURIDINE 5'-TRIPHOSPHATE NUCLEOTIDOHYDROLASE
;
14784.834 1  3.6.1.23 ? ? 'COMPLEX WITH DUDP AND STRONTIUM(II) ION' 
2 non-polymer syn 'STRONTIUM ION'                                    87.620    1  ?        ? ? ? 
3 non-polymer syn "DEOXYURIDINE-5'-DIPHOSPHATE"                      388.162   1  ?        ? ? ? 
4 water       nat water                                              18.015    80 ?        ? ? ? 
# 
_entity_name_com.entity_id   1 
_entity_name_com.name        'DUTPASE, DUTP PYROPHOSPHATASE' 
# 
_entity_poly.entity_id                      1 
_entity_poly.type                           'polypeptide(L)' 
_entity_poly.nstd_linkage                   no 
_entity_poly.nstd_monomer                   no 
_entity_poly.pdbx_seq_one_letter_code       
;MLAYQGTQIKEKRDEDAGFDLCVPYDIMIPVSDTKIIPTDVKIQVPPNSFGWVTGKSSMAKQGLLINGGIIDEGYTGEIQ
VICTNIGKSNIKLIEGQKFAQLIILQHHSNSRQPWDENKISQRGDKGFGSTGVF
;
_entity_poly.pdbx_seq_one_letter_code_can   
;MLAYQGTQIKEKRDEDAGFDLCVPYDIMIPVSDTKIIPTDVKIQVPPNSFGWVTGKSSMAKQGLLINGGIIDEGYTGEIQ
VICTNIGKSNIKLIEGQKFAQLIILQHHSNSRQPWDENKISQRGDKGFGSTGVF
;
_entity_poly.pdbx_strand_id                 A 
_entity_poly.pdbx_target_identifier         ? 
# 
loop_
_pdbx_entity_nonpoly.entity_id 
_pdbx_entity_nonpoly.name 
_pdbx_entity_nonpoly.comp_id 
2 'STRONTIUM ION'               SR  
3 "DEOXYURIDINE-5'-DIPHOSPHATE" DUD 
4 water                         HOH 
# 
loop_
_entity_poly_seq.entity_id 
_entity_poly_seq.num 
_entity_poly_seq.mon_id 
_entity_poly_seq.hetero 
1 1   MET n 
1 2   LEU n 
1 3   ALA n 
1 4   TYR n 
1 5   GLN n 
1 6   GLY n 
1 7   THR n 
1 8   GLN n 
1 9   ILE n 
1 10  LYS n 
1 11  GLU n 
1 12  LYS n 
1 13  ARG n 
1 14  ASP n 
1 15  GLU n 
1 16  ASP n 
1 17  ALA n 
1 18  GLY n 
1 19  PHE n 
1 20  ASP n 
1 21  LEU n 
1 22  CYS n 
1 23  VAL n 
1 24  PRO n 
1 25  TYR n 
1 26  ASP n 
1 27  ILE n 
1 28  MET n 
1 29  ILE n 
1 30  PRO n 
1 31  VAL n 
1 32  SER n 
1 33  ASP n 
1 34  THR n 
1 35  LYS n 
1 36  ILE n 
1 37  ILE n 
1 38  PRO n 
1 39  THR n 
1 40  ASP n 
1 41  VAL n 
1 42  LYS n 
1 43  ILE n 
1 44  GLN n 
1 45  VAL n 
1 46  PRO n 
1 47  PRO n 
1 48  ASN n 
1 49  SER n 
1 50  PHE n 
1 51  GLY n 
1 52  TRP n 
1 53  VAL n 
1 54  THR n 
1 55  GLY n 
1 56  LYS n 
1 57  SER n 
1 58  SER n 
1 59  MET n 
1 60  ALA n 
1 61  LYS n 
1 62  GLN n 
1 63  GLY n 
1 64  LEU n 
1 65  LEU n 
1 66  ILE n 
1 67  ASN n 
1 68  GLY n 
1 69  GLY n 
1 70  ILE n 
1 71  ILE n 
1 72  ASP n 
1 73  GLU n 
1 74  GLY n 
1 75  TYR n 
1 76  THR n 
1 77  GLY n 
1 78  GLU n 
1 79  ILE n 
1 80  GLN n 
1 81  VAL n 
1 82  ILE n 
1 83  CYS n 
1 84  THR n 
1 85  ASN n 
1 86  ILE n 
1 87  GLY n 
1 88  LYS n 
1 89  SER n 
1 90  ASN n 
1 91  ILE n 
1 92  LYS n 
1 93  LEU n 
1 94  ILE n 
1 95  GLU n 
1 96  GLY n 
1 97  GLN n 
1 98  LYS n 
1 99  PHE n 
1 100 ALA n 
1 101 GLN n 
1 102 LEU n 
1 103 ILE n 
1 104 ILE n 
1 105 LEU n 
1 106 GLN n 
1 107 HIS n 
1 108 HIS n 
1 109 SER n 
1 110 ASN n 
1 111 SER n 
1 112 ARG n 
1 113 GLN n 
1 114 PRO n 
1 115 TRP n 
1 116 ASP n 
1 117 GLU n 
1 118 ASN n 
1 119 LYS n 
1 120 ILE n 
1 121 SER n 
1 122 GLN n 
1 123 ARG n 
1 124 GLY n 
1 125 ASP n 
1 126 LYS n 
1 127 GLY n 
1 128 PHE n 
1 129 GLY n 
1 130 SER n 
1 131 THR n 
1 132 GLY n 
1 133 VAL n 
1 134 PHE n 
# 
_entity_src_gen.entity_id                          1 
_entity_src_gen.pdbx_src_id                        1 
_entity_src_gen.pdbx_alt_source_flag               sample 
_entity_src_gen.pdbx_seq_type                      ? 
_entity_src_gen.pdbx_beg_seq_num                   ? 
_entity_src_gen.pdbx_end_seq_num                   ? 
_entity_src_gen.gene_src_common_name               ? 
_entity_src_gen.gene_src_genus                     Lentivirus 
_entity_src_gen.pdbx_gene_src_gene                 ? 
_entity_src_gen.gene_src_species                   ? 
_entity_src_gen.gene_src_strain                    ? 
_entity_src_gen.gene_src_tissue                    ? 
_entity_src_gen.gene_src_tissue_fraction           ? 
_entity_src_gen.gene_src_details                   ? 
_entity_src_gen.pdbx_gene_src_fragment             ? 
_entity_src_gen.pdbx_gene_src_scientific_name      'Equine infectious anemia virus' 
_entity_src_gen.pdbx_gene_src_ncbi_taxonomy_id     11665 
_entity_src_gen.pdbx_gene_src_variant              ? 
_entity_src_gen.pdbx_gene_src_cell_line            BL21 
_entity_src_gen.pdbx_gene_src_atcc                 ? 
_entity_src_gen.pdbx_gene_src_organ                ? 
_entity_src_gen.pdbx_gene_src_organelle            ? 
_entity_src_gen.pdbx_gene_src_cell                 ? 
_entity_src_gen.pdbx_gene_src_cellular_location    ? 
_entity_src_gen.host_org_common_name               ? 
_entity_src_gen.pdbx_host_org_scientific_name      'Escherichia coli' 
_entity_src_gen.pdbx_host_org_ncbi_taxonomy_id     562 
_entity_src_gen.host_org_genus                     Escherichia 
_entity_src_gen.pdbx_host_org_gene                 ? 
_entity_src_gen.pdbx_host_org_organ                ? 
_entity_src_gen.host_org_species                   ? 
_entity_src_gen.pdbx_host_org_tissue               ? 
_entity_src_gen.pdbx_host_org_tissue_fraction      ? 
_entity_src_gen.pdbx_host_org_strain               'BL21 (DE3) PLYSS' 
_entity_src_gen.pdbx_host_org_variant              ? 
_entity_src_gen.pdbx_host_org_cell_line            ? 
_entity_src_gen.pdbx_host_org_atcc                 ? 
_entity_src_gen.pdbx_host_org_culture_collection   ? 
_entity_src_gen.pdbx_host_org_cell                 ? 
_entity_src_gen.pdbx_host_org_organelle            ? 
_entity_src_gen.pdbx_host_org_cellular_location    ? 
_entity_src_gen.pdbx_host_org_vector_type          ? 
_entity_src_gen.pdbx_host_org_vector               ? 
_entity_src_gen.host_org_details                   ? 
_entity_src_gen.expression_system_id               ? 
_entity_src_gen.plasmid_name                       PET-3A/EDU 
_entity_src_gen.plasmid_details                    ? 
_entity_src_gen.pdbx_description                   ? 
# 
loop_
_chem_comp.id 
_chem_comp.type 
_chem_comp.mon_nstd_flag 
_chem_comp.name 
_chem_comp.pdbx_synonyms 
_chem_comp.formula 
_chem_comp.formula_weight 
ALA 'L-peptide linking' y ALANINE                       ? 'C3 H7 N O2'       89.093  
ARG 'L-peptide linking' y ARGININE                      ? 'C6 H15 N4 O2 1'   175.209 
ASN 'L-peptide linking' y ASPARAGINE                    ? 'C4 H8 N2 O3'      132.118 
ASP 'L-peptide linking' y 'ASPARTIC ACID'               ? 'C4 H7 N O4'       133.103 
CYS 'L-peptide linking' y CYSTEINE                      ? 'C3 H7 N O2 S'     121.158 
DUD non-polymer         . "DEOXYURIDINE-5'-DIPHOSPHATE" ? 'C9 H14 N2 O11 P2' 388.162 
GLN 'L-peptide linking' y GLUTAMINE                     ? 'C5 H10 N2 O3'     146.144 
GLU 'L-peptide linking' y 'GLUTAMIC ACID'               ? 'C5 H9 N O4'       147.129 
GLY 'peptide linking'   y GLYCINE                       ? 'C2 H5 N O2'       75.067  
HIS 'L-peptide linking' y HISTIDINE                     ? 'C6 H10 N3 O2 1'   156.162 
HOH non-polymer         . WATER                         ? 'H2 O'             18.015  
ILE 'L-peptide linking' y ISOLEUCINE                    ? 'C6 H13 N O2'      131.173 
LEU 'L-peptide linking' y LEUCINE                       ? 'C6 H13 N O2'      131.173 
LYS 'L-peptide linking' y LYSINE                        ? 'C6 H15 N2 O2 1'   147.195 
MET 'L-peptide linking' y METHIONINE                    ? 'C5 H11 N O2 S'    149.211 
PHE 'L-peptide linking' y PHENYLALANINE                 ? 'C9 H11 N O2'      165.189 
PRO 'L-peptide linking' y PROLINE                       ? 'C5 H9 N O2'       115.130 
SER 'L-peptide linking' y SERINE                        ? 'C3 H7 N O3'       105.093 
SR  non-polymer         . 'STRONTIUM ION'               ? 'Sr 2'             87.620  
THR 'L-peptide linking' y THREONINE                     ? 'C4 H9 N O3'       119.119 
TRP 'L-peptide linking' y TRYPTOPHAN                    ? 'C11 H12 N2 O2'    204.225 
TYR 'L-peptide linking' y TYROSINE                      ? 'C9 H11 N O3'      181.189 
VAL 'L-peptide linking' y VALINE                        ? 'C5 H11 N O2'      117.146 
# 
loop_
_pdbx_poly_seq_scheme.asym_id 
_pdbx_poly_seq_scheme.entity_id 
_pdbx_poly_seq_scheme.seq_id 
_pdbx_poly_seq_scheme.mon_id 
_pdbx_poly_seq_scheme.ndb_seq_num 
_pdbx_poly_seq_scheme.pdb_seq_num 
_pdbx_poly_seq_scheme.auth_seq_num 
_pdbx_poly_seq_scheme.pdb_mon_id 
_pdbx_poly_seq_scheme.auth_mon_id 
_pdbx_poly_seq_scheme.pdb_strand_id 
_pdbx_poly_seq_scheme.pdb_ins_code 
_pdbx_poly_seq_scheme.hetero 
A 1 1   MET 1   1   1   MET MET A . n 
A 1 2   LEU 2   2   2   LEU LEU A . n 
A 1 3   ALA 3   3   3   ALA ALA A . n 
A 1 4   TYR 4   4   4   TYR TYR A . n 
A 1 5   GLN 5   5   5   GLN GLN A . n 
A 1 6   GLY 6   6   6   GLY GLY A . n 
A 1 7   THR 7   7   7   THR THR A . n 
A 1 8   GLN 8   8   8   GLN GLN A . n 
A 1 9   ILE 9   9   9   ILE ILE A . n 
A 1 10  LYS 10  10  10  LYS LYS A . n 
A 1 11  GLU 11  11  11  GLU GLU A . n 
A 1 12  LYS 12  12  12  LYS LYS A . n 
A 1 13  ARG 13  13  13  ARG ARG A . n 
A 1 14  ASP 14  14  14  ASP ASP A . n 
A 1 15  GLU 15  15  15  GLU GLU A . n 
A 1 16  ASP 16  16  16  ASP ASP A . n 
A 1 17  ALA 17  17  17  ALA ALA A . n 
A 1 18  GLY 18  18  18  GLY GLY A . n 
A 1 19  PHE 19  19  19  PHE PHE A . n 
A 1 20  ASP 20  20  20  ASP ASP A . n 
A 1 21  LEU 21  21  21  LEU LEU A . n 
A 1 22  CYS 22  22  22  CYS CYS A . n 
A 1 23  VAL 23  23  23  VAL VAL A . n 
A 1 24  PRO 24  24  24  PRO PRO A . n 
A 1 25  TYR 25  25  25  TYR TYR A . n 
A 1 26  ASP 26  26  26  ASP ASP A . n 
A 1 27  ILE 27  27  27  ILE ILE A . n 
A 1 28  MET 28  28  28  MET MET A . n 
A 1 29  ILE 29  29  29  ILE ILE A . n 
A 1 30  PRO 30  30  30  PRO PRO A . n 
A 1 31  VAL 31  31  31  VAL VAL A . n 
A 1 32  SER 32  32  32  SER SER A . n 
A 1 33  ASP 33  33  33  ASP ASP A . n 
A 1 34  THR 34  34  34  THR THR A . n 
A 1 35  LYS 35  35  35  LYS LYS A . n 
A 1 36  ILE 36  36  36  ILE ILE A . n 
A 1 37  ILE 37  37  37  ILE ILE A . n 
A 1 38  PRO 38  38  38  PRO PRO A . n 
A 1 39  THR 39  39  39  THR THR A . n 
A 1 40  ASP 40  40  40  ASP ASP A . n 
A 1 41  VAL 41  41  41  VAL VAL A . n 
A 1 42  LYS 42  42  42  LYS LYS A . n 
A 1 43  ILE 43  43  43  ILE ILE A . n 
A 1 44  GLN 44  44  44  GLN GLN A . n 
A 1 45  VAL 45  45  45  VAL VAL A . n 
A 1 46  PRO 46  46  46  PRO PRO A . n 
A 1 47  PRO 47  47  47  PRO PRO A . n 
A 1 48  ASN 48  48  48  ASN ASN A . n 
A 1 49  SER 49  49  49  SER SER A . n 
A 1 50  PHE 50  50  50  PHE PHE A . n 
A 1 51  GLY 51  51  51  GLY GLY A . n 
A 1 52  TRP 52  52  52  TRP TRP A . n 
A 1 53  VAL 53  53  53  VAL VAL A . n 
A 1 54  THR 54  54  54  THR THR A . n 
A 1 55  GLY 55  55  55  GLY GLY A . n 
A 1 56  LYS 56  56  56  LYS LYS A . n 
A 1 57  SER 57  57  57  SER SER A . n 
A 1 58  SER 58  58  58  SER SER A . n 
A 1 59  MET 59  59  59  MET MET A . n 
A 1 60  ALA 60  60  60  ALA ALA A . n 
A 1 61  LYS 61  61  61  LYS LYS A . n 
A 1 62  GLN 62  62  62  GLN GLN A . n 
A 1 63  GLY 63  63  63  GLY GLY A . n 
A 1 64  LEU 64  64  64  LEU LEU A . n 
A 1 65  LEU 65  65  65  LEU LEU A . n 
A 1 66  ILE 66  66  66  ILE ILE A . n 
A 1 67  ASN 67  67  67  ASN ASN A . n 
A 1 68  GLY 68  68  68  GLY GLY A . n 
A 1 69  GLY 69  69  69  GLY GLY A . n 
A 1 70  ILE 70  70  70  ILE ILE A . n 
A 1 71  ILE 71  71  71  ILE ILE A . n 
A 1 72  ASP 72  72  72  ASP ASP A . n 
A 1 73  GLU 73  73  73  GLU GLU A . n 
A 1 74  GLY 74  74  74  GLY GLY A . n 
A 1 75  TYR 75  75  75  TYR TYR A . n 
A 1 76  THR 76  76  76  THR THR A . n 
A 1 77  GLY 77  77  77  GLY GLY A . n 
A 1 78  GLU 78  78  78  GLU GLU A . n 
A 1 79  ILE 79  79  79  ILE ILE A . n 
A 1 80  GLN 80  80  80  GLN GLN A . n 
A 1 81  VAL 81  81  81  VAL VAL A . n 
A 1 82  ILE 82  82  82  ILE ILE A . n 
A 1 83  CYS 83  83  83  CYS CYS A . n 
A 1 84  THR 84  84  84  THR THR A . n 
A 1 85  ASN 85  85  85  ASN ASN A . n 
A 1 86  ILE 86  86  86  ILE ILE A . n 
A 1 87  GLY 87  87  87  GLY GLY A . n 
A 1 88  LYS 88  88  88  LYS LYS A . n 
A 1 89  SER 89  89  89  SER SER A . n 
A 1 90  ASN 90  90  90  ASN ASN A . n 
A 1 91  ILE 91  91  91  ILE ILE A . n 
A 1 92  LYS 92  92  92  LYS LYS A . n 
A 1 93  LEU 93  93  93  LEU LEU A . n 
A 1 94  ILE 94  94  94  ILE ILE A . n 
A 1 95  GLU 95  95  95  GLU GLU A . n 
A 1 96  GLY 96  96  96  GLY GLY A . n 
A 1 97  GLN 97  97  97  GLN GLN A . n 
A 1 98  LYS 98  98  98  LYS LYS A . n 
A 1 99  PHE 99  99  99  PHE PHE A . n 
A 1 100 ALA 100 100 100 ALA ALA A . n 
A 1 101 GLN 101 101 101 GLN GLN A . n 
A 1 102 LEU 102 102 102 LEU LEU A . n 
A 1 103 ILE 103 103 103 ILE ILE A . n 
A 1 104 ILE 104 104 104 ILE ILE A . n 
A 1 105 LEU 105 105 105 LEU LEU A . n 
A 1 106 GLN 106 106 106 GLN GLN A . n 
A 1 107 HIS 107 107 107 HIS HIS A . n 
A 1 108 HIS 108 108 108 HIS HIS A . n 
A 1 109 SER 109 109 109 SER SER A . n 
A 1 110 ASN 110 110 110 ASN ASN A . n 
A 1 111 SER 111 111 111 SER SER A . n 
A 1 112 ARG 112 112 112 ARG ARG A . n 
A 1 113 GLN 113 113 113 GLN GLN A . n 
A 1 114 PRO 114 114 114 PRO PRO A . n 
A 1 115 TRP 115 115 115 TRP TRP A . n 
A 1 116 ASP 116 116 116 ASP ASP A . n 
A 1 117 GLU 117 117 117 GLU GLU A . n 
A 1 118 ASN 118 118 118 ASN ASN A . n 
A 1 119 LYS 119 119 ?   ?   ?   A . n 
A 1 120 ILE 120 120 ?   ?   ?   A . n 
A 1 121 SER 121 121 ?   ?   ?   A . n 
A 1 122 GLN 122 122 ?   ?   ?   A . n 
A 1 123 ARG 123 123 ?   ?   ?   A . n 
A 1 124 GLY 124 124 ?   ?   ?   A . n 
A 1 125 ASP 125 125 ?   ?   ?   A . n 
A 1 126 LYS 126 126 ?   ?   ?   A . n 
A 1 127 GLY 127 127 ?   ?   ?   A . n 
A 1 128 PHE 128 128 ?   ?   ?   A . n 
A 1 129 GLY 129 129 ?   ?   ?   A . n 
A 1 130 SER 130 130 ?   ?   ?   A . n 
A 1 131 THR 131 131 ?   ?   ?   A . n 
A 1 132 GLY 132 132 ?   ?   ?   A . n 
A 1 133 VAL 133 133 ?   ?   ?   A . n 
A 1 134 PHE 134 134 ?   ?   ?   A . n 
# 
loop_
_pdbx_nonpoly_scheme.asym_id 
_pdbx_nonpoly_scheme.entity_id 
_pdbx_nonpoly_scheme.mon_id 
_pdbx_nonpoly_scheme.ndb_seq_num 
_pdbx_nonpoly_scheme.pdb_seq_num 
_pdbx_nonpoly_scheme.auth_seq_num 
_pdbx_nonpoly_scheme.pdb_mon_id 
_pdbx_nonpoly_scheme.auth_mon_id 
_pdbx_nonpoly_scheme.pdb_strand_id 
_pdbx_nonpoly_scheme.pdb_ins_code 
B 2 SR  1  202 202 SR  SR  A . 
C 3 DUD 1  201 201 DUD DUD A . 
D 4 HOH 1  203 1   HOH HOH A . 
D 4 HOH 2  204 2   HOH HOH A . 
D 4 HOH 3  205 3   HOH HOH A . 
D 4 HOH 4  206 4   HOH HOH A . 
D 4 HOH 5  207 5   HOH HOH A . 
D 4 HOH 6  208 6   HOH HOH A . 
D 4 HOH 7  209 7   HOH HOH A . 
D 4 HOH 8  210 8   HOH HOH A . 
D 4 HOH 9  211 9   HOH HOH A . 
D 4 HOH 10 212 10  HOH HOH A . 
D 4 HOH 11 213 11  HOH HOH A . 
D 4 HOH 12 214 12  HOH HOH A . 
D 4 HOH 13 215 13  HOH HOH A . 
D 4 HOH 14 216 14  HOH HOH A . 
D 4 HOH 15 217 15  HOH HOH A . 
D 4 HOH 16 218 16  HOH HOH A . 
D 4 HOH 17 219 17  HOH HOH A . 
D 4 HOH 18 220 18  HOH HOH A . 
D 4 HOH 19 221 19  HOH HOH A . 
D 4 HOH 20 222 20  HOH HOH A . 
D 4 HOH 21 223 21  HOH HOH A . 
D 4 HOH 22 224 22  HOH HOH A . 
D 4 HOH 23 225 23  HOH HOH A . 
D 4 HOH 24 226 24  HOH HOH A . 
D 4 HOH 25 227 25  HOH HOH A . 
D 4 HOH 26 228 26  HOH HOH A . 
D 4 HOH 27 229 27  HOH HOH A . 
D 4 HOH 28 230 28  HOH HOH A . 
D 4 HOH 29 231 29  HOH HOH A . 
D 4 HOH 30 232 30  HOH HOH A . 
D 4 HOH 31 233 31  HOH HOH A . 
D 4 HOH 32 234 32  HOH HOH A . 
D 4 HOH 33 235 33  HOH HOH A . 
D 4 HOH 34 236 34  HOH HOH A . 
D 4 HOH 35 237 35  HOH HOH A . 
D 4 HOH 36 238 36  HOH HOH A . 
D 4 HOH 37 239 37  HOH HOH A . 
D 4 HOH 38 240 38  HOH HOH A . 
D 4 HOH 39 241 39  HOH HOH A . 
D 4 HOH 40 242 40  HOH HOH A . 
D 4 HOH 41 243 41  HOH HOH A . 
D 4 HOH 42 244 42  HOH HOH A . 
D 4 HOH 43 245 43  HOH HOH A . 
D 4 HOH 44 246 44  HOH HOH A . 
D 4 HOH 45 247 45  HOH HOH A . 
D 4 HOH 46 248 46  HOH HOH A . 
D 4 HOH 47 249 47  HOH HOH A . 
D 4 HOH 48 250 48  HOH HOH A . 
D 4 HOH 49 251 49  HOH HOH A . 
D 4 HOH 50 252 50  HOH HOH A . 
D 4 HOH 51 253 51  HOH HOH A . 
D 4 HOH 52 254 52  HOH HOH A . 
D 4 HOH 53 255 53  HOH HOH A . 
D 4 HOH 54 256 54  HOH HOH A . 
D 4 HOH 55 257 55  HOH HOH A . 
D 4 HOH 56 258 56  HOH HOH A . 
D 4 HOH 57 259 57  HOH HOH A . 
D 4 HOH 58 260 58  HOH HOH A . 
D 4 HOH 59 261 59  HOH HOH A . 
D 4 HOH 60 262 60  HOH HOH A . 
D 4 HOH 61 263 61  HOH HOH A . 
D 4 HOH 62 264 62  HOH HOH A . 
D 4 HOH 63 265 63  HOH HOH A . 
D 4 HOH 64 266 64  HOH HOH A . 
D 4 HOH 65 267 65  HOH HOH A . 
D 4 HOH 66 268 66  HOH HOH A . 
D 4 HOH 67 269 67  HOH HOH A . 
D 4 HOH 68 270 68  HOH HOH A . 
D 4 HOH 69 271 69  HOH HOH A . 
D 4 HOH 70 272 70  HOH HOH A . 
D 4 HOH 71 273 71  HOH HOH A . 
D 4 HOH 72 274 72  HOH HOH A . 
D 4 HOH 73 275 73  HOH HOH A . 
D 4 HOH 74 276 74  HOH HOH A . 
D 4 HOH 75 277 75  HOH HOH A . 
D 4 HOH 76 278 76  HOH HOH A . 
D 4 HOH 77 279 77  HOH HOH A . 
D 4 HOH 78 280 78  HOH HOH A . 
D 4 HOH 79 281 79  HOH HOH A . 
D 4 HOH 80 282 80  HOH HOH A . 
# 
loop_
_pdbx_unobs_or_zero_occ_atoms.id 
_pdbx_unobs_or_zero_occ_atoms.PDB_model_num 
_pdbx_unobs_or_zero_occ_atoms.polymer_flag 
_pdbx_unobs_or_zero_occ_atoms.occupancy_flag 
_pdbx_unobs_or_zero_occ_atoms.auth_asym_id 
_pdbx_unobs_or_zero_occ_atoms.auth_comp_id 
_pdbx_unobs_or_zero_occ_atoms.auth_seq_id 
_pdbx_unobs_or_zero_occ_atoms.PDB_ins_code 
_pdbx_unobs_or_zero_occ_atoms.auth_atom_id 
_pdbx_unobs_or_zero_occ_atoms.label_alt_id 
_pdbx_unobs_or_zero_occ_atoms.label_asym_id 
_pdbx_unobs_or_zero_occ_atoms.label_comp_id 
_pdbx_unobs_or_zero_occ_atoms.label_seq_id 
_pdbx_unobs_or_zero_occ_atoms.label_atom_id 
1  1 Y 0 A MET 1   ? CE  ? A MET 1   CE  
2  1 Y 0 A ARG 13  ? NH1 ? A ARG 13  NH1 
3  1 Y 0 A ARG 13  ? NH2 ? A ARG 13  NH2 
4  1 Y 0 A LYS 42  ? CE  ? A LYS 42  CE  
5  1 Y 0 A LYS 42  ? NZ  ? A LYS 42  NZ  
6  1 Y 0 A LYS 88  ? NZ  ? A LYS 88  NZ  
7  1 Y 0 A ASP 116 ? CG  ? A ASP 116 CG  
8  1 Y 0 A ASP 116 ? OD1 ? A ASP 116 OD1 
9  1 Y 0 A ASP 116 ? OD2 ? A ASP 116 OD2 
10 1 Y 0 A GLU 117 ? CD  ? A GLU 117 CD  
11 1 Y 0 A GLU 117 ? OE1 ? A GLU 117 OE1 
12 1 Y 0 A GLU 117 ? OE2 ? A GLU 117 OE2 
13 1 Y 0 A ASN 118 ? CG  ? A ASN 118 CG  
14 1 Y 0 A ASN 118 ? OD1 ? A ASN 118 OD1 
15 1 Y 0 A ASN 118 ? ND2 ? A ASN 118 ND2 
# 
loop_
_software.name 
_software.classification 
_software.version 
_software.citation_id 
_software.pdbx_ordinal 
AMoRE     phasing          . ? 1 
REFMAC    refinement       . ? 2 
DENZO     'data reduction' . ? 3 
SCALEPACK 'data scaling'   . ? 4 
# 
_cell.entry_id           1DUC 
_cell.length_a           106.700 
_cell.length_b           106.700 
_cell.length_c           106.700 
_cell.angle_alpha        90.00 
_cell.angle_beta         90.00 
_cell.angle_gamma        90.00 
_cell.Z_PDB              24 
_cell.pdbx_unique_axis   ? 
# 
_symmetry.entry_id                         1DUC 
_symmetry.space_group_name_H-M             'P 41 3 2' 
_symmetry.pdbx_full_space_group_name_H-M   ? 
_symmetry.cell_setting                     ? 
_symmetry.Int_Tables_number                213 
# 
_exptl.entry_id          1DUC 
_exptl.method            'X-RAY DIFFRACTION' 
_exptl.crystals_number   1 
# 
_exptl_crystal.id                    1 
_exptl_crystal.density_meas          ? 
_exptl_crystal.density_Matthews      3.43 
_exptl_crystal.density_percent_sol   64. 
_exptl_crystal.description           ? 
# 
_exptl_crystal_grow.crystal_id      1 
_exptl_crystal_grow.method          ? 
_exptl_crystal_grow.temp            ? 
_exptl_crystal_grow.temp_details    ? 
_exptl_crystal_grow.pH              7.0 
_exptl_crystal_grow.pdbx_pH_range   ? 
_exptl_crystal_grow.pdbx_details    
;DROP: 3.0 MG/ML PROTEIN, 0.05 M IMIDAZOL MALATE BUFFER, PH 7.0, 21% PEG 400, 20 MM SRCL2, 5 MM DUDP; WELL: 0.1 M IMIDAZOLE MALATE BUFFER, PH 7.0, 42% PEG 400
;
# 
_diffrn.id                     1 
_diffrn.ambient_temp           277 
_diffrn.ambient_temp_details   ? 
_diffrn.crystal_id             1 
# 
_diffrn_detector.diffrn_id              1 
_diffrn_detector.detector               'IMAGE PLATE' 
_diffrn_detector.type                   MARRESEARCH 
_diffrn_detector.pdbx_collection_date   1995-10 
_diffrn_detector.details                MIRRORS 
# 
_diffrn_radiation.diffrn_id                        1 
_diffrn_radiation.wavelength_id                    1 
_diffrn_radiation.pdbx_monochromatic_or_laue_m_l   M 
_diffrn_radiation.monochromator                    'SI(111)' 
_diffrn_radiation.pdbx_diffrn_protocol             ? 
_diffrn_radiation.pdbx_scattering_type             x-ray 
# 
_diffrn_radiation_wavelength.id           1 
_diffrn_radiation_wavelength.wavelength   0.885 
_diffrn_radiation_wavelength.wt           1.0 
# 
_diffrn_source.diffrn_id                   1 
_diffrn_source.source                      SYNCHROTRON 
_diffrn_source.type                        'EMBL/DESY, HAMBURG BEAMLINE BW7B' 
_diffrn_source.pdbx_synchrotron_site       'EMBL/DESY, HAMBURG' 
_diffrn_source.pdbx_synchrotron_beamline   BW7B 
_diffrn_source.pdbx_wavelength             0.885 
_diffrn_source.pdbx_wavelength_list        ? 
# 
_reflns.entry_id                     1DUC 
_reflns.observed_criterion_sigma_I   -3.0 
_reflns.observed_criterion_sigma_F   ? 
_reflns.d_resolution_low             25.0 
_reflns.d_resolution_high            2.05 
_reflns.number_obs                   13598 
_reflns.number_all                   ? 
_reflns.percent_possible_obs         100.0 
_reflns.pdbx_Rmerge_I_obs            0.1240000 
_reflns.pdbx_Rsym_value              0.1240000 
_reflns.pdbx_netI_over_sigmaI        17.7 
_reflns.B_iso_Wilson_estimate        22.9 
_reflns.pdbx_redundancy              10.5 
_reflns.pdbx_ordinal                 1 
_reflns.pdbx_diffrn_id               1 
# 
_reflns_shell.d_res_high             2.05 
_reflns_shell.d_res_low              2.09 
_reflns_shell.percent_possible_all   100.0 
_reflns_shell.Rmerge_I_obs           0.6860000 
_reflns_shell.pdbx_Rsym_value        0.6860000 
_reflns_shell.meanI_over_sigI_obs    3.8 
_reflns_shell.pdbx_redundancy        10.0 
_reflns_shell.pdbx_ordinal           1 
_reflns_shell.pdbx_diffrn_id         1 
# 
_refine.entry_id                                 1DUC 
_refine.ls_number_reflns_obs                     13538 
_refine.ls_number_reflns_all                     ? 
_refine.pdbx_ls_sigma_I                          ? 
_refine.pdbx_ls_sigma_F                          0.0 
_refine.pdbx_data_cutoff_high_absF               ? 
_refine.pdbx_data_cutoff_low_absF                ? 
_refine.pdbx_data_cutoff_high_rms_absF           ? 
_refine.ls_d_res_low                             20.0 
_refine.ls_d_res_high                            2.05 
_refine.ls_percent_reflns_obs                    100.0 
_refine.ls_R_factor_obs                          0.168 
_refine.ls_R_factor_all                          ? 
_refine.ls_R_factor_R_work                       0.167 
_refine.ls_R_factor_R_free                       0.201 
_refine.ls_R_factor_R_free_error                 ? 
_refine.ls_R_factor_R_free_error_details         ? 
_refine.ls_percent_reflns_R_free                 5. 
_refine.ls_number_reflns_R_free                  668 
_refine.ls_number_parameters                     ? 
_refine.ls_number_restraints                     ? 
_refine.occupancy_min                            ? 
_refine.occupancy_max                            ? 
_refine.correlation_coeff_Fo_to_Fc               ? 
_refine.correlation_coeff_Fo_to_Fc_free          ? 
_refine.B_iso_mean                               27.9 
_refine.aniso_B[1][1]                            27.9 
_refine.aniso_B[2][2]                            27.9 
_refine.aniso_B[3][3]                            27.9 
_refine.aniso_B[1][2]                            0.0 
_refine.aniso_B[1][3]                            0.0 
_refine.aniso_B[2][3]                            0.0 
_refine.solvent_model_details                    ? 
_refine.solvent_model_param_ksol                 ? 
_refine.solvent_model_param_bsol                 ? 
_refine.pdbx_solvent_vdw_probe_radii             ? 
_refine.pdbx_solvent_ion_probe_radii             ? 
_refine.pdbx_solvent_shrinkage_radii             ? 
_refine.pdbx_ls_cross_valid_method               'FREE R' 
_refine.details                                  'COORDINATE ERROR ACCORDING TO CRUICKSHANK = 0.11 A' 
_refine.pdbx_starting_model                      'PDB ENTRY 1DUP' 
_refine.pdbx_method_to_determine_struct          'MOLECULAR REPLACEMENT' 
_refine.pdbx_isotropic_thermal_model             ? 
_refine.pdbx_stereochemistry_target_values       ? 
_refine.pdbx_stereochem_target_val_spec_case     ? 
_refine.pdbx_R_Free_selection_details            RANDOM 
_refine.pdbx_overall_ESU_R                       ? 
_refine.pdbx_overall_ESU_R_Free                  ? 
_refine.overall_SU_ML                            ? 
_refine.overall_SU_B                             ? 
_refine.pdbx_refine_id                           'X-RAY DIFFRACTION' 
_refine.pdbx_diffrn_id                           1 
_refine.pdbx_TLS_residual_ADP_flag               ? 
_refine.pdbx_overall_phase_error                 ? 
_refine.overall_SU_R_Cruickshank_DPI             ? 
_refine.pdbx_overall_SU_R_free_Cruickshank_DPI   ? 
_refine.pdbx_overall_SU_R_Blow_DPI               ? 
_refine.pdbx_overall_SU_R_free_Blow_DPI          ? 
# 
_refine_analyze.entry_id                        1DUC 
_refine_analyze.Luzzati_coordinate_error_obs    ? 
_refine_analyze.Luzzati_sigma_a_obs             ? 
_refine_analyze.Luzzati_d_res_low_obs           20.0 
_refine_analyze.Luzzati_coordinate_error_free   ? 
_refine_analyze.Luzzati_sigma_a_free            ? 
_refine_analyze.Luzzati_d_res_low_free          ? 
_refine_analyze.number_disordered_residues      ? 
_refine_analyze.occupancy_sum_hydrogen          ? 
_refine_analyze.occupancy_sum_non_hydrogen      ? 
_refine_analyze.pdbx_refine_id                  'X-RAY DIFFRACTION' 
# 
_refine_hist.pdbx_refine_id                   'X-RAY DIFFRACTION' 
_refine_hist.cycle_id                         LAST 
_refine_hist.pdbx_number_atoms_protein        919 
_refine_hist.pdbx_number_atoms_nucleic_acid   0 
_refine_hist.pdbx_number_atoms_ligand         25 
_refine_hist.number_atoms_solvent             80 
_refine_hist.number_atoms_total               1024 
_refine_hist.d_res_high                       2.05 
_refine_hist.d_res_low                        20.0 
# 
loop_
_refine_ls_restr.type 
_refine_ls_restr.dev_ideal 
_refine_ls_restr.dev_ideal_target 
_refine_ls_restr.weight 
_refine_ls_restr.number 
_refine_ls_restr.pdbx_refine_id 
_refine_ls_restr.pdbx_restraint_function 
p_bond_d            0.019 0.020 ? ? 'X-RAY DIFFRACTION' ? 
p_angle_d           0.040 0.040 ? ? 'X-RAY DIFFRACTION' ? 
p_angle_deg         ?     ?     ? ? 'X-RAY DIFFRACTION' ? 
p_planar_d          0.041 0.050 ? ? 'X-RAY DIFFRACTION' ? 
p_hb_or_metal_coord ?     ?     ? ? 'X-RAY DIFFRACTION' ? 
p_mcbond_it         2.9   3.0   ? ? 'X-RAY DIFFRACTION' ? 
p_mcangle_it        3.8   5.0   ? ? 'X-RAY DIFFRACTION' ? 
p_scbond_it         6.1   6.0   ? ? 'X-RAY DIFFRACTION' ? 
p_scangle_it        7.8   8.0   ? ? 'X-RAY DIFFRACTION' ? 
p_plane_restr       0.011 0.020 ? ? 'X-RAY DIFFRACTION' ? 
p_chiral_restr      0.216 0.150 ? ? 'X-RAY DIFFRACTION' ? 
p_singtor_nbd       0.19  0.30  ? ? 'X-RAY DIFFRACTION' ? 
p_multtor_nbd       0.26  0.30  ? ? 'X-RAY DIFFRACTION' ? 
p_xhyhbond_nbd      ?     ?     ? ? 'X-RAY DIFFRACTION' ? 
p_xyhbond_nbd       0.15  0.30  ? ? 'X-RAY DIFFRACTION' ? 
p_planar_tor        6.1   7.0   ? ? 'X-RAY DIFFRACTION' ? 
p_staggered_tor     13.4  15.0  ? ? 'X-RAY DIFFRACTION' ? 
p_orthonormal_tor   ?     ?     ? ? 'X-RAY DIFFRACTION' ? 
p_transverse_tor    26.7  20.0  ? ? 'X-RAY DIFFRACTION' ? 
p_special_tor       ?     ?     ? ? 'X-RAY DIFFRACTION' ? 
# 
_struct.entry_id                  1DUC 
_struct.title                     'EIAV DUTPASE DUDP/STRONTIUM COMPLEX' 
_struct.pdbx_model_details        ? 
_struct.pdbx_CASP_flag            ? 
_struct.pdbx_model_type_details   ? 
# 
_struct_keywords.entry_id        1DUC 
_struct_keywords.pdbx_keywords   HYDROLASE 
_struct_keywords.text            'HYDROLASE, DUTPASE, EIAV, TRIMERIC ENZYME, INHIBITOR COMPLEX, ASPARTYL PROTEASE' 
# 
loop_
_struct_asym.id 
_struct_asym.pdbx_blank_PDB_chainid_flag 
_struct_asym.pdbx_modified 
_struct_asym.entity_id 
_struct_asym.details 
A N N 1 ? 
B N N 2 ? 
C N N 3 ? 
D N N 4 ? 
# 
_struct_ref.id                         1 
_struct_ref.db_name                    UNP 
_struct_ref.db_code                    POL_EIAV9 
_struct_ref.entity_id                  1 
_struct_ref.pdbx_db_accession          P11204 
_struct_ref.pdbx_align_begin           1 
_struct_ref.pdbx_seq_one_letter_code   
;TAWTFLKAMQKCSKKREARGSREAPETNFPDTTEESAQQICCTRDSSDSKSVPRSERNKKGIQCQGEGSSRGSQPGQFVG
VTYNLEKRPTTIVLINDTPLNVLLDTGADTSVLTTAHYNRLKYRGRKYQGTGIIGVGGNVETFSTPVTIKKKGRHIKTRM
LVADIPVTILGRDILQDLGAKLVLAQLSKEIKFRKIELKEGTMGPKIPQWPLTKEKLEGAKEIVQRLLSEGKISEASDNN
PYNSPIFVIKKRSGKWRLLQDLRELNKTVQVGTEISRGLPHPGGLIKCKHMTVLDIGDAYFTIPLDPEFRPYTAFTIPSI
NHQEPDKRYVWNCLPQGFVLSPYIYQKTLQEILQPFRERYPEVQLYQYMDDLFVGSNGSKKQHKELIIELRAILLEEGFE
TPDDKLQEVPPYSWLGYQLCPENWKVQKMQLDMVKNPTLNDVQKLMGNITWMSSGVPGLTVKHIAATTKGCLELNQKVIW
TEEAQKELEENNEKIKNAQGLQYYNPEEEMLCEVEITKNYEATYVIKQSQGILWAGKKIMKANKGWSTVKNLMLLLQHVA
TESITRVGKCPTFKVPFTKEQVMWEMQKGWYYSWLPEIVYTHQVVHDDWRMKLVEEPTSGITIYTDGGKQNGEGIAAYVT
SNGRTKQKRLGPVTHQVAERMAIQMALEDTRDKQVNIVTDSYYCWKNITEGLGLEGPQSPWWPIIQNIREKEIVYFAWVP
GHKGICGNQLADEAAKIKEEIMLAYQGTQIKEKRDEDAGFDLCVPYDIMIPVSDTKIIPTDVKIQVPPNSFGWVTGKSSM
AKQGLLINGGIIDEGYTGEIQVICTNIGKSNIKLIEGQKFAQLIILQHHSNSRQPWDENKISQRGDKGFGSTGVFWVENI
QEAQDEHENWHTSPKILARNYKIPLTVAKQITQECPHCTKQGSGPAGCVMRSPNHWQADCTHLDNKIILTFVESNSGYIH
ATLLSKENALCTSLAILEWARLFSPKSLHTDNGTNFVAEPVVNLLKFLKIAHTTGIPYHPESQGIVERANRTLKEKIQSH
RDNTQTLEAALQLALITCNKGRESMGGQTPWEVFITNQAQVIHEKLLLQQAQSSKKFCFYKIPGEHDWKGPTRVLWKGDG
AVVVNDEGKGIIAVPLTRTKLLIKPN
;
_struct_ref.pdbx_db_isoform            ? 
# 
_struct_ref_seq.align_id                      1 
_struct_ref_seq.ref_id                        1 
_struct_ref_seq.pdbx_PDB_id_code              1DUC 
_struct_ref_seq.pdbx_strand_id                A 
_struct_ref_seq.seq_align_beg                 1 
_struct_ref_seq.pdbx_seq_align_beg_ins_code   ? 
_struct_ref_seq.seq_align_end                 134 
_struct_ref_seq.pdbx_seq_align_end_ins_code   ? 
_struct_ref_seq.pdbx_db_accession             P11204 
_struct_ref_seq.db_align_beg                  742 
_struct_ref_seq.pdbx_db_align_beg_ins_code    ? 
_struct_ref_seq.db_align_end                  875 
_struct_ref_seq.pdbx_db_align_end_ins_code    ? 
_struct_ref_seq.pdbx_auth_seq_align_beg       1 
_struct_ref_seq.pdbx_auth_seq_align_end       134 
# 
_pdbx_struct_assembly.id                   1 
_pdbx_struct_assembly.details              author_and_software_defined_assembly 
_pdbx_struct_assembly.method_details       PISA,PQS 
_pdbx_struct_assembly.oligomeric_details   trimeric 
_pdbx_struct_assembly.oligomeric_count     3 
# 
loop_
_pdbx_struct_assembly_prop.biol_id 
_pdbx_struct_assembly_prop.type 
_pdbx_struct_assembly_prop.value 
_pdbx_struct_assembly_prop.details 
1 'ABSA (A^2)' 8830  ? 
1 MORE         -106  ? 
1 'SSA (A^2)'  16780 ? 
# 
_pdbx_struct_assembly_gen.assembly_id       1 
_pdbx_struct_assembly_gen.oper_expression   1,2,3 
_pdbx_struct_assembly_gen.asym_id_list      A,B,C,D 
# 
loop_
_pdbx_struct_oper_list.id 
_pdbx_struct_oper_list.type 
_pdbx_struct_oper_list.name 
_pdbx_struct_oper_list.symmetry_operation 
_pdbx_struct_oper_list.matrix[1][1] 
_pdbx_struct_oper_list.matrix[1][2] 
_pdbx_struct_oper_list.matrix[1][3] 
_pdbx_struct_oper_list.vector[1] 
_pdbx_struct_oper_list.matrix[2][1] 
_pdbx_struct_oper_list.matrix[2][2] 
_pdbx_struct_oper_list.matrix[2][3] 
_pdbx_struct_oper_list.vector[2] 
_pdbx_struct_oper_list.matrix[3][1] 
_pdbx_struct_oper_list.matrix[3][2] 
_pdbx_struct_oper_list.matrix[3][3] 
_pdbx_struct_oper_list.vector[3] 
1 'identity operation'         1_555 x,y,z 1.0000000000  0.0000000000  0.0000000000  0.0000000000   0.0000000000  1.0000000000  0.0000000000  0.0000000000   0.0000000000  0.0000000000  1.0000000000 0.0000000000  
2 'crystal symmetry operation' 5_555 z,x,y -0.3475790306 0.9346735850  0.0746599424  1.5334038131   -0.4347673302 -0.0901051796 -0.8960236744 -14.9507586402 -0.8307624125 -0.3438987440 0.4376842102 -9.2666434022 
3 'crystal symmetry operation' 9_555 y,z,x -0.3475790306 -0.4347673302 -0.8307624125 -13.6655014372 0.9346735850  -0.0901051796 -0.3438987440 -5.9671598586  0.0746599424  -0.8960236744 0.4376842102 -9.4548540342 
# 
_struct_biol.id   1 
# 
_struct_conf.conf_type_id            HELX_P 
_struct_conf.id                      HELX_P1 
_struct_conf.pdbx_PDB_helix_id       1 
_struct_conf.beg_label_comp_id       SER 
_struct_conf.beg_label_asym_id       A 
_struct_conf.beg_label_seq_id        57 
_struct_conf.pdbx_beg_PDB_ins_code   ? 
_struct_conf.end_label_comp_id       GLN 
_struct_conf.end_label_asym_id       A 
_struct_conf.end_label_seq_id        62 
_struct_conf.pdbx_end_PDB_ins_code   ? 
_struct_conf.beg_auth_comp_id        SER 
_struct_conf.beg_auth_asym_id        A 
_struct_conf.beg_auth_seq_id         57 
_struct_conf.end_auth_comp_id        GLN 
_struct_conf.end_auth_asym_id        A 
_struct_conf.end_auth_seq_id         62 
_struct_conf.pdbx_PDB_helix_class    1 
_struct_conf.details                 ? 
_struct_conf.pdbx_PDB_helix_length   6 
# 
_struct_conf_type.id          HELX_P 
_struct_conf_type.criteria    ? 
_struct_conf_type.reference   ? 
# 
loop_
_struct_conn.id 
_struct_conn.conn_type_id 
_struct_conn.pdbx_leaving_atom_flag 
_struct_conn.pdbx_PDB_id 
_struct_conn.ptnr1_label_asym_id 
_struct_conn.ptnr1_label_comp_id 
_struct_conn.ptnr1_label_seq_id 
_struct_conn.ptnr1_label_atom_id 
_struct_conn.pdbx_ptnr1_label_alt_id 
_struct_conn.pdbx_ptnr1_PDB_ins_code 
_struct_conn.pdbx_ptnr1_standard_comp_id 
_struct_conn.ptnr1_symmetry 
_struct_conn.ptnr2_label_asym_id 
_struct_conn.ptnr2_label_comp_id 
_struct_conn.ptnr2_label_seq_id 
_struct_conn.ptnr2_label_atom_id 
_struct_conn.pdbx_ptnr2_label_alt_id 
_struct_conn.pdbx_ptnr2_PDB_ins_code 
_struct_conn.ptnr1_auth_asym_id 
_struct_conn.ptnr1_auth_comp_id 
_struct_conn.ptnr1_auth_seq_id 
_struct_conn.ptnr2_auth_asym_id 
_struct_conn.ptnr2_auth_comp_id 
_struct_conn.ptnr2_auth_seq_id 
_struct_conn.ptnr2_symmetry 
_struct_conn.pdbx_ptnr3_label_atom_id 
_struct_conn.pdbx_ptnr3_label_seq_id 
_struct_conn.pdbx_ptnr3_label_comp_id 
_struct_conn.pdbx_ptnr3_label_asym_id 
_struct_conn.pdbx_ptnr3_label_alt_id 
_struct_conn.pdbx_ptnr3_PDB_ins_code 
_struct_conn.details 
_struct_conn.pdbx_dist_value 
_struct_conn.pdbx_value_order 
_struct_conn.pdbx_role 
metalc1 metalc ? ? C DUD . O1A ? ? ? 1_555 B SR  . SR ? ? A DUD 201 A SR  202 1_555 ? ? ? ? ? ? ? 2.529 ? ? 
metalc2 metalc ? ? C DUD . O2B ? ? ? 1_555 B SR  . SR ? ? A DUD 201 A SR  202 1_555 ? ? ? ? ? ? ? 2.704 ? ? 
metalc3 metalc ? ? B SR  . SR  ? ? ? 1_555 D HOH . O  ? ? A SR  202 A HOH 203 1_555 ? ? ? ? ? ? ? 2.706 ? ? 
metalc4 metalc ? ? B SR  . SR  ? ? ? 1_555 D HOH . O  ? ? A SR  202 A HOH 204 9_555 ? ? ? ? ? ? ? 2.689 ? ? 
metalc5 metalc ? ? B SR  . SR  ? ? ? 1_555 D HOH . O  ? ? A SR  202 A HOH 209 1_555 ? ? ? ? ? ? ? 2.689 ? ? 
metalc6 metalc ? ? B SR  . SR  ? ? ? 1_555 D HOH . O  ? ? A SR  202 A HOH 214 9_555 ? ? ? ? ? ? ? 2.645 ? ? 
metalc7 metalc ? ? B SR  . SR  ? ? ? 1_555 D HOH . O  ? ? A SR  202 A HOH 215 9_555 ? ? ? ? ? ? ? 2.726 ? ? 
metalc8 metalc ? ? B SR  . SR  ? ? ? 1_555 D HOH . O  ? ? A SR  202 A HOH 223 1_555 ? ? ? ? ? ? ? 2.739 ? ? 
# 
_struct_conn_type.id          metalc 
_struct_conn_type.criteria    ? 
_struct_conn_type.reference   ? 
# 
loop_
_pdbx_struct_conn_angle.id 
_pdbx_struct_conn_angle.ptnr1_label_atom_id 
_pdbx_struct_conn_angle.ptnr1_label_alt_id 
_pdbx_struct_conn_angle.ptnr1_label_asym_id 
_pdbx_struct_conn_angle.ptnr1_label_comp_id 
_pdbx_struct_conn_angle.ptnr1_label_seq_id 
_pdbx_struct_conn_angle.ptnr1_auth_atom_id 
_pdbx_struct_conn_angle.ptnr1_auth_asym_id 
_pdbx_struct_conn_angle.ptnr1_auth_comp_id 
_pdbx_struct_conn_angle.ptnr1_auth_seq_id 
_pdbx_struct_conn_angle.ptnr1_PDB_ins_code 
_pdbx_struct_conn_angle.ptnr1_symmetry 
_pdbx_struct_conn_angle.ptnr2_label_atom_id 
_pdbx_struct_conn_angle.ptnr2_label_alt_id 
_pdbx_struct_conn_angle.ptnr2_label_asym_id 
_pdbx_struct_conn_angle.ptnr2_label_comp_id 
_pdbx_struct_conn_angle.ptnr2_label_seq_id 
_pdbx_struct_conn_angle.ptnr2_auth_atom_id 
_pdbx_struct_conn_angle.ptnr2_auth_asym_id 
_pdbx_struct_conn_angle.ptnr2_auth_comp_id 
_pdbx_struct_conn_angle.ptnr2_auth_seq_id 
_pdbx_struct_conn_angle.ptnr2_PDB_ins_code 
_pdbx_struct_conn_angle.ptnr2_symmetry 
_pdbx_struct_conn_angle.ptnr3_label_atom_id 
_pdbx_struct_conn_angle.ptnr3_label_alt_id 
_pdbx_struct_conn_angle.ptnr3_label_asym_id 
_pdbx_struct_conn_angle.ptnr3_label_comp_id 
_pdbx_struct_conn_angle.ptnr3_label_seq_id 
_pdbx_struct_conn_angle.ptnr3_auth_atom_id 
_pdbx_struct_conn_angle.ptnr3_auth_asym_id 
_pdbx_struct_conn_angle.ptnr3_auth_comp_id 
_pdbx_struct_conn_angle.ptnr3_auth_seq_id 
_pdbx_struct_conn_angle.ptnr3_PDB_ins_code 
_pdbx_struct_conn_angle.ptnr3_symmetry 
_pdbx_struct_conn_angle.value 
_pdbx_struct_conn_angle.value_esd 
1  O1A ? C DUD . ? A DUD 201 ? 1_555 SR ? B SR . ? A SR 202 ? 1_555 O2B ? C DUD . ? A DUD 201 ? 1_555 75.7  ? 
2  O1A ? C DUD . ? A DUD 201 ? 1_555 SR ? B SR . ? A SR 202 ? 1_555 O   ? D HOH . ? A HOH 203 ? 1_555 83.1  ? 
3  O2B ? C DUD . ? A DUD 201 ? 1_555 SR ? B SR . ? A SR 202 ? 1_555 O   ? D HOH . ? A HOH 203 ? 1_555 69.3  ? 
4  O1A ? C DUD . ? A DUD 201 ? 1_555 SR ? B SR . ? A SR 202 ? 1_555 O   ? D HOH . ? A HOH 204 ? 9_555 136.4 ? 
5  O2B ? C DUD . ? A DUD 201 ? 1_555 SR ? B SR . ? A SR 202 ? 1_555 O   ? D HOH . ? A HOH 204 ? 9_555 75.0  ? 
6  O   ? D HOH . ? A HOH 203 ? 1_555 SR ? B SR . ? A SR 202 ? 1_555 O   ? D HOH . ? A HOH 204 ? 9_555 115.0 ? 
7  O1A ? C DUD . ? A DUD 201 ? 1_555 SR ? B SR . ? A SR 202 ? 1_555 O   ? D HOH . ? A HOH 209 ? 1_555 75.9  ? 
8  O2B ? C DUD . ? A DUD 201 ? 1_555 SR ? B SR . ? A SR 202 ? 1_555 O   ? D HOH . ? A HOH 209 ? 1_555 85.5  ? 
9  O   ? D HOH . ? A HOH 203 ? 1_555 SR ? B SR . ? A SR 202 ? 1_555 O   ? D HOH . ? A HOH 209 ? 1_555 150.6 ? 
10 O   ? D HOH . ? A HOH 204 ? 9_555 SR ? B SR . ? A SR 202 ? 1_555 O   ? D HOH . ? A HOH 209 ? 1_555 70.4  ? 
11 O1A ? C DUD . ? A DUD 201 ? 1_555 SR ? B SR . ? A SR 202 ? 1_555 O   ? D HOH . ? A HOH 214 ? 9_555 80.3  ? 
12 O2B ? C DUD . ? A DUD 201 ? 1_555 SR ? B SR . ? A SR 202 ? 1_555 O   ? D HOH . ? A HOH 214 ? 9_555 136.2 ? 
13 O   ? D HOH . ? A HOH 203 ? 1_555 SR ? B SR . ? A SR 202 ? 1_555 O   ? D HOH . ? A HOH 214 ? 9_555 71.9  ? 
14 O   ? D HOH . ? A HOH 204 ? 9_555 SR ? B SR . ? A SR 202 ? 1_555 O   ? D HOH . ? A HOH 214 ? 9_555 141.8 ? 
15 O   ? D HOH . ? A HOH 209 ? 1_555 SR ? B SR . ? A SR 202 ? 1_555 O   ? D HOH . ? A HOH 214 ? 9_555 123.2 ? 
16 O1A ? C DUD . ? A DUD 201 ? 1_555 SR ? B SR . ? A SR 202 ? 1_555 O   ? D HOH . ? A HOH 215 ? 9_555 115.7 ? 
17 O2B ? C DUD . ? A DUD 201 ? 1_555 SR ? B SR . ? A SR 202 ? 1_555 O   ? D HOH . ? A HOH 215 ? 9_555 152.6 ? 
18 O   ? D HOH . ? A HOH 203 ? 1_555 SR ? B SR . ? A SR 202 ? 1_555 O   ? D HOH . ? A HOH 215 ? 9_555 134.4 ? 
19 O   ? D HOH . ? A HOH 204 ? 9_555 SR ? B SR . ? A SR 202 ? 1_555 O   ? D HOH . ? A HOH 215 ? 9_555 80.8  ? 
20 O   ? D HOH . ? A HOH 209 ? 1_555 SR ? B SR . ? A SR 202 ? 1_555 O   ? D HOH . ? A HOH 215 ? 9_555 74.2  ? 
21 O   ? D HOH . ? A HOH 214 ? 9_555 SR ? B SR . ? A SR 202 ? 1_555 O   ? D HOH . ? A HOH 215 ? 9_555 71.2  ? 
22 O1A ? C DUD . ? A DUD 201 ? 1_555 SR ? B SR . ? A SR 202 ? 1_555 O   ? D HOH . ? A HOH 223 ? 1_555 146.3 ? 
23 O2B ? C DUD . ? A DUD 201 ? 1_555 SR ? B SR . ? A SR 202 ? 1_555 O   ? D HOH . ? A HOH 223 ? 1_555 107.2 ? 
24 O   ? D HOH . ? A HOH 203 ? 1_555 SR ? B SR . ? A SR 202 ? 1_555 O   ? D HOH . ? A HOH 223 ? 1_555 67.6  ? 
25 O   ? D HOH . ? A HOH 204 ? 9_555 SR ? B SR . ? A SR 202 ? 1_555 O   ? D HOH . ? A HOH 223 ? 1_555 74.0  ? 
26 O   ? D HOH . ? A HOH 209 ? 1_555 SR ? B SR . ? A SR 202 ? 1_555 O   ? D HOH . ? A HOH 223 ? 1_555 137.3 ? 
27 O   ? D HOH . ? A HOH 214 ? 9_555 SR ? B SR . ? A SR 202 ? 1_555 O   ? D HOH . ? A HOH 223 ? 1_555 75.0  ? 
28 O   ? D HOH . ? A HOH 215 ? 9_555 SR ? B SR . ? A SR 202 ? 1_555 O   ? D HOH . ? A HOH 223 ? 1_555 77.7  ? 
# 
loop_
_struct_sheet.id 
_struct_sheet.type 
_struct_sheet.number_strands 
_struct_sheet.details 
S1 ? 4 ? 
S2 ? 4 ? 
S3 ? 2 ? 
# 
loop_
_struct_sheet_order.sheet_id 
_struct_sheet_order.range_id_1 
_struct_sheet_order.range_id_2 
_struct_sheet_order.offset 
_struct_sheet_order.sense 
S1 1 2 ? anti-parallel 
S1 2 3 ? anti-parallel 
S1 3 4 ? anti-parallel 
S2 1 2 ? anti-parallel 
S2 2 3 ? anti-parallel 
S2 3 4 ? anti-parallel 
S3 1 2 ? anti-parallel 
# 
loop_
_struct_sheet_range.sheet_id 
_struct_sheet_range.id 
_struct_sheet_range.beg_label_comp_id 
_struct_sheet_range.beg_label_asym_id 
_struct_sheet_range.beg_label_seq_id 
_struct_sheet_range.pdbx_beg_PDB_ins_code 
_struct_sheet_range.end_label_comp_id 
_struct_sheet_range.end_label_asym_id 
_struct_sheet_range.end_label_seq_id 
_struct_sheet_range.pdbx_end_PDB_ins_code 
_struct_sheet_range.beg_auth_comp_id 
_struct_sheet_range.beg_auth_asym_id 
_struct_sheet_range.beg_auth_seq_id 
_struct_sheet_range.end_auth_comp_id 
_struct_sheet_range.end_auth_asym_id 
_struct_sheet_range.end_auth_seq_id 
S1 1 ALA A 3  ? GLN A 5   ? ALA A 3  GLN A 5   
S1 2 ASP A 33 ? GLN A 44  ? ASP A 33 GLN A 44  
S1 3 GLN A 80 ? ILE A 86  ? GLN A 80 ILE A 86  
S1 4 GLY A 63 ? ASN A 67  ? GLY A 63 ASN A 67  
S2 1 PHE A 19 ? VAL A 23  ? PHE A 19 VAL A 23  
S2 2 GLN A 97 ? HIS A 107 ? GLN A 97 HIS A 107 
S2 3 ASN A 48 ? THR A 54  ? ASN A 48 THR A 54  
S2 4 GLY A 69 ? ILE A 71  ? GLY A 69 ILE A 71  
S3 1 ILE A 27 ? ILE A 29  ? ILE A 27 ILE A 29  
S3 2 ILE A 91 ? LEU A 93  ? ILE A 91 LEU A 93  
# 
loop_
_pdbx_struct_sheet_hbond.sheet_id 
_pdbx_struct_sheet_hbond.range_id_1 
_pdbx_struct_sheet_hbond.range_id_2 
_pdbx_struct_sheet_hbond.range_1_label_atom_id 
_pdbx_struct_sheet_hbond.range_1_label_comp_id 
_pdbx_struct_sheet_hbond.range_1_label_asym_id 
_pdbx_struct_sheet_hbond.range_1_label_seq_id 
_pdbx_struct_sheet_hbond.range_1_PDB_ins_code 
_pdbx_struct_sheet_hbond.range_1_auth_atom_id 
_pdbx_struct_sheet_hbond.range_1_auth_comp_id 
_pdbx_struct_sheet_hbond.range_1_auth_asym_id 
_pdbx_struct_sheet_hbond.range_1_auth_seq_id 
_pdbx_struct_sheet_hbond.range_2_label_atom_id 
_pdbx_struct_sheet_hbond.range_2_label_comp_id 
_pdbx_struct_sheet_hbond.range_2_label_asym_id 
_pdbx_struct_sheet_hbond.range_2_label_seq_id 
_pdbx_struct_sheet_hbond.range_2_PDB_ins_code 
_pdbx_struct_sheet_hbond.range_2_auth_atom_id 
_pdbx_struct_sheet_hbond.range_2_auth_comp_id 
_pdbx_struct_sheet_hbond.range_2_auth_asym_id 
_pdbx_struct_sheet_hbond.range_2_auth_seq_id 
S1 1 2 N ALA A 3   ? N ALA A 3   O GLN A 44 ? O GLN A 44 
S1 2 3 O ILE A 37  ? O ILE A 37  N VAL A 81 ? N VAL A 81 
S1 3 4 N ILE A 86  ? N ILE A 86  O GLY A 63 ? O GLY A 63 
S2 1 2 N VAL A 23  ? N VAL A 23  O GLN A 97 ? O GLN A 97 
S2 2 3 N HIS A 107 ? N HIS A 107 O ASN A 48 ? O ASN A 48 
S2 3 4 N GLY A 51  ? N GLY A 51  O ILE A 71 ? O ILE A 71 
S3 1 2 O ILE A 29  ? O ILE A 29  N ILE A 91 ? N ILE A 91 
# 
loop_
_struct_site.id 
_struct_site.pdbx_evidence_code 
_struct_site.pdbx_auth_asym_id 
_struct_site.pdbx_auth_comp_id 
_struct_site.pdbx_auth_seq_id 
_struct_site.pdbx_auth_ins_code 
_struct_site.pdbx_num_residues 
_struct_site.details 
AC1 Software A SR  202 ? 7  'BINDING SITE FOR RESIDUE SR A 202'  
AC2 Software A DUD 201 ? 18 'BINDING SITE FOR RESIDUE DUD A 201' 
# 
loop_
_struct_site_gen.id 
_struct_site_gen.site_id 
_struct_site_gen.pdbx_num_res 
_struct_site_gen.label_comp_id 
_struct_site_gen.label_asym_id 
_struct_site_gen.label_seq_id 
_struct_site_gen.pdbx_auth_ins_code 
_struct_site_gen.auth_comp_id 
_struct_site_gen.auth_asym_id 
_struct_site_gen.auth_seq_id 
_struct_site_gen.label_atom_id 
_struct_site_gen.label_alt_id 
_struct_site_gen.symmetry 
_struct_site_gen.details 
1  AC1 7  DUD C .  ? DUD A 201 . ? 1_555  ? 
2  AC1 7  HOH D .  ? HOH A 203 . ? 1_555  ? 
3  AC1 7  HOH D .  ? HOH A 204 . ? 9_555  ? 
4  AC1 7  HOH D .  ? HOH A 209 . ? 1_555  ? 
5  AC1 7  HOH D .  ? HOH A 214 . ? 9_555  ? 
6  AC1 7  HOH D .  ? HOH A 215 . ? 9_555  ? 
7  AC1 7  HOH D .  ? HOH A 223 . ? 1_555  ? 
8  AC2 18 LYS A 56 ? LYS A 56  . ? 9_555  ? 
9  AC2 18 SER A 57 ? SER A 57  . ? 9_555  ? 
10 AC2 18 SER A 58 ? SER A 58  . ? 9_555  ? 
11 AC2 18 GLY A 69 ? GLY A 69  . ? 1_555  ? 
12 AC2 18 ILE A 70 ? ILE A 70  . ? 1_555  ? 
13 AC2 18 ILE A 71 ? ILE A 71  . ? 1_555  ? 
14 AC2 18 ASP A 72 ? ASP A 72  . ? 1_555  ? 
15 AC2 18 TYR A 75 ? TYR A 75  . ? 1_555  ? 
16 AC2 18 GLN A 80 ? GLN A 80  . ? 1_555  ? 
17 AC2 18 ILE A 82 ? ILE A 82  . ? 1_555  ? 
18 AC2 18 LYS A 98 ? LYS A 98  . ? 9_555  ? 
19 AC2 18 SR  B .  ? SR  A 202 . ? 1_555  ? 
20 AC2 18 HOH D .  ? HOH A 203 . ? 1_555  ? 
21 AC2 18 HOH D .  ? HOH A 208 . ? 1_555  ? 
22 AC2 18 HOH D .  ? HOH A 211 . ? 1_555  ? 
23 AC2 18 HOH D .  ? HOH A 230 . ? 1_555  ? 
24 AC2 18 HOH D .  ? HOH A 276 . ? 1_555  ? 
25 AC2 18 HOH D .  ? HOH A 281 . ? 21_455 ? 
# 
loop_
_pdbx_validate_rmsd_bond.id 
_pdbx_validate_rmsd_bond.PDB_model_num 
_pdbx_validate_rmsd_bond.auth_atom_id_1 
_pdbx_validate_rmsd_bond.auth_asym_id_1 
_pdbx_validate_rmsd_bond.auth_comp_id_1 
_pdbx_validate_rmsd_bond.auth_seq_id_1 
_pdbx_validate_rmsd_bond.PDB_ins_code_1 
_pdbx_validate_rmsd_bond.label_alt_id_1 
_pdbx_validate_rmsd_bond.auth_atom_id_2 
_pdbx_validate_rmsd_bond.auth_asym_id_2 
_pdbx_validate_rmsd_bond.auth_comp_id_2 
_pdbx_validate_rmsd_bond.auth_seq_id_2 
_pdbx_validate_rmsd_bond.PDB_ins_code_2 
_pdbx_validate_rmsd_bond.label_alt_id_2 
_pdbx_validate_rmsd_bond.bond_value 
_pdbx_validate_rmsd_bond.bond_target_value 
_pdbx_validate_rmsd_bond.bond_deviation 
_pdbx_validate_rmsd_bond.bond_standard_deviation 
_pdbx_validate_rmsd_bond.linker_flag 
1 1 CD A LYS 42  ? ? CE A LYS 42  ? ? 1.339 1.508 -0.169 0.025 N 
2 1 CE A LYS 42  ? ? NZ A LYS 42  ? ? 1.292 1.486 -0.194 0.025 N 
3 1 CG A GLU 117 ? ? CD A GLU 117 ? ? 1.380 1.515 -0.135 0.015 N 
4 1 CB A ASN 118 ? ? CG A ASN 118 ? ? 1.245 1.506 -0.261 0.023 N 
# 
loop_
_pdbx_validate_rmsd_angle.id 
_pdbx_validate_rmsd_angle.PDB_model_num 
_pdbx_validate_rmsd_angle.auth_atom_id_1 
_pdbx_validate_rmsd_angle.auth_asym_id_1 
_pdbx_validate_rmsd_angle.auth_comp_id_1 
_pdbx_validate_rmsd_angle.auth_seq_id_1 
_pdbx_validate_rmsd_angle.PDB_ins_code_1 
_pdbx_validate_rmsd_angle.label_alt_id_1 
_pdbx_validate_rmsd_angle.auth_atom_id_2 
_pdbx_validate_rmsd_angle.auth_asym_id_2 
_pdbx_validate_rmsd_angle.auth_comp_id_2 
_pdbx_validate_rmsd_angle.auth_seq_id_2 
_pdbx_validate_rmsd_angle.PDB_ins_code_2 
_pdbx_validate_rmsd_angle.label_alt_id_2 
_pdbx_validate_rmsd_angle.auth_atom_id_3 
_pdbx_validate_rmsd_angle.auth_asym_id_3 
_pdbx_validate_rmsd_angle.auth_comp_id_3 
_pdbx_validate_rmsd_angle.auth_seq_id_3 
_pdbx_validate_rmsd_angle.PDB_ins_code_3 
_pdbx_validate_rmsd_angle.label_alt_id_3 
_pdbx_validate_rmsd_angle.angle_value 
_pdbx_validate_rmsd_angle.angle_target_value 
_pdbx_validate_rmsd_angle.angle_deviation 
_pdbx_validate_rmsd_angle.angle_standard_deviation 
_pdbx_validate_rmsd_angle.linker_flag 
1 1 NE A ARG 13  ? ? CZ A ARG 13  ? ? NH1 A ARG 13  ? ? 112.33 120.30 -7.97  0.50 N 
2 1 NE A ARG 13  ? ? CZ A ARG 13  ? ? NH2 A ARG 13  ? ? 131.25 120.30 10.95  0.50 N 
3 1 CB A ASP 20  ? ? CG A ASP 20  ? ? OD2 A ASP 20  ? ? 124.09 118.30 5.79   0.90 N 
4 1 CB A CYS 22  ? B CA A CYS 22  ? B C   A CYS 22  ? ? 122.61 111.50 11.11  1.20 N 
5 1 CB A ASP 40  ? ? CG A ASP 40  ? ? OD1 A ASP 40  ? ? 124.39 118.30 6.09   0.90 N 
6 1 CD A LYS 42  ? ? CE A LYS 42  ? ? NZ  A LYS 42  ? ? 140.07 111.70 28.37  2.30 N 
7 1 O  A SER 111 ? B C  A SER 111 ? B N   A ARG 112 ? ? 111.74 122.70 -10.96 1.60 Y 
8 1 CA A ASN 118 ? ? CB A ASN 118 ? ? CG  A ASN 118 ? ? 138.76 113.40 25.36  2.20 N 
# 
loop_
_pdbx_validate_torsion.id 
_pdbx_validate_torsion.PDB_model_num 
_pdbx_validate_torsion.auth_comp_id 
_pdbx_validate_torsion.auth_asym_id 
_pdbx_validate_torsion.auth_seq_id 
_pdbx_validate_torsion.PDB_ins_code 
_pdbx_validate_torsion.label_alt_id 
_pdbx_validate_torsion.phi 
_pdbx_validate_torsion.psi 
1 1 GLU A 95  ? ? -37.56 128.73 
2 1 SER A 109 ? ? -92.99 41.33  
3 1 SER A 111 ? B 148.62 82.95  
# 
loop_
_pdbx_validate_main_chain_plane.id 
_pdbx_validate_main_chain_plane.PDB_model_num 
_pdbx_validate_main_chain_plane.auth_comp_id 
_pdbx_validate_main_chain_plane.auth_asym_id 
_pdbx_validate_main_chain_plane.auth_seq_id 
_pdbx_validate_main_chain_plane.PDB_ins_code 
_pdbx_validate_main_chain_plane.label_alt_id 
_pdbx_validate_main_chain_plane.improper_torsion_angle 
1 1 PHE A 99  ? ? -10.56 
2 1 ASN A 110 ? B 12.99  
3 1 SER A 111 ? B -20.54 
# 
loop_
_pdbx_struct_special_symmetry.id 
_pdbx_struct_special_symmetry.PDB_model_num 
_pdbx_struct_special_symmetry.auth_asym_id 
_pdbx_struct_special_symmetry.auth_comp_id 
_pdbx_struct_special_symmetry.auth_seq_id 
_pdbx_struct_special_symmetry.PDB_ins_code 
_pdbx_struct_special_symmetry.label_asym_id 
_pdbx_struct_special_symmetry.label_comp_id 
_pdbx_struct_special_symmetry.label_seq_id 
1 1 A HOH 225 ? D HOH . 
2 1 A HOH 242 ? D HOH . 
3 1 A HOH 246 ? D HOH . 
4 1 A HOH 250 ? D HOH . 
# 
loop_
_pdbx_unobs_or_zero_occ_residues.id 
_pdbx_unobs_or_zero_occ_residues.PDB_model_num 
_pdbx_unobs_or_zero_occ_residues.polymer_flag 
_pdbx_unobs_or_zero_occ_residues.occupancy_flag 
_pdbx_unobs_or_zero_occ_residues.auth_asym_id 
_pdbx_unobs_or_zero_occ_residues.auth_comp_id 
_pdbx_unobs_or_zero_occ_residues.auth_seq_id 
_pdbx_unobs_or_zero_occ_residues.PDB_ins_code 
_pdbx_unobs_or_zero_occ_residues.label_asym_id 
_pdbx_unobs_or_zero_occ_residues.label_comp_id 
_pdbx_unobs_or_zero_occ_residues.label_seq_id 
1  1 Y 1 A LYS 119 ? A LYS 119 
2  1 Y 1 A ILE 120 ? A ILE 120 
3  1 Y 1 A SER 121 ? A SER 121 
4  1 Y 1 A GLN 122 ? A GLN 122 
5  1 Y 1 A ARG 123 ? A ARG 123 
6  1 Y 1 A GLY 124 ? A GLY 124 
7  1 Y 1 A ASP 125 ? A ASP 125 
8  1 Y 1 A LYS 126 ? A LYS 126 
9  1 Y 1 A GLY 127 ? A GLY 127 
10 1 Y 1 A PHE 128 ? A PHE 128 
11 1 Y 1 A GLY 129 ? A GLY 129 
12 1 Y 1 A SER 130 ? A SER 130 
13 1 Y 1 A THR 131 ? A THR 131 
14 1 Y 1 A GLY 132 ? A GLY 132 
15 1 Y 1 A VAL 133 ? A VAL 133 
16 1 Y 1 A PHE 134 ? A PHE 134 
# 
loop_
_chem_comp_atom.comp_id 
_chem_comp_atom.atom_id 
_chem_comp_atom.type_symbol 
_chem_comp_atom.pdbx_aromatic_flag 
_chem_comp_atom.pdbx_stereo_config 
_chem_comp_atom.pdbx_ordinal 
ALA N      N  N N 1   
ALA CA     C  N S 2   
ALA C      C  N N 3   
ALA O      O  N N 4   
ALA CB     C  N N 5   
ALA OXT    O  N N 6   
ALA H      H  N N 7   
ALA H2     H  N N 8   
ALA HA     H  N N 9   
ALA HB1    H  N N 10  
ALA HB2    H  N N 11  
ALA HB3    H  N N 12  
ALA HXT    H  N N 13  
ARG N      N  N N 14  
ARG CA     C  N S 15  
ARG C      C  N N 16  
ARG O      O  N N 17  
ARG CB     C  N N 18  
ARG CG     C  N N 19  
ARG CD     C  N N 20  
ARG NE     N  N N 21  
ARG CZ     C  N N 22  
ARG NH1    N  N N 23  
ARG NH2    N  N N 24  
ARG OXT    O  N N 25  
ARG H      H  N N 26  
ARG H2     H  N N 27  
ARG HA     H  N N 28  
ARG HB2    H  N N 29  
ARG HB3    H  N N 30  
ARG HG2    H  N N 31  
ARG HG3    H  N N 32  
ARG HD2    H  N N 33  
ARG HD3    H  N N 34  
ARG HE     H  N N 35  
ARG HH11   H  N N 36  
ARG HH12   H  N N 37  
ARG HH21   H  N N 38  
ARG HH22   H  N N 39  
ARG HXT    H  N N 40  
ASN N      N  N N 41  
ASN CA     C  N S 42  
ASN C      C  N N 43  
ASN O      O  N N 44  
ASN CB     C  N N 45  
ASN CG     C  N N 46  
ASN OD1    O  N N 47  
ASN ND2    N  N N 48  
ASN OXT    O  N N 49  
ASN H      H  N N 50  
ASN H2     H  N N 51  
ASN HA     H  N N 52  
ASN HB2    H  N N 53  
ASN HB3    H  N N 54  
ASN HD21   H  N N 55  
ASN HD22   H  N N 56  
ASN HXT    H  N N 57  
ASP N      N  N N 58  
ASP CA     C  N S 59  
ASP C      C  N N 60  
ASP O      O  N N 61  
ASP CB     C  N N 62  
ASP CG     C  N N 63  
ASP OD1    O  N N 64  
ASP OD2    O  N N 65  
ASP OXT    O  N N 66  
ASP H      H  N N 67  
ASP H2     H  N N 68  
ASP HA     H  N N 69  
ASP HB2    H  N N 70  
ASP HB3    H  N N 71  
ASP HD2    H  N N 72  
ASP HXT    H  N N 73  
CYS N      N  N N 74  
CYS CA     C  N R 75  
CYS C      C  N N 76  
CYS O      O  N N 77  
CYS CB     C  N N 78  
CYS SG     S  N N 79  
CYS OXT    O  N N 80  
CYS H      H  N N 81  
CYS H2     H  N N 82  
CYS HA     H  N N 83  
CYS HB2    H  N N 84  
CYS HB3    H  N N 85  
CYS HG     H  N N 86  
CYS HXT    H  N N 87  
DUD N1     N  N N 88  
DUD C2     C  N N 89  
DUD N3     N  N N 90  
DUD C4     C  N N 91  
DUD C5     C  N N 92  
DUD C6     C  N N 93  
DUD O2     O  N N 94  
DUD O4     O  N N 95  
DUD "C1'"  C  N R 96  
DUD "C2'"  C  N N 97  
DUD "C3'"  C  N S 98  
DUD "C4'"  C  N R 99  
DUD "O4'"  O  N N 100 
DUD "O3'"  O  N N 101 
DUD "C5'"  C  N N 102 
DUD "O5'"  O  N N 103 
DUD PA     P  N S 104 
DUD O1A    O  N N 105 
DUD O2A    O  N N 106 
DUD O3A    O  N N 107 
DUD PB     P  N N 108 
DUD O1B    O  N N 109 
DUD O2B    O  N N 110 
DUD O3B    O  N N 111 
DUD HN3    H  N N 112 
DUD H5     H  N N 113 
DUD H6     H  N N 114 
DUD "H1'"  H  N N 115 
DUD "H2'1" H  N N 116 
DUD "H2'2" H  N N 117 
DUD "H3'"  H  N N 118 
DUD "H4'"  H  N N 119 
DUD "HO3'" H  N N 120 
DUD "H5'1" H  N N 121 
DUD "H5'2" H  N N 122 
DUD HOA2   H  N N 123 
DUD HOB2   H  N N 124 
DUD HOB3   H  N N 125 
GLN N      N  N N 126 
GLN CA     C  N S 127 
GLN C      C  N N 128 
GLN O      O  N N 129 
GLN CB     C  N N 130 
GLN CG     C  N N 131 
GLN CD     C  N N 132 
GLN OE1    O  N N 133 
GLN NE2    N  N N 134 
GLN OXT    O  N N 135 
GLN H      H  N N 136 
GLN H2     H  N N 137 
GLN HA     H  N N 138 
GLN HB2    H  N N 139 
GLN HB3    H  N N 140 
GLN HG2    H  N N 141 
GLN HG3    H  N N 142 
GLN HE21   H  N N 143 
GLN HE22   H  N N 144 
GLN HXT    H  N N 145 
GLU N      N  N N 146 
GLU CA     C  N S 147 
GLU C      C  N N 148 
GLU O      O  N N 149 
GLU CB     C  N N 150 
GLU CG     C  N N 151 
GLU CD     C  N N 152 
GLU OE1    O  N N 153 
GLU OE2    O  N N 154 
GLU OXT    O  N N 155 
GLU H      H  N N 156 
GLU H2     H  N N 157 
GLU HA     H  N N 158 
GLU HB2    H  N N 159 
GLU HB3    H  N N 160 
GLU HG2    H  N N 161 
GLU HG3    H  N N 162 
GLU HE2    H  N N 163 
GLU HXT    H  N N 164 
GLY N      N  N N 165 
GLY CA     C  N N 166 
GLY C      C  N N 167 
GLY O      O  N N 168 
GLY OXT    O  N N 169 
GLY H      H  N N 170 
GLY H2     H  N N 171 
GLY HA2    H  N N 172 
GLY HA3    H  N N 173 
GLY HXT    H  N N 174 
HIS N      N  N N 175 
HIS CA     C  N S 176 
HIS C      C  N N 177 
HIS O      O  N N 178 
HIS CB     C  N N 179 
HIS CG     C  Y N 180 
HIS ND1    N  Y N 181 
HIS CD2    C  Y N 182 
HIS CE1    C  Y N 183 
HIS NE2    N  Y N 184 
HIS OXT    O  N N 185 
HIS H      H  N N 186 
HIS H2     H  N N 187 
HIS HA     H  N N 188 
HIS HB2    H  N N 189 
HIS HB3    H  N N 190 
HIS HD1    H  N N 191 
HIS HD2    H  N N 192 
HIS HE1    H  N N 193 
HIS HE2    H  N N 194 
HIS HXT    H  N N 195 
HOH O      O  N N 196 
HOH H1     H  N N 197 
HOH H2     H  N N 198 
ILE N      N  N N 199 
ILE CA     C  N S 200 
ILE C      C  N N 201 
ILE O      O  N N 202 
ILE CB     C  N S 203 
ILE CG1    C  N N 204 
ILE CG2    C  N N 205 
ILE CD1    C  N N 206 
ILE OXT    O  N N 207 
ILE H      H  N N 208 
ILE H2     H  N N 209 
ILE HA     H  N N 210 
ILE HB     H  N N 211 
ILE HG12   H  N N 212 
ILE HG13   H  N N 213 
ILE HG21   H  N N 214 
ILE HG22   H  N N 215 
ILE HG23   H  N N 216 
ILE HD11   H  N N 217 
ILE HD12   H  N N 218 
ILE HD13   H  N N 219 
ILE HXT    H  N N 220 
LEU N      N  N N 221 
LEU CA     C  N S 222 
LEU C      C  N N 223 
LEU O      O  N N 224 
LEU CB     C  N N 225 
LEU CG     C  N N 226 
LEU CD1    C  N N 227 
LEU CD2    C  N N 228 
LEU OXT    O  N N 229 
LEU H      H  N N 230 
LEU H2     H  N N 231 
LEU HA     H  N N 232 
LEU HB2    H  N N 233 
LEU HB3    H  N N 234 
LEU HG     H  N N 235 
LEU HD11   H  N N 236 
LEU HD12   H  N N 237 
LEU HD13   H  N N 238 
LEU HD21   H  N N 239 
LEU HD22   H  N N 240 
LEU HD23   H  N N 241 
LEU HXT    H  N N 242 
LYS N      N  N N 243 
LYS CA     C  N S 244 
LYS C      C  N N 245 
LYS O      O  N N 246 
LYS CB     C  N N 247 
LYS CG     C  N N 248 
LYS CD     C  N N 249 
LYS CE     C  N N 250 
LYS NZ     N  N N 251 
LYS OXT    O  N N 252 
LYS H      H  N N 253 
LYS H2     H  N N 254 
LYS HA     H  N N 255 
LYS HB2    H  N N 256 
LYS HB3    H  N N 257 
LYS HG2    H  N N 258 
LYS HG3    H  N N 259 
LYS HD2    H  N N 260 
LYS HD3    H  N N 261 
LYS HE2    H  N N 262 
LYS HE3    H  N N 263 
LYS HZ1    H  N N 264 
LYS HZ2    H  N N 265 
LYS HZ3    H  N N 266 
LYS HXT    H  N N 267 
MET N      N  N N 268 
MET CA     C  N S 269 
MET C      C  N N 270 
MET O      O  N N 271 
MET CB     C  N N 272 
MET CG     C  N N 273 
MET SD     S  N N 274 
MET CE     C  N N 275 
MET OXT    O  N N 276 
MET H      H  N N 277 
MET H2     H  N N 278 
MET HA     H  N N 279 
MET HB2    H  N N 280 
MET HB3    H  N N 281 
MET HG2    H  N N 282 
MET HG3    H  N N 283 
MET HE1    H  N N 284 
MET HE2    H  N N 285 
MET HE3    H  N N 286 
MET HXT    H  N N 287 
PHE N      N  N N 288 
PHE CA     C  N S 289 
PHE C      C  N N 290 
PHE O      O  N N 291 
PHE CB     C  N N 292 
PHE CG     C  Y N 293 
PHE CD1    C  Y N 294 
PHE CD2    C  Y N 295 
PHE CE1    C  Y N 296 
PHE CE2    C  Y N 297 
PHE CZ     C  Y N 298 
PHE OXT    O  N N 299 
PHE H      H  N N 300 
PHE H2     H  N N 301 
PHE HA     H  N N 302 
PHE HB2    H  N N 303 
PHE HB3    H  N N 304 
PHE HD1    H  N N 305 
PHE HD2    H  N N 306 
PHE HE1    H  N N 307 
PHE HE2    H  N N 308 
PHE HZ     H  N N 309 
PHE HXT    H  N N 310 
PRO N      N  N N 311 
PRO CA     C  N S 312 
PRO C      C  N N 313 
PRO O      O  N N 314 
PRO CB     C  N N 315 
PRO CG     C  N N 316 
PRO CD     C  N N 317 
PRO OXT    O  N N 318 
PRO H      H  N N 319 
PRO HA     H  N N 320 
PRO HB2    H  N N 321 
PRO HB3    H  N N 322 
PRO HG2    H  N N 323 
PRO HG3    H  N N 324 
PRO HD2    H  N N 325 
PRO HD3    H  N N 326 
PRO HXT    H  N N 327 
SER N      N  N N 328 
SER CA     C  N S 329 
SER C      C  N N 330 
SER O      O  N N 331 
SER CB     C  N N 332 
SER OG     O  N N 333 
SER OXT    O  N N 334 
SER H      H  N N 335 
SER H2     H  N N 336 
SER HA     H  N N 337 
SER HB2    H  N N 338 
SER HB3    H  N N 339 
SER HG     H  N N 340 
SER HXT    H  N N 341 
SR  SR     SR N N 342 
THR N      N  N N 343 
THR CA     C  N S 344 
THR C      C  N N 345 
THR O      O  N N 346 
THR CB     C  N R 347 
THR OG1    O  N N 348 
THR CG2    C  N N 349 
THR OXT    O  N N 350 
THR H      H  N N 351 
THR H2     H  N N 352 
THR HA     H  N N 353 
THR HB     H  N N 354 
THR HG1    H  N N 355 
THR HG21   H  N N 356 
THR HG22   H  N N 357 
THR HG23   H  N N 358 
THR HXT    H  N N 359 
TRP N      N  N N 360 
TRP CA     C  N S 361 
TRP C      C  N N 362 
TRP O      O  N N 363 
TRP CB     C  N N 364 
TRP CG     C  Y N 365 
TRP CD1    C  Y N 366 
TRP CD2    C  Y N 367 
TRP NE1    N  Y N 368 
TRP CE2    C  Y N 369 
TRP CE3    C  Y N 370 
TRP CZ2    C  Y N 371 
TRP CZ3    C  Y N 372 
TRP CH2    C  Y N 373 
TRP OXT    O  N N 374 
TRP H      H  N N 375 
TRP H2     H  N N 376 
TRP HA     H  N N 377 
TRP HB2    H  N N 378 
TRP HB3    H  N N 379 
TRP HD1    H  N N 380 
TRP HE1    H  N N 381 
TRP HE3    H  N N 382 
TRP HZ2    H  N N 383 
TRP HZ3    H  N N 384 
TRP HH2    H  N N 385 
TRP HXT    H  N N 386 
TYR N      N  N N 387 
TYR CA     C  N S 388 
TYR C      C  N N 389 
TYR O      O  N N 390 
TYR CB     C  N N 391 
TYR CG     C  Y N 392 
TYR CD1    C  Y N 393 
TYR CD2    C  Y N 394 
TYR CE1    C  Y N 395 
TYR CE2    C  Y N 396 
TYR CZ     C  Y N 397 
TYR OH     O  N N 398 
TYR OXT    O  N N 399 
TYR H      H  N N 400 
TYR H2     H  N N 401 
TYR HA     H  N N 402 
TYR HB2    H  N N 403 
TYR HB3    H  N N 404 
TYR HD1    H  N N 405 
TYR HD2    H  N N 406 
TYR HE1    H  N N 407 
TYR HE2    H  N N 408 
TYR HH     H  N N 409 
TYR HXT    H  N N 410 
VAL N      N  N N 411 
VAL CA     C  N S 412 
VAL C      C  N N 413 
VAL O      O  N N 414 
VAL CB     C  N N 415 
VAL CG1    C  N N 416 
VAL CG2    C  N N 417 
VAL OXT    O  N N 418 
VAL H      H  N N 419 
VAL H2     H  N N 420 
VAL HA     H  N N 421 
VAL HB     H  N N 422 
VAL HG11   H  N N 423 
VAL HG12   H  N N 424 
VAL HG13   H  N N 425 
VAL HG21   H  N N 426 
VAL HG22   H  N N 427 
VAL HG23   H  N N 428 
VAL HXT    H  N N 429 
# 
loop_
_chem_comp_bond.comp_id 
_chem_comp_bond.atom_id_1 
_chem_comp_bond.atom_id_2 
_chem_comp_bond.value_order 
_chem_comp_bond.pdbx_aromatic_flag 
_chem_comp_bond.pdbx_stereo_config 
_chem_comp_bond.pdbx_ordinal 
ALA N     CA     sing N N 1   
ALA N     H      sing N N 2   
ALA N     H2     sing N N 3   
ALA CA    C      sing N N 4   
ALA CA    CB     sing N N 5   
ALA CA    HA     sing N N 6   
ALA C     O      doub N N 7   
ALA C     OXT    sing N N 8   
ALA CB    HB1    sing N N 9   
ALA CB    HB2    sing N N 10  
ALA CB    HB3    sing N N 11  
ALA OXT   HXT    sing N N 12  
ARG N     CA     sing N N 13  
ARG N     H      sing N N 14  
ARG N     H2     sing N N 15  
ARG CA    C      sing N N 16  
ARG CA    CB     sing N N 17  
ARG CA    HA     sing N N 18  
ARG C     O      doub N N 19  
ARG C     OXT    sing N N 20  
ARG CB    CG     sing N N 21  
ARG CB    HB2    sing N N 22  
ARG CB    HB3    sing N N 23  
ARG CG    CD     sing N N 24  
ARG CG    HG2    sing N N 25  
ARG CG    HG3    sing N N 26  
ARG CD    NE     sing N N 27  
ARG CD    HD2    sing N N 28  
ARG CD    HD3    sing N N 29  
ARG NE    CZ     sing N N 30  
ARG NE    HE     sing N N 31  
ARG CZ    NH1    sing N N 32  
ARG CZ    NH2    doub N N 33  
ARG NH1   HH11   sing N N 34  
ARG NH1   HH12   sing N N 35  
ARG NH2   HH21   sing N N 36  
ARG NH2   HH22   sing N N 37  
ARG OXT   HXT    sing N N 38  
ASN N     CA     sing N N 39  
ASN N     H      sing N N 40  
ASN N     H2     sing N N 41  
ASN CA    C      sing N N 42  
ASN CA    CB     sing N N 43  
ASN CA    HA     sing N N 44  
ASN C     O      doub N N 45  
ASN C     OXT    sing N N 46  
ASN CB    CG     sing N N 47  
ASN CB    HB2    sing N N 48  
ASN CB    HB3    sing N N 49  
ASN CG    OD1    doub N N 50  
ASN CG    ND2    sing N N 51  
ASN ND2   HD21   sing N N 52  
ASN ND2   HD22   sing N N 53  
ASN OXT   HXT    sing N N 54  
ASP N     CA     sing N N 55  
ASP N     H      sing N N 56  
ASP N     H2     sing N N 57  
ASP CA    C      sing N N 58  
ASP CA    CB     sing N N 59  
ASP CA    HA     sing N N 60  
ASP C     O      doub N N 61  
ASP C     OXT    sing N N 62  
ASP CB    CG     sing N N 63  
ASP CB    HB2    sing N N 64  
ASP CB    HB3    sing N N 65  
ASP CG    OD1    doub N N 66  
ASP CG    OD2    sing N N 67  
ASP OD2   HD2    sing N N 68  
ASP OXT   HXT    sing N N 69  
CYS N     CA     sing N N 70  
CYS N     H      sing N N 71  
CYS N     H2     sing N N 72  
CYS CA    C      sing N N 73  
CYS CA    CB     sing N N 74  
CYS CA    HA     sing N N 75  
CYS C     O      doub N N 76  
CYS C     OXT    sing N N 77  
CYS CB    SG     sing N N 78  
CYS CB    HB2    sing N N 79  
CYS CB    HB3    sing N N 80  
CYS SG    HG     sing N N 81  
CYS OXT   HXT    sing N N 82  
DUD N1    C2     sing N N 83  
DUD N1    C6     sing N N 84  
DUD N1    "C1'"  sing N N 85  
DUD C2    N3     sing N N 86  
DUD C2    O2     doub N N 87  
DUD N3    C4     sing N N 88  
DUD N3    HN3    sing N N 89  
DUD C4    C5     sing N N 90  
DUD C4    O4     doub N N 91  
DUD C5    C6     doub N N 92  
DUD C5    H5     sing N N 93  
DUD C6    H6     sing N N 94  
DUD "C1'" "C2'"  sing N N 95  
DUD "C1'" "O4'"  sing N N 96  
DUD "C1'" "H1'"  sing N N 97  
DUD "C2'" "C3'"  sing N N 98  
DUD "C2'" "H2'1" sing N N 99  
DUD "C2'" "H2'2" sing N N 100 
DUD "C3'" "C4'"  sing N N 101 
DUD "C3'" "O3'"  sing N N 102 
DUD "C3'" "H3'"  sing N N 103 
DUD "C4'" "O4'"  sing N N 104 
DUD "C4'" "C5'"  sing N N 105 
DUD "C4'" "H4'"  sing N N 106 
DUD "O3'" "HO3'" sing N N 107 
DUD "C5'" "O5'"  sing N N 108 
DUD "C5'" "H5'1" sing N N 109 
DUD "C5'" "H5'2" sing N N 110 
DUD "O5'" PA     sing N N 111 
DUD PA    O1A    doub N N 112 
DUD PA    O2A    sing N N 113 
DUD PA    O3A    sing N N 114 
DUD O2A   HOA2   sing N N 115 
DUD O3A   PB     sing N N 116 
DUD PB    O1B    doub N N 117 
DUD PB    O2B    sing N N 118 
DUD PB    O3B    sing N N 119 
DUD O2B   HOB2   sing N N 120 
DUD O3B   HOB3   sing N N 121 
GLN N     CA     sing N N 122 
GLN N     H      sing N N 123 
GLN N     H2     sing N N 124 
GLN CA    C      sing N N 125 
GLN CA    CB     sing N N 126 
GLN CA    HA     sing N N 127 
GLN C     O      doub N N 128 
GLN C     OXT    sing N N 129 
GLN CB    CG     sing N N 130 
GLN CB    HB2    sing N N 131 
GLN CB    HB3    sing N N 132 
GLN CG    CD     sing N N 133 
GLN CG    HG2    sing N N 134 
GLN CG    HG3    sing N N 135 
GLN CD    OE1    doub N N 136 
GLN CD    NE2    sing N N 137 
GLN NE2   HE21   sing N N 138 
GLN NE2   HE22   sing N N 139 
GLN OXT   HXT    sing N N 140 
GLU N     CA     sing N N 141 
GLU N     H      sing N N 142 
GLU N     H2     sing N N 143 
GLU CA    C      sing N N 144 
GLU CA    CB     sing N N 145 
GLU CA    HA     sing N N 146 
GLU C     O      doub N N 147 
GLU C     OXT    sing N N 148 
GLU CB    CG     sing N N 149 
GLU CB    HB2    sing N N 150 
GLU CB    HB3    sing N N 151 
GLU CG    CD     sing N N 152 
GLU CG    HG2    sing N N 153 
GLU CG    HG3    sing N N 154 
GLU CD    OE1    doub N N 155 
GLU CD    OE2    sing N N 156 
GLU OE2   HE2    sing N N 157 
GLU OXT   HXT    sing N N 158 
GLY N     CA     sing N N 159 
GLY N     H      sing N N 160 
GLY N     H2     sing N N 161 
GLY CA    C      sing N N 162 
GLY CA    HA2    sing N N 163 
GLY CA    HA3    sing N N 164 
GLY C     O      doub N N 165 
GLY C     OXT    sing N N 166 
GLY OXT   HXT    sing N N 167 
HIS N     CA     sing N N 168 
HIS N     H      sing N N 169 
HIS N     H2     sing N N 170 
HIS CA    C      sing N N 171 
HIS CA    CB     sing N N 172 
HIS CA    HA     sing N N 173 
HIS C     O      doub N N 174 
HIS C     OXT    sing N N 175 
HIS CB    CG     sing N N 176 
HIS CB    HB2    sing N N 177 
HIS CB    HB3    sing N N 178 
HIS CG    ND1    sing Y N 179 
HIS CG    CD2    doub Y N 180 
HIS ND1   CE1    doub Y N 181 
HIS ND1   HD1    sing N N 182 
HIS CD2   NE2    sing Y N 183 
HIS CD2   HD2    sing N N 184 
HIS CE1   NE2    sing Y N 185 
HIS CE1   HE1    sing N N 186 
HIS NE2   HE2    sing N N 187 
HIS OXT   HXT    sing N N 188 
HOH O     H1     sing N N 189 
HOH O     H2     sing N N 190 
ILE N     CA     sing N N 191 
ILE N     H      sing N N 192 
ILE N     H2     sing N N 193 
ILE CA    C      sing N N 194 
ILE CA    CB     sing N N 195 
ILE CA    HA     sing N N 196 
ILE C     O      doub N N 197 
ILE C     OXT    sing N N 198 
ILE CB    CG1    sing N N 199 
ILE CB    CG2    sing N N 200 
ILE CB    HB     sing N N 201 
ILE CG1   CD1    sing N N 202 
ILE CG1   HG12   sing N N 203 
ILE CG1   HG13   sing N N 204 
ILE CG2   HG21   sing N N 205 
ILE CG2   HG22   sing N N 206 
ILE CG2   HG23   sing N N 207 
ILE CD1   HD11   sing N N 208 
ILE CD1   HD12   sing N N 209 
ILE CD1   HD13   sing N N 210 
ILE OXT   HXT    sing N N 211 
LEU N     CA     sing N N 212 
LEU N     H      sing N N 213 
LEU N     H2     sing N N 214 
LEU CA    C      sing N N 215 
LEU CA    CB     sing N N 216 
LEU CA    HA     sing N N 217 
LEU C     O      doub N N 218 
LEU C     OXT    sing N N 219 
LEU CB    CG     sing N N 220 
LEU CB    HB2    sing N N 221 
LEU CB    HB3    sing N N 222 
LEU CG    CD1    sing N N 223 
LEU CG    CD2    sing N N 224 
LEU CG    HG     sing N N 225 
LEU CD1   HD11   sing N N 226 
LEU CD1   HD12   sing N N 227 
LEU CD1   HD13   sing N N 228 
LEU CD2   HD21   sing N N 229 
LEU CD2   HD22   sing N N 230 
LEU CD2   HD23   sing N N 231 
LEU OXT   HXT    sing N N 232 
LYS N     CA     sing N N 233 
LYS N     H      sing N N 234 
LYS N     H2     sing N N 235 
LYS CA    C      sing N N 236 
LYS CA    CB     sing N N 237 
LYS CA    HA     sing N N 238 
LYS C     O      doub N N 239 
LYS C     OXT    sing N N 240 
LYS CB    CG     sing N N 241 
LYS CB    HB2    sing N N 242 
LYS CB    HB3    sing N N 243 
LYS CG    CD     sing N N 244 
LYS CG    HG2    sing N N 245 
LYS CG    HG3    sing N N 246 
LYS CD    CE     sing N N 247 
LYS CD    HD2    sing N N 248 
LYS CD    HD3    sing N N 249 
LYS CE    NZ     sing N N 250 
LYS CE    HE2    sing N N 251 
LYS CE    HE3    sing N N 252 
LYS NZ    HZ1    sing N N 253 
LYS NZ    HZ2    sing N N 254 
LYS NZ    HZ3    sing N N 255 
LYS OXT   HXT    sing N N 256 
MET N     CA     sing N N 257 
MET N     H      sing N N 258 
MET N     H2     sing N N 259 
MET CA    C      sing N N 260 
MET CA    CB     sing N N 261 
MET CA    HA     sing N N 262 
MET C     O      doub N N 263 
MET C     OXT    sing N N 264 
MET CB    CG     sing N N 265 
MET CB    HB2    sing N N 266 
MET CB    HB3    sing N N 267 
MET CG    SD     sing N N 268 
MET CG    HG2    sing N N 269 
MET CG    HG3    sing N N 270 
MET SD    CE     sing N N 271 
MET CE    HE1    sing N N 272 
MET CE    HE2    sing N N 273 
MET CE    HE3    sing N N 274 
MET OXT   HXT    sing N N 275 
PHE N     CA     sing N N 276 
PHE N     H      sing N N 277 
PHE N     H2     sing N N 278 
PHE CA    C      sing N N 279 
PHE CA    CB     sing N N 280 
PHE CA    HA     sing N N 281 
PHE C     O      doub N N 282 
PHE C     OXT    sing N N 283 
PHE CB    CG     sing N N 284 
PHE CB    HB2    sing N N 285 
PHE CB    HB3    sing N N 286 
PHE CG    CD1    doub Y N 287 
PHE CG    CD2    sing Y N 288 
PHE CD1   CE1    sing Y N 289 
PHE CD1   HD1    sing N N 290 
PHE CD2   CE2    doub Y N 291 
PHE CD2   HD2    sing N N 292 
PHE CE1   CZ     doub Y N 293 
PHE CE1   HE1    sing N N 294 
PHE CE2   CZ     sing Y N 295 
PHE CE2   HE2    sing N N 296 
PHE CZ    HZ     sing N N 297 
PHE OXT   HXT    sing N N 298 
PRO N     CA     sing N N 299 
PRO N     CD     sing N N 300 
PRO N     H      sing N N 301 
PRO CA    C      sing N N 302 
PRO CA    CB     sing N N 303 
PRO CA    HA     sing N N 304 
PRO C     O      doub N N 305 
PRO C     OXT    sing N N 306 
PRO CB    CG     sing N N 307 
PRO CB    HB2    sing N N 308 
PRO CB    HB3    sing N N 309 
PRO CG    CD     sing N N 310 
PRO CG    HG2    sing N N 311 
PRO CG    HG3    sing N N 312 
PRO CD    HD2    sing N N 313 
PRO CD    HD3    sing N N 314 
PRO OXT   HXT    sing N N 315 
SER N     CA     sing N N 316 
SER N     H      sing N N 317 
SER N     H2     sing N N 318 
SER CA    C      sing N N 319 
SER CA    CB     sing N N 320 
SER CA    HA     sing N N 321 
SER C     O      doub N N 322 
SER C     OXT    sing N N 323 
SER CB    OG     sing N N 324 
SER CB    HB2    sing N N 325 
SER CB    HB3    sing N N 326 
SER OG    HG     sing N N 327 
SER OXT   HXT    sing N N 328 
THR N     CA     sing N N 329 
THR N     H      sing N N 330 
THR N     H2     sing N N 331 
THR CA    C      sing N N 332 
THR CA    CB     sing N N 333 
THR CA    HA     sing N N 334 
THR C     O      doub N N 335 
THR C     OXT    sing N N 336 
THR CB    OG1    sing N N 337 
THR CB    CG2    sing N N 338 
THR CB    HB     sing N N 339 
THR OG1   HG1    sing N N 340 
THR CG2   HG21   sing N N 341 
THR CG2   HG22   sing N N 342 
THR CG2   HG23   sing N N 343 
THR OXT   HXT    sing N N 344 
TRP N     CA     sing N N 345 
TRP N     H      sing N N 346 
TRP N     H2     sing N N 347 
TRP CA    C      sing N N 348 
TRP CA    CB     sing N N 349 
TRP CA    HA     sing N N 350 
TRP C     O      doub N N 351 
TRP C     OXT    sing N N 352 
TRP CB    CG     sing N N 353 
TRP CB    HB2    sing N N 354 
TRP CB    HB3    sing N N 355 
TRP CG    CD1    doub Y N 356 
TRP CG    CD2    sing Y N 357 
TRP CD1   NE1    sing Y N 358 
TRP CD1   HD1    sing N N 359 
TRP CD2   CE2    doub Y N 360 
TRP CD2   CE3    sing Y N 361 
TRP NE1   CE2    sing Y N 362 
TRP NE1   HE1    sing N N 363 
TRP CE2   CZ2    sing Y N 364 
TRP CE3   CZ3    doub Y N 365 
TRP CE3   HE3    sing N N 366 
TRP CZ2   CH2    doub Y N 367 
TRP CZ2   HZ2    sing N N 368 
TRP CZ3   CH2    sing Y N 369 
TRP CZ3   HZ3    sing N N 370 
TRP CH2   HH2    sing N N 371 
TRP OXT   HXT    sing N N 372 
TYR N     CA     sing N N 373 
TYR N     H      sing N N 374 
TYR N     H2     sing N N 375 
TYR CA    C      sing N N 376 
TYR CA    CB     sing N N 377 
TYR CA    HA     sing N N 378 
TYR C     O      doub N N 379 
TYR C     OXT    sing N N 380 
TYR CB    CG     sing N N 381 
TYR CB    HB2    sing N N 382 
TYR CB    HB3    sing N N 383 
TYR CG    CD1    doub Y N 384 
TYR CG    CD2    sing Y N 385 
TYR CD1   CE1    sing Y N 386 
TYR CD1   HD1    sing N N 387 
TYR CD2   CE2    doub Y N 388 
TYR CD2   HD2    sing N N 389 
TYR CE1   CZ     doub Y N 390 
TYR CE1   HE1    sing N N 391 
TYR CE2   CZ     sing Y N 392 
TYR CE2   HE2    sing N N 393 
TYR CZ    OH     sing N N 394 
TYR OH    HH     sing N N 395 
TYR OXT   HXT    sing N N 396 
VAL N     CA     sing N N 397 
VAL N     H      sing N N 398 
VAL N     H2     sing N N 399 
VAL CA    C      sing N N 400 
VAL CA    CB     sing N N 401 
VAL CA    HA     sing N N 402 
VAL C     O      doub N N 403 
VAL C     OXT    sing N N 404 
VAL CB    CG1    sing N N 405 
VAL CB    CG2    sing N N 406 
VAL CB    HB     sing N N 407 
VAL CG1   HG11   sing N N 408 
VAL CG1   HG12   sing N N 409 
VAL CG1   HG13   sing N N 410 
VAL CG2   HG21   sing N N 411 
VAL CG2   HG22   sing N N 412 
VAL CG2   HG23   sing N N 413 
VAL OXT   HXT    sing N N 414 
# 
_pdbx_initial_refinement_model.id               1 
_pdbx_initial_refinement_model.entity_id_list   ? 
_pdbx_initial_refinement_model.type             'experimental model' 
_pdbx_initial_refinement_model.source_name      PDB 
_pdbx_initial_refinement_model.accession_code   1DUP 
_pdbx_initial_refinement_model.details          'PDB ENTRY 1DUP' 
# 
_atom_sites.entry_id                    1DUC 
_atom_sites.fract_transf_matrix[1][1]   0.00169467 
_atom_sites.fract_transf_matrix[1][2]   -0.00354900 
_atom_sites.fract_transf_matrix[1][3]   -0.00850688 
_atom_sites.fract_transf_matrix[2][1]   -0.00454131 
_atom_sites.fract_transf_matrix[2][2]   0.00720536 
_atom_sites.fract_transf_matrix[2][3]   -0.00391070 
_atom_sites.fract_transf_matrix[3][1]   0.00802116 
_atom_sites.fract_transf_matrix[3][2]   0.00482926 
_atom_sites.fract_transf_matrix[3][3]   -0.00041681 
_atom_sites.fract_transf_vector[1]      0.189238 
_atom_sites.fract_transf_vector[2]      0.267688 
_atom_sites.fract_transf_vector[3]      0.323727 
# 
loop_
_atom_type.symbol 
C  
N  
O  
P  
S  
SR 
# 
loop_
_atom_site.group_PDB 
_atom_site.id 
_atom_site.type_symbol 
_atom_site.label_atom_id 
_atom_site.label_alt_id 
_atom_site.label_comp_id 
_atom_site.label_asym_id 
_atom_site.label_entity_id 
_atom_site.label_seq_id 
_atom_site.pdbx_PDB_ins_code 
_atom_site.Cartn_x 
_atom_site.Cartn_y 
_atom_site.Cartn_z 
_atom_site.occupancy 
_atom_site.B_iso_or_equiv 
_atom_site.pdbx_formal_charge 
_atom_site.auth_seq_id 
_atom_site.auth_comp_id 
_atom_site.auth_asym_id 
_atom_site.auth_atom_id 
_atom_site.pdbx_PDB_model_num 
ATOM   1    N  N     . MET A 1 1   ? 6.503   8.173   -12.141 1.00 29.64 ? 1   MET A N     1 
ATOM   2    C  CA    . MET A 1 1   ? 6.850   9.480   -11.520 1.00 28.24 ? 1   MET A CA    1 
ATOM   3    C  C     . MET A 1 1   ? 5.935   9.760   -10.337 1.00 22.13 ? 1   MET A C     1 
ATOM   4    O  O     . MET A 1 1   ? 4.719   9.513   -10.437 1.00 24.31 ? 1   MET A O     1 
ATOM   5    C  CB    . MET A 1 1   ? 6.541   10.503  -12.657 1.00 27.32 ? 1   MET A CB    1 
ATOM   6    C  CG    . MET A 1 1   ? 6.761   11.969  -12.332 1.00 41.89 ? 1   MET A CG    1 
ATOM   7    S  SD    . MET A 1 1   ? 6.644   12.906  -13.931 1.00 50.42 ? 1   MET A SD    1 
ATOM   8    C  CE    . MET A 1 1   ? 5.470   14.039  -13.686 0.00 63.26 ? 1   MET A CE    1 
ATOM   9    N  N     . LEU A 1 2   ? 6.442   10.387  -9.283  1.00 22.60 ? 2   LEU A N     1 
ATOM   10   C  CA    . LEU A 1 2   ? 5.600   10.784  -8.166  1.00 26.81 ? 2   LEU A CA    1 
ATOM   11   C  C     . LEU A 1 2   ? 6.383   11.777  -7.299  1.00 27.67 ? 2   LEU A C     1 
ATOM   12   O  O     . LEU A 1 2   ? 7.604   11.809  -7.460  1.00 29.71 ? 2   LEU A O     1 
ATOM   13   C  CB    . LEU A 1 2   ? 5.219   9.585   -7.281  1.00 21.22 ? 2   LEU A CB    1 
ATOM   14   C  CG    . LEU A 1 2   ? 6.224   9.060   -6.262  1.00 28.37 ? 2   LEU A CG    1 
ATOM   15   C  CD1   . LEU A 1 2   ? 5.576   8.065   -5.300  1.00 26.33 ? 2   LEU A CD1   1 
ATOM   16   C  CD2   . LEU A 1 2   ? 7.378   8.384   -7.021  1.00 29.07 ? 2   LEU A CD2   1 
ATOM   17   N  N     . ALA A 1 3   ? 5.659   12.443  -6.415  1.00 23.89 ? 3   ALA A N     1 
ATOM   18   C  CA    . ALA A 1 3   ? 6.324   13.157  -5.330  1.00 26.00 ? 3   ALA A CA    1 
ATOM   19   C  C     . ALA A 1 3   ? 5.858   12.464  -4.052  1.00 26.17 ? 3   ALA A C     1 
ATOM   20   O  O     . ALA A 1 3   ? 4.705   11.969  -4.015  1.00 22.60 ? 3   ALA A O     1 
ATOM   21   C  CB    . ALA A 1 3   ? 5.892   14.644  -5.341  1.00 27.97 ? 3   ALA A CB    1 
ATOM   22   N  N     . TYR A 1 4   ? 6.638   12.523  -2.977  1.00 21.53 ? 4   TYR A N     1 
ATOM   23   C  CA    . TYR A 1 4   ? 6.168   11.969  -1.711  1.00 24.58 ? 4   TYR A CA    1 
ATOM   24   C  C     . TYR A 1 4   ? 6.828   12.681  -0.529  1.00 29.21 ? 4   TYR A C     1 
ATOM   25   O  O     . TYR A 1 4   ? 7.899   13.263  -0.703  1.00 25.51 ? 4   TYR A O     1 
ATOM   26   C  CB    . TYR A 1 4   ? 6.473   10.481  -1.544  1.00 23.88 ? 4   TYR A CB    1 
ATOM   27   C  CG    . TYR A 1 4   ? 7.910   9.999   -1.668  1.00 23.98 ? 4   TYR A CG    1 
ATOM   28   C  CD1   . TYR A 1 4   ? 8.768   9.943   -0.589  1.00 27.40 ? 4   TYR A CD1   1 
ATOM   29   C  CD2   . TYR A 1 4   ? 8.379   9.596   -2.895  1.00 26.33 ? 4   TYR A CD2   1 
ATOM   30   C  CE1   . TYR A 1 4   ? 10.075  9.498   -0.710  1.00 28.05 ? 4   TYR A CE1   1 
ATOM   31   C  CE2   . TYR A 1 4   ? 9.692   9.153   -3.054  1.00 31.99 ? 4   TYR A CE2   1 
ATOM   32   C  CZ    . TYR A 1 4   ? 10.510  9.101   -1.951  1.00 34.04 ? 4   TYR A CZ    1 
ATOM   33   O  OH    . TYR A 1 4   ? 11.799  8.653   -2.115  1.00 41.07 ? 4   TYR A OH    1 
ATOM   34   N  N     . GLN A 1 5   ? 6.209   12.521  0.627   1.00 25.89 ? 5   GLN A N     1 
ATOM   35   C  CA    . GLN A 1 5   ? 6.767   13.066  1.873   1.00 29.31 ? 5   GLN A CA    1 
ATOM   36   C  C     . GLN A 1 5   ? 6.502   11.973  2.927   1.00 29.20 ? 5   GLN A C     1 
ATOM   37   O  O     . GLN A 1 5   ? 5.518   11.208  2.756   1.00 24.05 ? 5   GLN A O     1 
ATOM   38   C  CB    . GLN A 1 5   ? 5.971   14.261  2.360   1.00 31.95 ? 5   GLN A CB    1 
ATOM   39   C  CG    . GLN A 1 5   ? 5.812   15.495  1.521   1.00 54.89 ? 5   GLN A CG    1 
ATOM   40   C  CD    . GLN A 1 5   ? 4.993   16.533  2.275   1.00 62.66 ? 5   GLN A CD    1 
ATOM   41   O  OE1   . GLN A 1 5   ? 5.566   17.508  2.746   1.00 75.32 ? 5   GLN A OE1   1 
ATOM   42   N  NE2   . GLN A 1 5   ? 3.693   16.306  2.382   1.00 72.92 ? 5   GLN A NE2   1 
ATOM   43   N  N     . GLY A 1 6   ? 7.235   12.042  4.016   1.00 23.24 ? 6   GLY A N     1 
ATOM   44   C  CA    . GLY A 1 6   ? 7.012   11.212  5.188   1.00 22.78 ? 6   GLY A CA    1 
ATOM   45   C  C     . GLY A 1 6   ? 8.244   10.443  5.601   1.00 24.71 ? 6   GLY A C     1 
ATOM   46   O  O     . GLY A 1 6   ? 9.164   10.179  4.790   1.00 25.13 ? 6   GLY A O     1 
ATOM   47   N  N     . THR A 1 7   ? 8.271   9.974   6.832   1.00 23.86 ? 7   THR A N     1 
ATOM   48   C  CA    . THR A 1 7   ? 9.486   9.259   7.273   1.00 22.80 ? 7   THR A CA    1 
ATOM   49   C  C     . THR A 1 7   ? 9.201   7.763   7.167   1.00 24.53 ? 7   THR A C     1 
ATOM   50   O  O     . THR A 1 7   ? 10.132  6.975   7.263   1.00 20.29 ? 7   THR A O     1 
ATOM   51   C  CB    . THR A 1 7   ? 9.715   9.539   8.787   1.00 29.13 ? 7   THR A CB    1 
ATOM   52   O  OG1   . THR A 1 7   ? 8.515   9.191   9.489   1.00 28.81 ? 7   THR A OG1   1 
ATOM   53   C  CG2   . THR A 1 7   ? 9.914   11.068  8.984   1.00 30.73 ? 7   THR A CG2   1 
ATOM   54   N  N     . GLN A 1 8   ? 7.939   7.330   6.946   1.00 20.22 ? 8   GLN A N     1 
ATOM   55   C  CA    . GLN A 1 8   ? 7.712   5.871   6.939   1.00 18.60 ? 8   GLN A CA    1 
ATOM   56   C  C     . GLN A 1 8   ? 7.780   5.266   5.554   1.00 21.46 ? 8   GLN A C     1 
ATOM   57   O  O     . GLN A 1 8   ? 7.130   4.244   5.279   1.00 20.01 ? 8   GLN A O     1 
ATOM   58   C  CB    . GLN A 1 8   ? 6.332   5.562   7.564   1.00 15.88 ? 8   GLN A CB    1 
ATOM   59   C  CG    . GLN A 1 8   ? 6.380   5.823   9.098   1.00 22.53 ? 8   GLN A CG    1 
ATOM   60   C  CD    . GLN A 1 8   ? 4.956   5.667   9.611   1.00 23.70 ? 8   GLN A CD    1 
ATOM   61   O  OE1   . GLN A 1 8   ? 4.389   6.677   10.002  1.00 25.22 ? 8   GLN A OE1   1 
ATOM   62   N  NE2   . GLN A 1 8   ? 4.311   4.479   9.584   1.00 27.04 ? 8   GLN A NE2   1 
ATOM   63   N  N     . ILE A 1 9   ? 8.431   5.892   4.608   1.00 22.05 ? 9   ILE A N     1 
ATOM   64   C  CA    . ILE A 1 9   ? 8.559   5.333   3.249   1.00 22.43 ? 9   ILE A CA    1 
ATOM   65   C  C     . ILE A 1 9   ? 10.082  5.328   3.028   1.00 27.35 ? 9   ILE A C     1 
ATOM   66   O  O     . ILE A 1 9   ? 10.690  6.349   3.384   1.00 27.23 ? 9   ILE A O     1 
ATOM   67   C  CB    . ILE A 1 9   ? 7.797   6.130   2.232   1.00 21.09 ? 9   ILE A CB    1 
ATOM   68   C  CG1   . ILE A 1 9   ? 8.174   5.676   0.807   1.00 18.49 ? 9   ILE A CG1   1 
ATOM   69   C  CG2   . ILE A 1 9   ? 8.071   7.668   2.272   1.00 26.60 ? 9   ILE A CG2   1 
ATOM   70   C  CD1   . ILE A 1 9   ? 7.081   6.023   -0.186  1.00 24.57 ? 9   ILE A CD1   1 
ATOM   71   N  N     . LYS A 1 10  ? 10.682  4.334   2.456   1.00 26.46 ? 10  LYS A N     1 
ATOM   72   C  CA    . LYS A 1 10  ? 12.135  4.288   2.261   1.00 30.08 ? 10  LYS A CA    1 
ATOM   73   C  C     . LYS A 1 10  ? 12.486  4.382   0.796   1.00 30.18 ? 10  LYS A C     1 
ATOM   74   O  O     . LYS A 1 10  ? 11.786  3.778   -0.057  1.00 25.24 ? 10  LYS A O     1 
ATOM   75   C  CB    . LYS A 1 10  ? 12.572  2.983   2.927   1.00 34.79 ? 10  LYS A CB    1 
ATOM   76   C  CG    . LYS A 1 10  ? 13.925  2.431   2.602   1.00 51.46 ? 10  LYS A CG    1 
ATOM   77   C  CD    . LYS A 1 10  ? 14.264  1.124   3.321   1.00 55.29 ? 10  LYS A CD    1 
ATOM   78   C  CE    . LYS A 1 10  ? 15.648  0.652   2.870   1.00 57.61 ? 10  LYS A CE    1 
ATOM   79   N  NZ    . LYS A 1 10  ? 16.044  -0.694  3.352   1.00 54.27 ? 10  LYS A NZ    1 
ATOM   80   N  N     . GLU A 1 11  ? 13.612  5.021   0.428   1.00 26.94 ? 11  GLU A N     1 
ATOM   81   C  CA    . GLU A 1 11  ? 14.066  5.067   -0.959  1.00 23.79 ? 11  GLU A CA    1 
ATOM   82   C  C     . GLU A 1 11  ? 14.270  3.657   -1.495  1.00 21.00 ? 11  GLU A C     1 
ATOM   83   O  O     . GLU A 1 11  ? 14.629  2.774   -0.736  1.00 21.40 ? 11  GLU A O     1 
ATOM   84   C  CB    . GLU A 1 11  ? 15.386  5.892   -1.124  1.00 36.38 ? 11  GLU A CB    1 
ATOM   85   C  CG    . GLU A 1 11  ? 14.997  7.368   -1.305  1.00 52.03 ? 11  GLU A CG    1 
ATOM   86   C  CD    . GLU A 1 11  ? 15.909  8.226   -2.150  1.00 77.85 ? 11  GLU A CD    1 
ATOM   87   O  OE1   . GLU A 1 11  ? 16.362  7.794   -3.243  1.00 85.86 ? 11  GLU A OE1   1 
ATOM   88   O  OE2   . GLU A 1 11  ? 16.211  9.394   -1.757  1.00 81.70 ? 11  GLU A OE2   1 
ATOM   89   N  N     . LYS A 1 12  ? 14.034  3.407   -2.779  1.00 19.90 ? 12  LYS A N     1 
ATOM   90   C  CA    . LYS A 1 12  ? 14.042  2.018   -3.247  1.00 25.06 ? 12  LYS A CA    1 
ATOM   91   C  C     . LYS A 1 12  ? 15.192  1.815   -4.232  1.00 22.58 ? 12  LYS A C     1 
ATOM   92   O  O     . LYS A 1 12  ? 15.607  2.834   -4.801  1.00 24.63 ? 12  LYS A O     1 
ATOM   93   C  CB    . LYS A 1 12  ? 12.682  1.774   -3.981  1.00 20.15 ? 12  LYS A CB    1 
ATOM   94   C  CG    . LYS A 1 12  ? 12.487  2.785   -5.125  1.00 24.19 ? 12  LYS A CG    1 
ATOM   95   C  CD    . LYS A 1 12  ? 11.145  2.530   -5.828  1.00 26.75 ? 12  LYS A CD    1 
ATOM   96   C  CE    . LYS A 1 12  ? 10.998  1.215   -6.579  1.00 22.50 ? 12  LYS A CE    1 
ATOM   97   N  NZ    . LYS A 1 12  ? 11.912  1.145   -7.799  1.00 18.28 ? 12  LYS A NZ    1 
ATOM   98   N  N     . ARG A 1 13  ? 15.480  0.615   -4.598  1.00 24.33 ? 13  ARG A N     1 
ATOM   99   C  CA    . ARG A 1 13  ? 16.367  0.306   -5.726  1.00 25.42 ? 13  ARG A CA    1 
ATOM   100  C  C     . ARG A 1 13  ? 15.586  0.366   -7.015  1.00 26.71 ? 13  ARG A C     1 
ATOM   101  O  O     . ARG A 1 13  ? 14.373  0.033   -7.057  1.00 25.18 ? 13  ARG A O     1 
ATOM   102  C  CB    . ARG A 1 13  ? 16.923  -1.113  -5.550  1.00 26.62 ? 13  ARG A CB    1 
ATOM   103  C  CG    . ARG A 1 13  ? 17.751  -1.272  -4.269  1.00 40.55 ? 13  ARG A CG    1 
ATOM   104  C  CD    . ARG A 1 13  ? 17.976  -2.722  -3.837  1.00 47.54 ? 13  ARG A CD    1 
ATOM   105  N  NE    . ARG A 1 13  ? 17.713  -3.774  -4.809  1.00 52.84 ? 13  ARG A NE    1 
ATOM   106  C  CZ    . ARG A 1 13  ? 17.089  -4.954  -4.685  1.00 36.48 ? 13  ARG A CZ    1 
ATOM   107  N  NH1   . ARG A 1 13  ? 16.893  -5.308  -3.361  0.00 88.88 ? 13  ARG A NH1   1 
ATOM   108  N  NH2   . ARG A 1 13  ? 16.843  -5.887  -5.551  0.00 88.88 ? 13  ARG A NH2   1 
ATOM   109  N  N     . ASP A 1 14  ? 16.300  0.645   -8.132  1.00 20.26 ? 14  ASP A N     1 
ATOM   110  C  CA    . ASP A 1 14  ? 15.586  0.780   -9.400  1.00 20.63 ? 14  ASP A CA    1 
ATOM   111  C  C     . ASP A 1 14  ? 14.914  -0.536  -9.819  1.00 19.43 ? 14  ASP A C     1 
ATOM   112  O  O     . ASP A 1 14  ? 13.849  -0.486  -10.401 1.00 23.15 ? 14  ASP A O     1 
ATOM   113  C  CB    . ASP A 1 14  ? 16.532  1.138   -10.558 1.00 32.05 ? 14  ASP A CB    1 
ATOM   114  C  CG    . ASP A 1 14  ? 16.997  2.589   -10.412 1.00 42.59 ? 14  ASP A CG    1 
ATOM   115  O  OD1   . ASP A 1 14  ? 16.363  3.436   -9.764  1.00 34.68 ? 14  ASP A OD1   1 
ATOM   116  O  OD2   . ASP A 1 14  ? 18.076  2.844   -10.981 1.00 46.70 ? 14  ASP A OD2   1 
ATOM   117  N  N     . GLU A 1 15  ? 15.550  -1.664  -9.488  1.00 17.94 ? 15  GLU A N     1 
ATOM   118  C  CA    . GLU A 1 15  ? 15.067  -2.965  -9.945  1.00 18.93 ? 15  GLU A CA    1 
ATOM   119  C  C     . GLU A 1 15  ? 13.964  -3.584  -9.096  1.00 19.71 ? 15  GLU A C     1 
ATOM   120  O  O     . GLU A 1 15  ? 13.571  -4.726  -9.361  1.00 20.37 ? 15  GLU A O     1 
ATOM   121  C  CB    . GLU A 1 15  ? 16.269  -3.901  -10.129 1.00 20.18 ? 15  GLU A CB    1 
ATOM   122  C  CG    . GLU A 1 15  ? 16.898  -4.411  -8.862  1.00 31.75 ? 15  GLU A CG    1 
ATOM   123  C  CD    . GLU A 1 15  ? 17.953  -3.444  -8.320  1.00 49.24 ? 15  GLU A CD    1 
ATOM   124  O  OE1   . GLU A 1 15  ? 18.189  -2.298  -8.799  1.00 36.65 ? 15  GLU A OE1   1 
ATOM   125  O  OE2   . GLU A 1 15  ? 18.565  -3.903  -7.332  1.00 48.89 ? 15  GLU A OE2   1 
ATOM   126  N  N     . ASP A 1 16  ? 13.468  -2.864  -8.081  1.00 17.54 ? 16  ASP A N     1 
ATOM   127  C  CA    . ASP A 1 16  ? 12.346  -3.316  -7.257  1.00 21.15 ? 16  ASP A CA    1 
ATOM   128  C  C     . ASP A 1 16  ? 11.126  -2.518  -7.730  1.00 18.85 ? 16  ASP A C     1 
ATOM   129  O  O     . ASP A 1 16  ? 11.208  -1.383  -8.209  1.00 18.52 ? 16  ASP A O     1 
ATOM   130  C  CB    . ASP A 1 16  ? 12.547  -3.010  -5.733  1.00 19.89 ? 16  ASP A CB    1 
ATOM   131  C  CG    . ASP A 1 16  ? 13.602  -3.982  -5.229  1.00 23.23 ? 16  ASP A CG    1 
ATOM   132  O  OD1   . ASP A 1 16  ? 13.610  -5.140  -5.688  1.00 19.60 ? 16  ASP A OD1   1 
ATOM   133  O  OD2   . ASP A 1 16  ? 14.401  -3.676  -4.355  1.00 18.96 ? 16  ASP A OD2   1 
ATOM   134  N  N     . ALA A 1 17  ? 9.947   -3.174  -7.608  1.00 16.67 ? 17  ALA A N     1 
ATOM   135  C  CA    . ALA A 1 17  ? 8.740   -2.522  -8.101  1.00 19.16 ? 17  ALA A CA    1 
ATOM   136  C  C     . ALA A 1 17  ? 8.234   -1.430  -7.199  1.00 18.10 ? 17  ALA A C     1 
ATOM   137  O  O     . ALA A 1 17  ? 7.423   -0.591  -7.699  1.00 19.40 ? 17  ALA A O     1 
ATOM   138  C  CB    . ALA A 1 17  ? 7.630   -3.650  -8.173  1.00 16.77 ? 17  ALA A CB    1 
ATOM   139  N  N     . GLY A 1 18  ? 8.467   -1.517  -5.899  1.00 17.22 ? 18  GLY A N     1 
ATOM   140  C  CA    . GLY A 1 18  ? 7.709   -0.665  -4.966  1.00 17.63 ? 18  GLY A CA    1 
ATOM   141  C  C     . GLY A 1 18  ? 8.667   -0.089  -3.893  1.00 20.91 ? 18  GLY A C     1 
ATOM   142  O  O     . GLY A 1 18  ? 9.774   -0.567  -3.692  1.00 20.38 ? 18  GLY A O     1 
ATOM   143  N  N     . PHE A 1 19  ? 8.182   0.895   -3.185  1.00 19.27 ? 19  PHE A N     1 
ATOM   144  C  CA    . PHE A 1 19  ? 8.850   1.494   -2.036  1.00 17.35 ? 19  PHE A CA    1 
ATOM   145  C  C     . PHE A 1 19  ? 8.346   0.689   -0.822  1.00 18.24 ? 19  PHE A C     1 
ATOM   146  O  O     . PHE A 1 19  ? 7.131   0.590   -0.622  1.00 17.58 ? 19  PHE A O     1 
ATOM   147  C  CB    . PHE A 1 19  ? 8.373   2.936   -1.889  1.00 16.63 ? 19  PHE A CB    1 
ATOM   148  C  CG    . PHE A 1 19  ? 8.695   3.866   -3.028  1.00 22.37 ? 19  PHE A CG    1 
ATOM   149  C  CD1   . PHE A 1 19  ? 7.842   4.007   -4.101  1.00 17.34 ? 19  PHE A CD1   1 
ATOM   150  C  CD2   . PHE A 1 19  ? 9.893   4.580   -3.014  1.00 19.67 ? 19  PHE A CD2   1 
ATOM   151  C  CE1   . PHE A 1 19  ? 8.142   4.830   -5.179  1.00 24.05 ? 19  PHE A CE1   1 
ATOM   152  C  CE2   . PHE A 1 19  ? 10.197  5.444   -4.085  1.00 25.75 ? 19  PHE A CE2   1 
ATOM   153  C  CZ    . PHE A 1 19  ? 9.342   5.579   -5.158  1.00 22.63 ? 19  PHE A CZ    1 
ATOM   154  N  N     . ASP A 1 20  ? 9.236   0.386   0.110   1.00 14.68 ? 20  ASP A N     1 
ATOM   155  C  CA    . ASP A 1 20  ? 8.812   -0.163  1.400   1.00 18.00 ? 20  ASP A CA    1 
ATOM   156  C  C     . ASP A 1 20  ? 8.222   0.949   2.253   1.00 19.82 ? 20  ASP A C     1 
ATOM   157  O  O     . ASP A 1 20  ? 8.732   2.085   2.306   1.00 18.37 ? 20  ASP A O     1 
ATOM   158  C  CB    . ASP A 1 20  ? 10.077  -0.735  2.117   1.00 17.95 ? 20  ASP A CB    1 
ATOM   159  C  CG    . ASP A 1 20  ? 10.481  -2.037  1.455   1.00 22.60 ? 20  ASP A CG    1 
ATOM   160  O  OD1   . ASP A 1 20  ? 9.599   -2.945  1.346   1.00 25.25 ? 20  ASP A OD1   1 
ATOM   161  O  OD2   . ASP A 1 20  ? 11.623  -2.273  1.021   1.00 23.01 ? 20  ASP A OD2   1 
ATOM   162  N  N     . LEU A 1 21  ? 7.176   0.563   2.986   1.00 19.32 ? 21  LEU A N     1 
ATOM   163  C  CA    . LEU A 1 21  ? 6.500   1.333   4.006   1.00 16.15 ? 21  LEU A CA    1 
ATOM   164  C  C     . LEU A 1 21  ? 6.865   0.661   5.335   1.00 18.51 ? 21  LEU A C     1 
ATOM   165  O  O     . LEU A 1 21  ? 6.915   -0.574  5.455   1.00 16.97 ? 21  LEU A O     1 
ATOM   166  C  CB    . LEU A 1 21  ? 4.972   1.301   3.826   1.00 19.34 ? 21  LEU A CB    1 
ATOM   167  C  CG    . LEU A 1 21  ? 4.483   1.707   2.435   1.00 21.12 ? 21  LEU A CG    1 
ATOM   168  C  CD1   . LEU A 1 21  ? 2.955   1.776   2.313   1.00 20.98 ? 21  LEU A CD1   1 
ATOM   169  C  CD2   . LEU A 1 21  ? 5.013   3.157   2.191   1.00 20.52 ? 21  LEU A CD2   1 
ATOM   170  N  N     . CYS A 1 22  ? 7.152   1.503   6.330   1.00 17.17 ? 22  CYS A N     1 
ATOM   171  C  CA    A CYS A 1 22  ? 7.762   1.107   7.586   0.50 18.00 ? 22  CYS A CA    1 
ATOM   172  C  CA    B CYS A 1 22  ? 7.711   0.894   7.563   0.50 16.31 ? 22  CYS A CA    1 
ATOM   173  C  C     . CYS A 1 22  ? 6.779   1.234   8.722   1.00 19.36 ? 22  CYS A C     1 
ATOM   174  O  O     . CYS A 1 22  ? 5.970   2.182   8.808   1.00 17.65 ? 22  CYS A O     1 
ATOM   175  C  CB    A CYS A 1 22  ? 9.016   2.005   7.865   0.50 9.32  ? 22  CYS A CB    1 
ATOM   176  C  CB    B CYS A 1 22  ? 9.240   1.262   7.568   0.50 14.00 ? 22  CYS A CB    1 
ATOM   177  S  SG    A CYS A 1 22  ? 10.179  2.406   6.518   0.50 11.21 ? 22  CYS A SG    1 
ATOM   178  S  SG    B CYS A 1 22  ? 10.243  0.819   6.084   0.50 20.77 ? 22  CYS A SG    1 
ATOM   179  N  N     . VAL A 1 23  ? 6.648   0.266   9.631   1.00 18.07 ? 23  VAL A N     1 
ATOM   180  C  CA    . VAL A 1 23  ? 5.707   0.239   10.750  1.00 18.22 ? 23  VAL A CA    1 
ATOM   181  C  C     . VAL A 1 23  ? 6.060   1.346   11.710  1.00 17.02 ? 23  VAL A C     1 
ATOM   182  O  O     . VAL A 1 23  ? 7.217   1.396   12.137  1.00 19.42 ? 23  VAL A O     1 
ATOM   183  C  CB    . VAL A 1 23  ? 6.014   -1.146  11.405  1.00 27.11 ? 23  VAL A CB    1 
ATOM   184  C  CG1   . VAL A 1 23  ? 5.728   -1.301  12.856  1.00 30.15 ? 23  VAL A CG1   1 
ATOM   185  C  CG2   . VAL A 1 23  ? 5.294   -2.210  10.565  1.00 27.58 ? 23  VAL A CG2   1 
ATOM   186  N  N     . PRO A 1 24  ? 5.108   2.106   12.210  1.00 19.88 ? 24  PRO A N     1 
ATOM   187  C  CA    . PRO A 1 24  ? 5.396   3.265   13.036  1.00 23.60 ? 24  PRO A CA    1 
ATOM   188  C  C     . PRO A 1 24  ? 5.693   2.852   14.475  1.00 24.10 ? 24  PRO A C     1 
ATOM   189  O  O     . PRO A 1 24  ? 6.325   3.655   15.149  1.00 22.01 ? 24  PRO A O     1 
ATOM   190  C  CB    . PRO A 1 24  ? 4.165   4.190   12.945  1.00 24.92 ? 24  PRO A CB    1 
ATOM   191  C  CG    . PRO A 1 24  ? 3.068   3.145   12.638  1.00 24.93 ? 24  PRO A CG    1 
ATOM   192  C  CD    . PRO A 1 24  ? 3.723   2.093   11.716  1.00 19.57 ? 24  PRO A CD    1 
ATOM   193  N  N     . TYR A 1 25  ? 5.216   1.766   15.018  1.00 19.53 ? 25  TYR A N     1 
ATOM   194  C  CA    . TYR A 1 25  ? 5.417   1.457   16.468  1.00 21.31 ? 25  TYR A CA    1 
ATOM   195  C  C     . TYR A 1 25  ? 5.175   -0.031  16.616  1.00 23.02 ? 25  TYR A C     1 
ATOM   196  O  O     . TYR A 1 25  ? 4.585   -0.638  15.658  1.00 25.14 ? 25  TYR A O     1 
ATOM   197  C  CB    . TYR A 1 25  ? 4.441   2.262   17.394  1.00 25.01 ? 25  TYR A CB    1 
ATOM   198  C  CG    . TYR A 1 25  ? 3.035   2.459   16.846  1.00 28.91 ? 25  TYR A CG    1 
ATOM   199  C  CD1   . TYR A 1 25  ? 2.167   1.405   16.796  1.00 33.27 ? 25  TYR A CD1   1 
ATOM   200  C  CD2   . TYR A 1 25  ? 2.559   3.694   16.385  1.00 29.52 ? 25  TYR A CD2   1 
ATOM   201  C  CE1   . TYR A 1 25  ? 0.881   1.504   16.305  1.00 37.13 ? 25  TYR A CE1   1 
ATOM   202  C  CE2   . TYR A 1 25  ? 1.270   3.826   15.903  1.00 31.30 ? 25  TYR A CE2   1 
ATOM   203  C  CZ    . TYR A 1 25  ? 0.444   2.741   15.848  1.00 36.56 ? 25  TYR A CZ    1 
ATOM   204  O  OH    . TYR A 1 25  ? -0.833  2.801   15.353  1.00 40.58 ? 25  TYR A OH    1 
ATOM   205  N  N     . ASP A 1 26  ? 5.581   -0.674  17.693  1.00 20.35 ? 26  ASP A N     1 
ATOM   206  C  CA    . ASP A 1 26  ? 5.370   -2.081  17.903  1.00 18.29 ? 26  ASP A CA    1 
ATOM   207  C  C     . ASP A 1 26  ? 3.875   -2.389  17.980  1.00 23.70 ? 26  ASP A C     1 
ATOM   208  O  O     . ASP A 1 26  ? 3.144   -1.627  18.626  1.00 22.47 ? 26  ASP A O     1 
ATOM   209  C  CB    . ASP A 1 26  ? 6.009   -2.562  19.216  1.00 23.53 ? 26  ASP A CB    1 
ATOM   210  C  CG    . ASP A 1 26  ? 7.502   -2.303  19.219  1.00 28.17 ? 26  ASP A CG    1 
ATOM   211  O  OD1   . ASP A 1 26  ? 8.211   -2.404  18.212  1.00 22.49 ? 26  ASP A OD1   1 
ATOM   212  O  OD2   . ASP A 1 26  ? 8.056   -1.963  20.301  1.00 21.89 ? 26  ASP A OD2   1 
ATOM   213  N  N     . ILE A 1 27  ? 3.477   -3.477  17.332  1.00 21.60 ? 27  ILE A N     1 
ATOM   214  C  CA    . ILE A 1 27  ? 2.016   -3.751  17.394  1.00 22.83 ? 27  ILE A CA    1 
ATOM   215  C  C     . ILE A 1 27  ? 1.826   -5.227  17.147  1.00 26.27 ? 27  ILE A C     1 
ATOM   216  O  O     . ILE A 1 27  ? 2.480   -5.849  16.305  1.00 27.38 ? 27  ILE A O     1 
ATOM   217  C  CB    . ILE A 1 27  ? 1.191   -2.909  16.421  1.00 31.87 ? 27  ILE A CB    1 
ATOM   218  C  CG1   . ILE A 1 27  ? -0.298  -3.396  16.480  1.00 36.96 ? 27  ILE A CG1   1 
ATOM   219  C  CG2   . ILE A 1 27  ? 1.702   -3.052  15.012  1.00 29.37 ? 27  ILE A CG2   1 
ATOM   220  C  CD1   . ILE A 1 27  ? -1.314  -2.268  16.431  1.00 37.39 ? 27  ILE A CD1   1 
ATOM   221  N  N     . MET A 1 28  ? 0.906   -5.812  17.917  1.00 26.25 ? 28  MET A N     1 
ATOM   222  C  CA    . MET A 1 28  ? 0.594   -7.229  17.770  1.00 26.55 ? 28  MET A CA    1 
ATOM   223  C  C     . MET A 1 28  ? -0.730  -7.379  17.028  1.00 26.83 ? 28  MET A C     1 
ATOM   224  O  O     . MET A 1 28  ? -1.643  -6.577  17.223  1.00 23.82 ? 28  MET A O     1 
ATOM   225  C  CB    . MET A 1 28  ? 0.487   -7.902  19.134  1.00 39.86 ? 28  MET A CB    1 
ATOM   226  C  CG    . MET A 1 28  ? 0.781   -9.411  19.085  1.00 48.41 ? 28  MET A CG    1 
ATOM   227  S  SD    . MET A 1 28  ? -0.825  -10.227 19.060  1.00 71.75 ? 28  MET A SD    1 
ATOM   228  C  CE    . MET A 1 28  ? -1.250  -10.153 20.814  1.00 63.70 ? 28  MET A CE    1 
ATOM   229  N  N     . ILE A 1 29  ? -0.787  -8.317  16.070  1.00 23.11 ? 29  ILE A N     1 
ATOM   230  C  CA    . ILE A 1 29  ? -2.112  -8.439  15.392  1.00 22.43 ? 29  ILE A CA    1 
ATOM   231  C  C     . ILE A 1 29  ? -2.571  -9.881  15.580  1.00 23.64 ? 29  ILE A C     1 
ATOM   232  O  O     . ILE A 1 29  ? -1.979  -10.849 15.083  1.00 24.84 ? 29  ILE A O     1 
ATOM   233  C  CB    . ILE A 1 29  ? -2.048  -8.169  13.901  1.00 26.19 ? 29  ILE A CB    1 
ATOM   234  C  CG1   . ILE A 1 29  ? -1.616  -6.691  13.649  1.00 25.88 ? 29  ILE A CG1   1 
ATOM   235  C  CG2   . ILE A 1 29  ? -3.430  -8.401  13.255  1.00 25.42 ? 29  ILE A CG2   1 
ATOM   236  C  CD1   . ILE A 1 29  ? -1.360  -6.431  12.186  1.00 31.51 ? 29  ILE A CD1   1 
ATOM   237  N  N     . PRO A 1 30  ? -3.537  -10.067 16.470  1.00 27.11 ? 30  PRO A N     1 
ATOM   238  C  CA    . PRO A 1 30  ? -4.056  -11.376 16.832  1.00 29.22 ? 30  PRO A CA    1 
ATOM   239  C  C     . PRO A 1 30  ? -4.719  -12.065 15.632  1.00 27.56 ? 30  PRO A C     1 
ATOM   240  O  O     . PRO A 1 30  ? -5.209  -11.425 14.702  1.00 24.17 ? 30  PRO A O     1 
ATOM   241  C  CB    . PRO A 1 30  ? -5.140  -11.092 17.940  1.00 33.75 ? 30  PRO A CB    1 
ATOM   242  C  CG    . PRO A 1 30  ? -4.633  -9.753  18.454  1.00 35.45 ? 30  PRO A CG    1 
ATOM   243  C  CD    . PRO A 1 30  ? -4.263  -8.975  17.159  1.00 29.88 ? 30  PRO A CD    1 
ATOM   244  N  N     . VAL A 1 31  ? -4.715  -13.395 15.642  1.00 30.19 ? 31  VAL A N     1 
ATOM   245  C  CA    . VAL A 1 31  ? -5.378  -14.194 14.604  1.00 31.80 ? 31  VAL A CA    1 
ATOM   246  C  C     . VAL A 1 31  ? -6.750  -13.665 14.297  1.00 34.36 ? 31  VAL A C     1 
ATOM   247  O  O     . VAL A 1 31  ? -7.556  -13.300 15.159  1.00 34.64 ? 31  VAL A O     1 
ATOM   248  C  CB    . VAL A 1 31  ? -5.505  -15.662 15.061  1.00 39.53 ? 31  VAL A CB    1 
ATOM   249  C  CG1   . VAL A 1 31  ? -6.232  -16.558 14.066  1.00 40.95 ? 31  VAL A CG1   1 
ATOM   250  C  CG2   . VAL A 1 31  ? -4.123  -16.241 15.299  1.00 37.99 ? 31  VAL A CG2   1 
ATOM   251  N  N     . SER A 1 32  ? -7.080  -13.504 13.021  1.00 30.82 ? 32  SER A N     1 
ATOM   252  C  CA    . SER A 1 32  ? -8.320  -12.958 12.554  1.00 28.08 ? 32  SER A CA    1 
ATOM   253  C  C     . SER A 1 32  ? -8.574  -11.516 12.863  1.00 27.87 ? 32  SER A C     1 
ATOM   254  O  O     . SER A 1 32  ? -9.668  -11.060 12.494  1.00 28.95 ? 32  SER A O     1 
ATOM   255  C  CB    . SER A 1 32  ? -9.546  -13.712 13.167  1.00 45.36 ? 32  SER A CB    1 
ATOM   256  O  OG    . SER A 1 32  ? -9.487  -15.038 12.685  1.00 49.91 ? 32  SER A OG    1 
ATOM   257  N  N     . ASP A 1 33  ? -7.712  -10.755 13.484  1.00 26.63 ? 33  ASP A N     1 
ATOM   258  C  CA    . ASP A 1 33  ? -8.123  -9.345  13.670  1.00 24.50 ? 33  ASP A CA    1 
ATOM   259  C  C     . ASP A 1 33  ? -7.686  -8.510  12.475  1.00 26.19 ? 33  ASP A C     1 
ATOM   260  O  O     . ASP A 1 33  ? -6.780  -8.931  11.747  1.00 24.20 ? 33  ASP A O     1 
ATOM   261  C  CB    . ASP A 1 33  ? -7.250  -8.868  14.827  1.00 28.43 ? 33  ASP A CB    1 
ATOM   262  C  CG    . ASP A 1 33  ? -7.981  -7.840  15.677  1.00 46.94 ? 33  ASP A CG    1 
ATOM   263  O  OD1   . ASP A 1 33  ? -9.123  -7.452  15.315  1.00 47.89 ? 33  ASP A OD1   1 
ATOM   264  O  OD2   . ASP A 1 33  ? -7.327  -7.476  16.682  1.00 50.60 ? 33  ASP A OD2   1 
ATOM   265  N  N     . THR A 1 34  ? -8.199  -7.309  12.425  1.00 22.70 ? 34  THR A N     1 
ATOM   266  C  CA    . THR A 1 34  ? -7.886  -6.336  11.421  1.00 23.52 ? 34  THR A CA    1 
ATOM   267  C  C     . THR A 1 34  ? -7.394  -5.069  12.129  1.00 29.70 ? 34  THR A C     1 
ATOM   268  O  O     . THR A 1 34  ? -8.098  -4.663  13.068  1.00 27.92 ? 34  THR A O     1 
ATOM   269  C  CB    . THR A 1 34  ? -9.126  -6.046  10.576  1.00 23.79 ? 34  THR A CB    1 
ATOM   270  O  OG1   . THR A 1 34  ? -9.455  -7.200  9.798   1.00 23.06 ? 34  THR A OG1   1 
ATOM   271  C  CG2   . THR A 1 34  ? -8.810  -4.883  9.596   1.00 23.29 ? 34  THR A CG2   1 
ATOM   272  N  N     . LYS A 1 35  ? -6.258  -4.520  11.736  1.00 21.46 ? 35  LYS A N     1 
ATOM   273  C  CA    . LYS A 1 35  ? -5.791  -3.269  12.303  1.00 22.79 ? 35  LYS A CA    1 
ATOM   274  C  C     . LYS A 1 35  ? -5.540  -2.258  11.200  1.00 23.12 ? 35  LYS A C     1 
ATOM   275  O  O     . LYS A 1 35  ? -5.051  -2.665  10.150  1.00 25.13 ? 35  LYS A O     1 
ATOM   276  C  CB    . LYS A 1 35  ? -4.405  -3.354  12.990  1.00 27.58 ? 35  LYS A CB    1 
ATOM   277  C  CG    . LYS A 1 35  ? -4.324  -4.301  14.149  1.00 40.45 ? 35  LYS A CG    1 
ATOM   278  C  CD    . LYS A 1 35  ? -5.113  -3.789  15.341  1.00 40.63 ? 35  LYS A CD    1 
ATOM   279  C  CE    . LYS A 1 35  ? -4.738  -4.726  16.518  1.00 52.22 ? 35  LYS A CE    1 
ATOM   280  N  NZ    . LYS A 1 35  ? -5.818  -4.689  17.544  1.00 46.72 ? 35  LYS A NZ    1 
ATOM   281  N  N     . ILE A 1 36  ? -5.824  -1.008  11.495  1.00 19.39 ? 36  ILE A N     1 
ATOM   282  C  CA    . ILE A 1 36  ? -5.548  0.048   10.507  1.00 19.22 ? 36  ILE A CA    1 
ATOM   283  C  C     . ILE A 1 36  ? -4.268  0.759   10.964  1.00 24.23 ? 36  ILE A C     1 
ATOM   284  O  O     . ILE A 1 36  ? -4.242  1.249   12.082  1.00 23.12 ? 36  ILE A O     1 
ATOM   285  C  CB    . ILE A 1 36  ? -6.703  1.021   10.429  1.00 25.97 ? 36  ILE A CB    1 
ATOM   286  C  CG1   . ILE A 1 36  ? -7.910  0.207   9.845   1.00 26.82 ? 36  ILE A CG1   1 
ATOM   287  C  CG2   . ILE A 1 36  ? -6.366  2.222   9.559   1.00 23.13 ? 36  ILE A CG2   1 
ATOM   288  C  CD1   . ILE A 1 36  ? -9.153  0.876   10.396  1.00 38.60 ? 36  ILE A CD1   1 
ATOM   289  N  N     . ILE A 1 37  ? -3.167  0.528   10.253  1.00 17.71 ? 37  ILE A N     1 
ATOM   290  C  CA    . ILE A 1 37  ? -1.895  1.125   10.681  1.00 18.81 ? 37  ILE A CA    1 
ATOM   291  C  C     . ILE A 1 37  ? -1.632  2.414   9.944   1.00 20.85 ? 37  ILE A C     1 
ATOM   292  O  O     . ILE A 1 37  ? -1.509  2.544   8.725   1.00 23.34 ? 37  ILE A O     1 
ATOM   293  C  CB    . ILE A 1 37  ? -0.769  0.108   10.459  1.00 23.50 ? 37  ILE A CB    1 
ATOM   294  C  CG1   . ILE A 1 37  ? -1.136  -1.119  11.290  1.00 27.43 ? 37  ILE A CG1   1 
ATOM   295  C  CG2   . ILE A 1 37  ? 0.579   0.731   10.913  1.00 22.37 ? 37  ILE A CG2   1 
ATOM   296  C  CD1   . ILE A 1 37  ? -0.346  -2.346  10.917  1.00 35.44 ? 37  ILE A CD1   1 
ATOM   297  N  N     . PRO A 1 38  ? -1.456  3.481   10.710  1.00 27.04 ? 38  PRO A N     1 
ATOM   298  C  CA    . PRO A 1 38  ? -1.243  4.805   10.166  1.00 26.26 ? 38  PRO A CA    1 
ATOM   299  C  C     . PRO A 1 38  ? 0.173   5.020   9.698   1.00 24.30 ? 38  PRO A C     1 
ATOM   300  O  O     . PRO A 1 38  ? 1.117   4.360   10.140  1.00 25.23 ? 38  PRO A O     1 
ATOM   301  C  CB    . PRO A 1 38  ? -1.584  5.798   11.320  1.00 32.62 ? 38  PRO A CB    1 
ATOM   302  C  CG    . PRO A 1 38  ? -1.229  4.933   12.530  1.00 35.15 ? 38  PRO A CG    1 
ATOM   303  C  CD    . PRO A 1 38  ? -1.527  3.472   12.189  1.00 29.15 ? 38  PRO A CD    1 
ATOM   304  N  N     . THR A 1 39  ? 0.332   5.767   8.600   1.00 22.42 ? 39  THR A N     1 
ATOM   305  C  CA    . THR A 1 39  ? 1.657   6.171   8.193   1.00 21.61 ? 39  THR A CA    1 
ATOM   306  C  C     . THR A 1 39  ? 1.624   7.701   8.157   1.00 21.72 ? 39  THR A C     1 
ATOM   307  O  O     . THR A 1 39  ? 0.569   8.312   8.008   1.00 19.38 ? 39  THR A O     1 
ATOM   308  C  CB    . THR A 1 39  ? 2.159   5.628   6.831   1.00 21.95 ? 39  THR A CB    1 
ATOM   309  O  OG1   . THR A 1 39  ? 1.514   6.363   5.796   1.00 19.17 ? 39  THR A OG1   1 
ATOM   310  C  CG2   . THR A 1 39  ? 1.997   4.124   6.654   1.00 22.53 ? 39  THR A CG2   1 
ATOM   311  N  N     . ASP A 1 40  ? 2.815   8.308   7.983   1.00 20.33 ? 40  ASP A N     1 
ATOM   312  C  CA    . ASP A 1 40  ? 2.819   9.755   7.727   1.00 20.30 ? 40  ASP A CA    1 
ATOM   313  C  C     . ASP A 1 40  ? 3.078   9.992   6.263   1.00 25.45 ? 40  ASP A C     1 
ATOM   314  O  O     . ASP A 1 40  ? 3.570   11.062  5.841   1.00 21.54 ? 40  ASP A O     1 
ATOM   315  C  CB    . ASP A 1 40  ? 3.924   10.421  8.606   1.00 24.09 ? 40  ASP A CB    1 
ATOM   316  C  CG    . ASP A 1 40  ? 5.289   9.855   8.265   1.00 34.66 ? 40  ASP A CG    1 
ATOM   317  O  OD1   . ASP A 1 40  ? 5.487   8.889   7.454   1.00 23.11 ? 40  ASP A OD1   1 
ATOM   318  O  OD2   . ASP A 1 40  ? 6.285   10.405  8.825   1.00 26.61 ? 40  ASP A OD2   1 
ATOM   319  N  N     . VAL A 1 41  ? 2.834   8.994   5.406   1.00 21.67 ? 41  VAL A N     1 
ATOM   320  C  CA    . VAL A 1 41  ? 3.294   9.166   3.998   1.00 19.76 ? 41  VAL A CA    1 
ATOM   321  C  C     . VAL A 1 41  ? 2.236   9.827   3.141   1.00 23.41 ? 41  VAL A C     1 
ATOM   322  O  O     . VAL A 1 41  ? 1.066   9.401   3.168   1.00 21.35 ? 41  VAL A O     1 
ATOM   323  C  CB    . VAL A 1 41  ? 3.649   7.768   3.452   1.00 21.29 ? 41  VAL A CB    1 
ATOM   324  C  CG1   . VAL A 1 41  ? 4.053   7.820   1.980   1.00 23.50 ? 41  VAL A CG1   1 
ATOM   325  C  CG2   . VAL A 1 41  ? 4.801   7.180   4.285   1.00 19.24 ? 41  VAL A CG2   1 
ATOM   326  N  N     . LYS A 1 42  ? 2.564   10.824  2.326   1.00 21.93 ? 42  LYS A N     1 
ATOM   327  C  CA    . LYS A 1 42  ? 1.619   11.459  1.418   1.00 24.57 ? 42  LYS A CA    1 
ATOM   328  C  C     . LYS A 1 42  ? 2.292   11.513  0.050   1.00 22.87 ? 42  LYS A C     1 
ATOM   329  O  O     . LYS A 1 42  ? 3.533   11.550  0.026   1.00 23.83 ? 42  LYS A O     1 
ATOM   330  C  CB    . LYS A 1 42  ? 1.299   12.920  1.734   1.00 34.25 ? 42  LYS A CB    1 
ATOM   331  C  CG    . LYS A 1 42  ? 0.888   13.234  3.163   1.00 37.35 ? 42  LYS A CG    1 
ATOM   332  C  CD    . LYS A 1 42  ? 0.746   14.781  3.234   1.00 44.92 ? 42  LYS A CD    1 
ATOM   333  C  CE    . LYS A 1 42  ? 0.107   15.464  4.191   0.00 88.88 ? 42  LYS A CE    1 
ATOM   334  N  NZ    . LYS A 1 42  ? 0.185   16.585  4.829   0.00 88.88 ? 42  LYS A NZ    1 
ATOM   335  N  N     . ILE A 1 43  ? 1.486   11.296  -0.999  1.00 19.00 ? 43  ILE A N     1 
ATOM   336  C  CA    . ILE A 1 43  ? 2.087   11.155  -2.330  1.00 20.05 ? 43  ILE A CA    1 
ATOM   337  C  C     . ILE A 1 43  ? 1.296   12.045  -3.279  1.00 20.85 ? 43  ILE A C     1 
ATOM   338  O  O     . ILE A 1 43  ? 0.125   12.330  -3.040  1.00 19.83 ? 43  ILE A O     1 
ATOM   339  C  CB    . ILE A 1 43  ? 2.072   9.696   -2.848  1.00 22.57 ? 43  ILE A CB    1 
ATOM   340  C  CG1   . ILE A 1 43  ? 0.581   9.217   -2.971  1.00 20.87 ? 43  ILE A CG1   1 
ATOM   341  C  CG2   . ILE A 1 43  ? 2.786   8.732   -1.868  1.00 21.20 ? 43  ILE A CG2   1 
ATOM   342  C  CD1   . ILE A 1 43  ? 0.503   7.852   -3.695  1.00 25.74 ? 43  ILE A CD1   1 
ATOM   343  N  N     . GLN A 1 44  ? 1.907   12.464  -4.372  1.00 16.14 ? 44  GLN A N     1 
ATOM   344  C  CA    . GLN A 1 44  ? 1.244   13.158  -5.449  1.00 19.64 ? 44  GLN A CA    1 
ATOM   345  C  C     . GLN A 1 44  ? 1.624   12.431  -6.744  1.00 23.51 ? 44  GLN A C     1 
ATOM   346  O  O     . GLN A 1 44  ? 2.853   12.298  -6.991  1.00 24.25 ? 44  GLN A O     1 
ATOM   347  C  CB    . GLN A 1 44  ? 1.840   14.622  -5.628  1.00 22.05 ? 44  GLN A CB    1 
ATOM   348  C  CG    . GLN A 1 44  ? 1.441   15.462  -4.410  1.00 32.17 ? 44  GLN A CG    1 
ATOM   349  C  CD    . GLN A 1 44  ? 1.940   16.905  -4.429  1.00 41.94 ? 44  GLN A CD    1 
ATOM   350  O  OE1   . GLN A 1 44  ? 2.896   17.268  -5.106  1.00 31.17 ? 44  GLN A OE1   1 
ATOM   351  N  NE2   . GLN A 1 44  ? 1.259   17.739  -3.646  1.00 35.36 ? 44  GLN A NE2   1 
ATOM   352  N  N     . VAL A 1 45  ? 0.656   11.920  -7.471  1.00 22.03 ? 45  VAL A N     1 
ATOM   353  C  CA    . VAL A 1 45  ? 0.977   11.213  -8.723  1.00 22.63 ? 45  VAL A CA    1 
ATOM   354  C  C     . VAL A 1 45  ? 0.394   12.020  -9.869  1.00 22.66 ? 45  VAL A C     1 
ATOM   355  O  O     . VAL A 1 45  ? -0.535  12.796  -9.672  1.00 23.74 ? 45  VAL A O     1 
ATOM   356  C  CB    . VAL A 1 45  ? 0.460   9.761   -8.711  1.00 25.11 ? 45  VAL A CB    1 
ATOM   357  C  CG1   . VAL A 1 45  ? 1.153   9.033   -7.551  1.00 27.32 ? 45  VAL A CG1   1 
ATOM   358  C  CG2   . VAL A 1 45  ? -1.061  9.766   -8.481  1.00 20.00 ? 45  VAL A CG2   1 
ATOM   359  N  N     . PRO A 1 46  ? 0.841   11.774  -11.066 1.00 25.00 ? 46  PRO A N     1 
ATOM   360  C  CA    . PRO A 1 46  ? 0.358   12.448  -12.281 1.00 28.47 ? 46  PRO A CA    1 
ATOM   361  C  C     . PRO A 1 46  ? -1.040  11.920  -12.634 1.00 28.12 ? 46  PRO A C     1 
ATOM   362  O  O     . PRO A 1 46  ? -1.517  10.965  -12.048 1.00 25.47 ? 46  PRO A O     1 
ATOM   363  C  CB    . PRO A 1 46  ? 1.250   11.995  -13.451 1.00 27.45 ? 46  PRO A CB    1 
ATOM   364  C  CG    . PRO A 1 46  ? 2.365   11.253  -12.763 1.00 28.95 ? 46  PRO A CG    1 
ATOM   365  C  CD    . PRO A 1 46  ? 1.940   10.850  -11.353 1.00 26.74 ? 46  PRO A CD    1 
ATOM   366  N  N     . PRO A 1 47  ? -1.720  12.610  -13.526 1.00 29.81 ? 47  PRO A N     1 
ATOM   367  C  CA    . PRO A 1 47  ? -3.097  12.360  -13.874 1.00 27.46 ? 47  PRO A CA    1 
ATOM   368  C  C     . PRO A 1 47  ? -3.173  10.933  -14.393 1.00 21.72 ? 47  PRO A C     1 
ATOM   369  O  O     . PRO A 1 47  ? -2.292  10.461  -15.125 1.00 19.56 ? 47  PRO A O     1 
ATOM   370  C  CB    . PRO A 1 47  ? -3.479  13.373  -15.001 1.00 32.60 ? 47  PRO A CB    1 
ATOM   371  C  CG    . PRO A 1 47  ? -2.437  14.474  -14.789 1.00 31.95 ? 47  PRO A CG    1 
ATOM   372  C  CD    . PRO A 1 47  ? -1.221  13.858  -14.153 1.00 33.35 ? 47  PRO A CD    1 
ATOM   373  N  N     . ASN A 1 48  ? -4.258  10.259  -14.113 1.00 18.77 ? 48  ASN A N     1 
ATOM   374  C  CA    . ASN A 1 48  ? -4.531  8.889   -14.545 1.00 18.94 ? 48  ASN A CA    1 
ATOM   375  C  C     . ASN A 1 48  ? -3.519  7.915   -13.947 1.00 19.64 ? 48  ASN A C     1 
ATOM   376  O  O     . ASN A 1 48  ? -3.358  6.826   -14.472 1.00 21.64 ? 48  ASN A O     1 
ATOM   377  C  CB    . ASN A 1 48  ? -4.522  8.724   -16.097 1.00 23.54 ? 48  ASN A CB    1 
ATOM   378  C  CG    . ASN A 1 48  ? -5.707  9.614   -16.569 1.00 35.17 ? 48  ASN A CG    1 
ATOM   379  O  OD1   . ASN A 1 48  ? -6.770  9.703   -15.941 1.00 33.83 ? 48  ASN A OD1   1 
ATOM   380  N  ND2   . ASN A 1 48  ? -5.478  10.310  -17.657 1.00 38.76 ? 48  ASN A ND2   1 
ATOM   381  N  N     . SER A 1 49  ? -2.914  8.245   -12.823 1.00 21.24 ? 49  SER A N     1 
ATOM   382  C  CA    . SER A 1 49  ? -2.062  7.284   -12.101 1.00 20.65 ? 49  SER A CA    1 
ATOM   383  C  C     . SER A 1 49  ? -2.673  7.003   -10.728 1.00 18.28 ? 49  SER A C     1 
ATOM   384  O  O     . SER A 1 49  ? -3.641  7.664   -10.365 1.00 17.97 ? 49  SER A O     1 
ATOM   385  C  CB    . SER A 1 49  ? -0.694  7.955   -11.852 1.00 25.54 ? 49  SER A CB    1 
ATOM   386  O  OG    . SER A 1 49  ? -0.001  7.743   -13.075 1.00 27.11 ? 49  SER A OG    1 
ATOM   387  N  N     . PHE A 1 50  ? -2.193  5.987   -10.018 1.00 15.41 ? 50  PHE A N     1 
ATOM   388  C  CA    . PHE A 1 50  ? -2.738  5.700   -8.681  1.00 14.46 ? 50  PHE A CA    1 
ATOM   389  C  C     . PHE A 1 50  ? -1.607  4.996   -7.934  1.00 14.67 ? 50  PHE A C     1 
ATOM   390  O  O     . PHE A 1 50  ? -0.711  4.447   -8.589  1.00 16.44 ? 50  PHE A O     1 
ATOM   391  C  CB    . PHE A 1 50  ? -4.028  4.866   -8.662  1.00 15.00 ? 50  PHE A CB    1 
ATOM   392  C  CG    . PHE A 1 50  ? -3.947  3.465   -9.197  1.00 18.92 ? 50  PHE A CG    1 
ATOM   393  C  CD1   . PHE A 1 50  ? -3.917  3.233   -10.565 1.00 19.06 ? 50  PHE A CD1   1 
ATOM   394  C  CD2   . PHE A 1 50  ? -3.902  2.373   -8.339  1.00 17.59 ? 50  PHE A CD2   1 
ATOM   395  C  CE1   . PHE A 1 50  ? -3.847  1.928   -11.060 1.00 23.37 ? 50  PHE A CE1   1 
ATOM   396  C  CE2   . PHE A 1 50  ? -3.859  1.065   -8.826  1.00 15.24 ? 50  PHE A CE2   1 
ATOM   397  C  CZ    . PHE A 1 50  ? -3.808  0.847   -10.198 1.00 16.78 ? 50  PHE A CZ    1 
ATOM   398  N  N     . GLY A 1 51  ? -1.642  4.978   -6.639  1.00 15.62 ? 51  GLY A N     1 
ATOM   399  C  CA    . GLY A 1 51  ? -0.706  4.187   -5.853  1.00 15.50 ? 51  GLY A CA    1 
ATOM   400  C  C     . GLY A 1 51  ? -1.380  2.875   -5.409  1.00 18.28 ? 51  GLY A C     1 
ATOM   401  O  O     . GLY A 1 51  ? -2.569  2.862   -5.074  1.00 17.14 ? 51  GLY A O     1 
ATOM   402  N  N     . TRP A 1 52  ? -0.583  1.806   -5.307  1.00 15.95 ? 52  TRP A N     1 
ATOM   403  C  CA    . TRP A 1 52  ? -1.136  0.504   -4.950  1.00 13.00 ? 52  TRP A CA    1 
ATOM   404  C  C     . TRP A 1 52  ? -0.270  0.029   -3.741  1.00 15.14 ? 52  TRP A C     1 
ATOM   405  O  O     . TRP A 1 52  ? 0.935   -0.168  -3.886  1.00 17.32 ? 52  TRP A O     1 
ATOM   406  C  CB    . TRP A 1 52  ? -1.021  -0.507  -6.079  1.00 11.61 ? 52  TRP A CB    1 
ATOM   407  C  CG    . TRP A 1 52  ? -1.507  -1.916  -5.802  1.00 15.16 ? 52  TRP A CG    1 
ATOM   408  C  CD1   . TRP A 1 52  ? -2.403  -2.324  -4.880  1.00 14.93 ? 52  TRP A CD1   1 
ATOM   409  C  CD2   . TRP A 1 52  ? -1.074  -3.115  -6.464  1.00 14.10 ? 52  TRP A CD2   1 
ATOM   410  N  NE1   . TRP A 1 52  ? -2.590  -3.693  -4.941  1.00 12.41 ? 52  TRP A NE1   1 
ATOM   411  C  CE2   . TRP A 1 52  ? -1.771  -4.182  -5.914  1.00 14.47 ? 52  TRP A CE2   1 
ATOM   412  C  CE3   . TRP A 1 52  ? -0.135  -3.329  -7.498  1.00 19.89 ? 52  TRP A CE3   1 
ATOM   413  C  CZ2   . TRP A 1 52  ? -1.630  -5.513  -6.351  1.00 17.82 ? 52  TRP A CZ2   1 
ATOM   414  C  CZ3   . TRP A 1 52  ? 0.036   -4.636  -7.938  1.00 20.54 ? 52  TRP A CZ3   1 
ATOM   415  C  CH2   . TRP A 1 52  ? -0.701  -5.678  -7.370  1.00 19.81 ? 52  TRP A CH2   1 
ATOM   416  N  N     . VAL A 1 53  ? -0.958  -0.072  -2.613  1.00 15.09 ? 53  VAL A N     1 
ATOM   417  C  CA    . VAL A 1 53  ? -0.271  -0.568  -1.399  1.00 15.73 ? 53  VAL A CA    1 
ATOM   418  C  C     . VAL A 1 53  ? -0.552  -2.073  -1.337  1.00 18.16 ? 53  VAL A C     1 
ATOM   419  O  O     . VAL A 1 53  ? -1.716  -2.431  -1.250  1.00 14.36 ? 53  VAL A O     1 
ATOM   420  C  CB    . VAL A 1 53  ? -0.865  0.097   -0.153  1.00 16.38 ? 53  VAL A CB    1 
ATOM   421  C  CG1   . VAL A 1 53  ? -0.092  -0.357  1.124   1.00 18.37 ? 53  VAL A CG1   1 
ATOM   422  C  CG2   . VAL A 1 53  ? -0.580  1.624   -0.297  1.00 16.24 ? 53  VAL A CG2   1 
ATOM   423  N  N     . THR A 1 54  ? 0.483   -2.906  -1.344  1.00 14.37 ? 54  THR A N     1 
ATOM   424  C  CA    . THR A 1 54  ? 0.268   -4.348  -1.397  1.00 14.64 ? 54  THR A CA    1 
ATOM   425  C  C     . THR A 1 54  ? 1.364   -5.044  -0.585  1.00 18.26 ? 54  THR A C     1 
ATOM   426  O  O     . THR A 1 54  ? 2.156   -4.406  0.151   1.00 15.85 ? 54  THR A O     1 
ATOM   427  C  CB    . THR A 1 54  ? 0.180   -4.760  -2.860  1.00 16.17 ? 54  THR A CB    1 
ATOM   428  O  OG1   . THR A 1 54  ? -0.223  -6.145  -2.892  1.00 18.90 ? 54  THR A OG1   1 
ATOM   429  C  CG2   . THR A 1 54  ? 1.514   -4.718  -3.628  1.00 16.52 ? 54  THR A CG2   1 
ATOM   430  N  N     . GLY A 1 55  ? 1.411   -6.357  -0.589  1.00 16.35 ? 55  GLY A N     1 
ATOM   431  C  CA    . GLY A 1 55  ? 2.195   -7.111  0.414   1.00 15.30 ? 55  GLY A CA    1 
ATOM   432  C  C     . GLY A 1 55  ? 3.647   -7.344  0.002   1.00 17.47 ? 55  GLY A C     1 
ATOM   433  O  O     . GLY A 1 55  ? 4.005   -7.270  -1.163  1.00 17.20 ? 55  GLY A O     1 
ATOM   434  N  N     . LYS A 1 56  ? 4.451   -7.657  1.004   1.00 18.78 ? 56  LYS A N     1 
ATOM   435  C  CA    . LYS A 1 56  ? 5.792   -8.146  0.932   1.00 17.59 ? 56  LYS A CA    1 
ATOM   436  C  C     . LYS A 1 56  ? 5.760   -9.677  1.082   1.00 21.62 ? 56  LYS A C     1 
ATOM   437  O  O     . LYS A 1 56  ? 4.918   -10.217 1.799   1.00 20.38 ? 56  LYS A O     1 
ATOM   438  C  CB    . LYS A 1 56  ? 6.594   -7.692  2.191   1.00 19.09 ? 56  LYS A CB    1 
ATOM   439  C  CG    . LYS A 1 56  ? 6.483   -6.173  2.312   1.00 25.40 ? 56  LYS A CG    1 
ATOM   440  C  CD    . LYS A 1 56  ? 7.584   -5.384  1.722   1.00 24.58 ? 56  LYS A CD    1 
ATOM   441  C  CE    . LYS A 1 56  ? 7.903   -5.528  0.251   1.00 23.13 ? 56  LYS A CE    1 
ATOM   442  N  NZ    . LYS A 1 56  ? 9.388   -5.227  0.119   1.00 18.37 ? 56  LYS A NZ    1 
ATOM   443  N  N     . SER A 1 57  ? 6.812   -10.277 0.533   1.00 15.55 ? 57  SER A N     1 
ATOM   444  C  CA    . SER A 1 57  ? 6.851   -11.762 0.596   1.00 16.15 ? 57  SER A CA    1 
ATOM   445  C  C     . SER A 1 57  ? 7.078   -12.210 2.014   1.00 17.17 ? 57  SER A C     1 
ATOM   446  O  O     . SER A 1 57  ? 6.448   -13.152 2.515   1.00 16.20 ? 57  SER A O     1 
ATOM   447  C  CB    . SER A 1 57  ? 8.130   -12.107 -0.271  1.00 18.03 ? 57  SER A CB    1 
ATOM   448  O  OG    . SER A 1 57  ? 8.261   -13.517 -0.125  1.00 26.80 ? 57  SER A OG    1 
ATOM   449  N  N     . SER A 1 58  ? 7.957   -11.469 2.740   1.00 15.76 ? 58  SER A N     1 
ATOM   450  C  CA    . SER A 1 58  ? 8.250   -11.959 4.101   1.00 23.76 ? 58  SER A CA    1 
ATOM   451  C  C     . SER A 1 58  ? 7.038   -11.874 5.031   1.00 24.72 ? 58  SER A C     1 
ATOM   452  O  O     . SER A 1 58  ? 6.959   -12.681 5.972   1.00 22.65 ? 58  SER A O     1 
ATOM   453  C  CB    . SER A 1 58  ? 9.413   -11.113 4.690   1.00 24.58 ? 58  SER A CB    1 
ATOM   454  O  OG    . SER A 1 58  ? 9.042   -9.737  4.602   1.00 31.37 ? 58  SER A OG    1 
ATOM   455  N  N     . MET A 1 59  ? 6.160   -10.879 4.906   1.00 17.62 ? 59  MET A N     1 
ATOM   456  C  CA    . MET A 1 59  ? 5.002   -10.827 5.823   1.00 16.87 ? 59  MET A CA    1 
ATOM   457  C  C     . MET A 1 59  ? 3.853   -11.663 5.269   1.00 19.32 ? 59  MET A C     1 
ATOM   458  O  O     . MET A 1 59  ? 3.100   -12.310 5.989   1.00 18.73 ? 59  MET A O     1 
ATOM   459  C  CB    . MET A 1 59  ? 4.576   -9.348  5.945   1.00 15.46 ? 59  MET A CB    1 
ATOM   460  C  CG    . MET A 1 59  ? 5.576   -8.475  6.779   1.00 16.69 ? 59  MET A CG    1 
ATOM   461  S  SD    . MET A 1 59  ? 6.294   -9.288  8.164   1.00 32.64 ? 59  MET A SD    1 
ATOM   462  C  CE    . MET A 1 59  ? 4.915   -9.800  9.163   1.00 31.97 ? 59  MET A CE    1 
ATOM   463  N  N     . ALA A 1 60  ? 3.673   -11.808 3.934   1.00 17.95 ? 60  ALA A N     1 
ATOM   464  C  CA    . ALA A 1 60  ? 2.640   -12.635 3.349   1.00 14.63 ? 60  ALA A CA    1 
ATOM   465  C  C     . ALA A 1 60  ? 2.858   -14.081 3.767   1.00 17.72 ? 60  ALA A C     1 
ATOM   466  O  O     . ALA A 1 60  ? 1.885   -14.820 4.059   1.00 19.13 ? 60  ALA A O     1 
ATOM   467  C  CB    . ALA A 1 60  ? 2.633   -12.591 1.780   1.00 13.56 ? 60  ALA A CB    1 
ATOM   468  N  N     . LYS A 1 61  ? 4.119   -14.509 3.847   1.00 18.36 ? 61  LYS A N     1 
ATOM   469  C  CA    . LYS A 1 61  ? 4.363   -15.896 4.268   1.00 21.39 ? 61  LYS A CA    1 
ATOM   470  C  C     . LYS A 1 61  ? 3.966   -16.160 5.724   1.00 25.71 ? 61  LYS A C     1 
ATOM   471  O  O     . LYS A 1 61  ? 3.654   -17.304 6.059   1.00 24.60 ? 61  LYS A O     1 
ATOM   472  C  CB    . LYS A 1 61  ? 5.863   -16.261 4.208   1.00 20.98 ? 61  LYS A CB    1 
ATOM   473  C  CG    . LYS A 1 61  ? 6.247   -16.409 2.737   1.00 24.62 ? 61  LYS A CG    1 
ATOM   474  C  CD    . LYS A 1 61  ? 7.746   -16.693 2.647   1.00 29.37 ? 61  LYS A CD    1 
ATOM   475  C  CE    . LYS A 1 61  ? 8.132   -16.711 1.178   1.00 30.62 ? 61  LYS A CE    1 
ATOM   476  N  NZ    . LYS A 1 61  ? 9.532   -17.216 0.958   1.00 32.20 ? 61  LYS A NZ    1 
ATOM   477  N  N     . GLN A 1 62  ? 3.826   -15.124 6.523   1.00 20.13 ? 62  GLN A N     1 
ATOM   478  C  CA    . GLN A 1 62  ? 3.318   -15.320 7.893   1.00 20.97 ? 62  GLN A CA    1 
ATOM   479  C  C     . GLN A 1 62  ? 1.841   -15.111 7.971   1.00 24.74 ? 62  GLN A C     1 
ATOM   480  O  O     . GLN A 1 62  ? 1.354   -15.051 9.112   1.00 25.09 ? 62  GLN A O     1 
ATOM   481  C  CB    . GLN A 1 62  ? 3.990   -14.237 8.790   1.00 21.80 ? 62  GLN A CB    1 
ATOM   482  C  CG    . GLN A 1 62  ? 5.516   -14.410 8.776   1.00 34.42 ? 62  GLN A CG    1 
ATOM   483  C  CD    . GLN A 1 62  ? 6.140   -13.364 9.684   1.00 45.23 ? 62  GLN A CD    1 
ATOM   484  O  OE1   . GLN A 1 62  ? 5.813   -13.268 10.871  1.00 57.18 ? 62  GLN A OE1   1 
ATOM   485  N  NE2   . GLN A 1 62  ? 7.043   -12.568 9.119   1.00 53.80 ? 62  GLN A NE2   1 
ATOM   486  N  N     . GLY A 1 63  ? 1.104   -14.859 6.864   1.00 20.19 ? 63  GLY A N     1 
ATOM   487  C  CA    . GLY A 1 63  ? -0.338  -14.689 7.043   1.00 15.77 ? 63  GLY A CA    1 
ATOM   488  C  C     . GLY A 1 63  ? -0.774  -13.229 7.192   1.00 18.52 ? 63  GLY A C     1 
ATOM   489  O  O     . GLY A 1 63  ? -1.932  -13.046 7.565   1.00 21.68 ? 63  GLY A O     1 
ATOM   490  N  N     . LEU A 1 64  ? 0.101   -12.244 6.970   1.00 15.14 ? 64  LEU A N     1 
ATOM   491  C  CA    . LEU A 1 64  ? -0.375  -10.858 7.023   1.00 15.05 ? 64  LEU A CA    1 
ATOM   492  C  C     . LEU A 1 64  ? -0.991  -10.547 5.644   1.00 19.04 ? 64  LEU A C     1 
ATOM   493  O  O     . LEU A 1 64  ? -0.356  -10.825 4.616   1.00 17.35 ? 64  LEU A O     1 
ATOM   494  C  CB    . LEU A 1 64  ? 0.769   -9.873  7.259   1.00 16.97 ? 64  LEU A CB    1 
ATOM   495  C  CG    . LEU A 1 64  ? 0.356   -8.390  7.332   1.00 22.20 ? 64  LEU A CG    1 
ATOM   496  C  CD1   . LEU A 1 64  ? -0.510  -8.164  8.559   1.00 21.03 ? 64  LEU A CD1   1 
ATOM   497  C  CD2   . LEU A 1 64  ? 1.553   -7.429  7.390   1.00 24.49 ? 64  LEU A CD2   1 
ATOM   498  N  N     . LEU A 1 65  ? -2.218  -10.018 5.657   1.00 17.36 ? 65  LEU A N     1 
ATOM   499  C  CA    . LEU A 1 65  ? -2.811  -9.623  4.382   1.00 18.46 ? 65  LEU A CA    1 
ATOM   500  C  C     . LEU A 1 65  ? -3.020  -8.120  4.317   1.00 17.75 ? 65  LEU A C     1 
ATOM   501  O  O     . LEU A 1 65  ? -3.581  -7.555  5.289   1.00 16.27 ? 65  LEU A O     1 
ATOM   502  C  CB    . LEU A 1 65  ? -4.171  -10.343 4.265   1.00 15.86 ? 65  LEU A CB    1 
ATOM   503  C  CG    . LEU A 1 65  ? -4.893  -9.825  2.979   1.00 25.52 ? 65  LEU A CG    1 
ATOM   504  C  CD1   . LEU A 1 65  ? -4.298  -10.380 1.678   1.00 23.62 ? 65  LEU A CD1   1 
ATOM   505  C  CD2   . LEU A 1 65  ? -6.340  -10.118 3.010   1.00 28.09 ? 65  LEU A CD2   1 
ATOM   506  N  N     . ILE A 1 66  ? -2.561  -7.448  3.261   1.00 15.09 ? 66  ILE A N     1 
ATOM   507  C  CA    . ILE A 1 66  ? -2.821  -6.000  3.145   1.00 15.76 ? 66  ILE A CA    1 
ATOM   508  C  C     . ILE A 1 66  ? -4.121  -5.890  2.344   1.00 19.49 ? 66  ILE A C     1 
ATOM   509  O  O     . ILE A 1 66  ? -4.132  -6.383  1.192   1.00 16.75 ? 66  ILE A O     1 
ATOM   510  C  CB    . ILE A 1 66  ? -1.649  -5.361  2.385   1.00 21.46 ? 66  ILE A CB    1 
ATOM   511  C  CG1   . ILE A 1 66  ? -0.277  -5.578  3.076   1.00 22.03 ? 66  ILE A CG1   1 
ATOM   512  C  CG2   . ILE A 1 66  ? -1.886  -3.830  2.201   1.00 18.90 ? 66  ILE A CG2   1 
ATOM   513  C  CD1   . ILE A 1 66  ? -0.227  -5.140  4.567   1.00 15.00 ? 66  ILE A CD1   1 
ATOM   514  N  N     . ASN A 1 67  ? -5.187  -5.266  2.807   1.00 15.65 ? 67  ASN A N     1 
ATOM   515  C  CA    . ASN A 1 67  ? -6.424  -5.241  2.045   1.00 19.28 ? 67  ASN A CA    1 
ATOM   516  C  C     . ASN A 1 67  ? -6.769  -3.789  1.691   1.00 18.89 ? 67  ASN A C     1 
ATOM   517  O  O     . ASN A 1 67  ? -6.108  -2.853  2.167   1.00 21.28 ? 67  ASN A O     1 
ATOM   518  C  CB    . ASN A 1 67  ? -7.520  -5.703  3.045   1.00 14.67 ? 67  ASN A CB    1 
ATOM   519  C  CG    . ASN A 1 67  ? -8.759  -6.152  2.260   1.00 20.03 ? 67  ASN A CG    1 
ATOM   520  O  OD1   . ASN A 1 67  ? -8.758  -6.087  1.020   1.00 19.35 ? 67  ASN A OD1   1 
ATOM   521  N  ND2   . ASN A 1 67  ? -9.776  -6.556  3.007   1.00 18.27 ? 67  ASN A ND2   1 
ATOM   522  N  N     . GLY A 1 68  ? -7.572  -3.606  0.664   1.00 17.77 ? 68  GLY A N     1 
ATOM   523  C  CA    . GLY A 1 68  ? -7.927  -2.239  0.207   1.00 17.81 ? 68  GLY A CA    1 
ATOM   524  C  C     . GLY A 1 68  ? -6.706  -1.830  -0.669  1.00 21.47 ? 68  GLY A C     1 
ATOM   525  O  O     . GLY A 1 68  ? -6.463  -2.384  -1.718  1.00 23.82 ? 68  GLY A O     1 
ATOM   526  N  N     . GLY A 1 69  ? -5.978  -0.820  -0.286  1.00 15.18 ? 69  GLY A N     1 
ATOM   527  C  CA    . GLY A 1 69  ? -4.690  -0.478  -0.880  1.00 20.07 ? 69  GLY A CA    1 
ATOM   528  C  C     . GLY A 1 69  ? -4.757  0.417   -2.134  1.00 18.17 ? 69  GLY A C     1 
ATOM   529  O  O     . GLY A 1 69  ? -3.668  0.702   -2.692  1.00 17.90 ? 69  GLY A O     1 
ATOM   530  N  N     . ILE A 1 70  ? -5.900  0.951   -2.544  1.00 14.92 ? 70  ILE A N     1 
ATOM   531  C  CA    . ILE A 1 70  ? -5.901  1.712   -3.805  1.00 14.96 ? 70  ILE A CA    1 
ATOM   532  C  C     . ILE A 1 70  ? -5.840  3.203   -3.410  1.00 16.11 ? 70  ILE A C     1 
ATOM   533  O  O     . ILE A 1 70  ? -6.736  3.667   -2.706  1.00 15.80 ? 70  ILE A O     1 
ATOM   534  C  CB    . ILE A 1 70  ? -7.141  1.419   -4.663  1.00 16.82 ? 70  ILE A CB    1 
ATOM   535  C  CG1   . ILE A 1 70  ? -7.252  -0.078  -5.063  1.00 13.89 ? 70  ILE A CG1   1 
ATOM   536  C  CG2   . ILE A 1 70  ? -7.135  2.404   -5.850  1.00 15.52 ? 70  ILE A CG2   1 
ATOM   537  C  CD1   . ILE A 1 70  ? -6.019  -0.580  -5.860  1.00 12.34 ? 70  ILE A CD1   1 
ATOM   538  N  N     . ILE A 1 71  ? -4.779  3.894   -3.777  1.00 16.21 ? 71  ILE A N     1 
ATOM   539  C  CA    . ILE A 1 71  ? -4.596  5.316   -3.366  1.00 15.53 ? 71  ILE A CA    1 
ATOM   540  C  C     . ILE A 1 71  ? -4.907  6.215   -4.571  1.00 20.08 ? 71  ILE A C     1 
ATOM   541  O  O     . ILE A 1 71  ? -4.170  6.160   -5.569  1.00 19.76 ? 71  ILE A O     1 
ATOM   542  C  CB    . ILE A 1 71  ? -3.182  5.617   -2.888  1.00 18.69 ? 71  ILE A CB    1 
ATOM   543  C  CG1   . ILE A 1 71  ? -2.615  4.581   -1.898  1.00 19.01 ? 71  ILE A CG1   1 
ATOM   544  C  CG2   . ILE A 1 71  ? -3.140  7.035   -2.228  1.00 20.23 ? 71  ILE A CG2   1 
ATOM   545  C  CD1   . ILE A 1 71  ? -3.529  4.387   -0.668  1.00 17.49 ? 71  ILE A CD1   1 
ATOM   546  N  N     . ASP A 1 72  ? -6.066  6.895   -4.564  1.00 14.45 ? 72  ASP A N     1 
ATOM   547  C  CA    . ASP A 1 72  ? -6.503  7.594   -5.737  1.00 14.76 ? 72  ASP A CA    1 
ATOM   548  C  C     . ASP A 1 72  ? -5.634  8.858   -5.961  1.00 14.56 ? 72  ASP A C     1 
ATOM   549  O  O     . ASP A 1 72  ? -5.122  9.438   -5.021  1.00 16.02 ? 72  ASP A O     1 
ATOM   550  C  CB    . ASP A 1 72  ? -7.967  8.141   -5.573  1.00 15.13 ? 72  ASP A CB    1 
ATOM   551  C  CG    . ASP A 1 72  ? -8.893  6.943   -5.376  1.00 19.34 ? 72  ASP A CG    1 
ATOM   552  O  OD1   . ASP A 1 72  ? -9.168  6.211   -6.336  1.00 16.08 ? 72  ASP A OD1   1 
ATOM   553  O  OD2   . ASP A 1 72  ? -9.350  6.671   -4.245  1.00 17.74 ? 72  ASP A OD2   1 
ATOM   554  N  N     . GLU A 1 73  ? -5.594  9.262   -7.205  1.00 19.14 ? 73  GLU A N     1 
ATOM   555  C  CA    . GLU A 1 73  ? -4.877  10.506  -7.562  1.00 20.63 ? 73  GLU A CA    1 
ATOM   556  C  C     . GLU A 1 73  ? -5.403  11.717  -6.789  1.00 22.31 ? 73  GLU A C     1 
ATOM   557  O  O     . GLU A 1 73  ? -4.561  12.522  -6.364  1.00 20.44 ? 73  GLU A O     1 
ATOM   558  C  CB    . GLU A 1 73  ? -5.150  10.712  -9.074  1.00 23.35 ? 73  GLU A CB    1 
ATOM   559  C  CG    . GLU A 1 73  ? -4.650  12.048  -9.596  1.00 30.11 ? 73  GLU A CG    1 
ATOM   560  C  CD    . GLU A 1 73  ? -5.148  12.297  -11.024 1.00 34.49 ? 73  GLU A CD    1 
ATOM   561  O  OE1   . GLU A 1 73  ? -5.731  11.475  -11.777 1.00 24.54 ? 73  GLU A OE1   1 
ATOM   562  O  OE2   . GLU A 1 73  ? -4.867  13.442  -11.421 1.00 33.25 ? 73  GLU A OE2   1 
ATOM   563  N  N     . GLY A 1 74  ? -6.704  11.850  -6.553  1.00 19.91 ? 74  GLY A N     1 
ATOM   564  C  CA    . GLY A 1 74  ? -7.222  12.979  -5.772  1.00 20.43 ? 74  GLY A CA    1 
ATOM   565  C  C     . GLY A 1 74  ? -6.980  12.856  -4.284  1.00 27.26 ? 74  GLY A C     1 
ATOM   566  O  O     . GLY A 1 74  ? -7.307  13.812  -3.537  1.00 25.97 ? 74  GLY A O     1 
ATOM   567  N  N     . TYR A 1 75  ? -6.361  11.766  -3.756  1.00 22.12 ? 75  TYR A N     1 
ATOM   568  C  CA    . TYR A 1 75  ? -6.323  11.751  -2.258  1.00 17.30 ? 75  TYR A CA    1 
ATOM   569  C  C     . TYR A 1 75  ? -5.248  12.671  -1.725  1.00 23.06 ? 75  TYR A C     1 
ATOM   570  O  O     . TYR A 1 75  ? -4.086  12.529  -2.141  1.00 23.72 ? 75  TYR A O     1 
ATOM   571  C  CB    . TYR A 1 75  ? -5.911  10.310  -1.891  1.00 18.96 ? 75  TYR A CB    1 
ATOM   572  C  CG    . TYR A 1 75  ? -5.894  10.015  -0.410  1.00 18.13 ? 75  TYR A CG    1 
ATOM   573  C  CD1   . TYR A 1 75  ? -7.043  10.149  0.376   1.00 20.98 ? 75  TYR A CD1   1 
ATOM   574  C  CD2   . TYR A 1 75  ? -4.715  9.617   0.189   1.00 17.94 ? 75  TYR A CD2   1 
ATOM   575  C  CE1   . TYR A 1 75  ? -7.038  9.830   1.731   1.00 19.83 ? 75  TYR A CE1   1 
ATOM   576  C  CE2   . TYR A 1 75  ? -4.677  9.294   1.540   1.00 20.35 ? 75  TYR A CE2   1 
ATOM   577  C  CZ    . TYR A 1 75  ? -5.842  9.421   2.287   1.00 22.56 ? 75  TYR A CZ    1 
ATOM   578  O  OH    . TYR A 1 75  ? -5.798  9.080   3.621   1.00 22.29 ? 75  TYR A OH    1 
ATOM   579  N  N     . THR A 1 76  ? -5.519  13.531  -0.760  1.00 24.85 ? 76  THR A N     1 
ATOM   580  C  CA    . THR A 1 76  ? -4.389  14.354  -0.280  1.00 26.95 ? 76  THR A CA    1 
ATOM   581  C  C     . THR A 1 76  ? -4.089  14.014  1.170   1.00 32.67 ? 76  THR A C     1 
ATOM   582  O  O     . THR A 1 76  ? -3.257  14.708  1.741   1.00 32.72 ? 76  THR A O     1 
ATOM   583  C  CB    . THR A 1 76  ? -4.710  15.878  -0.343  1.00 32.44 ? 76  THR A CB    1 
ATOM   584  O  OG1   . THR A 1 76  ? -5.943  16.020  0.361   1.00 30.59 ? 76  THR A OG1   1 
ATOM   585  C  CG2   . THR A 1 76  ? -4.886  16.380  -1.758  1.00 29.11 ? 76  THR A CG2   1 
ATOM   586  N  N     . GLY A 1 77  ? -4.644  12.964  1.785   1.00 29.35 ? 77  GLY A N     1 
ATOM   587  C  CA    . GLY A 1 77  ? -4.259  12.620  3.137   1.00 22.74 ? 77  GLY A CA    1 
ATOM   588  C  C     . GLY A 1 77  ? -3.016  11.753  3.222   1.00 23.98 ? 77  GLY A C     1 
ATOM   589  O  O     . GLY A 1 77  ? -2.303  11.420  2.268   1.00 23.25 ? 77  GLY A O     1 
ATOM   590  N  N     . GLU A 1 78  ? -2.846  11.140  4.395   1.00 18.86 ? 78  GLU A N     1 
ATOM   591  C  CA    . GLU A 1 78  ? -1.800  10.222  4.742   1.00 21.95 ? 78  GLU A CA    1 
ATOM   592  C  C     . GLU A 1 78  ? -2.263  8.785   4.465   1.00 19.38 ? 78  GLU A C     1 
ATOM   593  O  O     . GLU A 1 78  ? -3.454  8.501   4.703   1.00 21.14 ? 78  GLU A O     1 
ATOM   594  C  CB    . GLU A 1 78  ? -1.580  10.339  6.285   1.00 22.66 ? 78  GLU A CB    1 
ATOM   595  C  CG    . GLU A 1 78  ? -0.610  11.568  6.412   1.00 32.88 ? 78  GLU A CG    1 
ATOM   596  C  CD    . GLU A 1 78  ? -0.483  11.992  7.865   1.00 44.29 ? 78  GLU A CD    1 
ATOM   597  O  OE1   . GLU A 1 78  ? -1.364  11.678  8.693   1.00 43.32 ? 78  GLU A OE1   1 
ATOM   598  O  OE2   . GLU A 1 78  ? 0.510   12.628  8.249   1.00 50.18 ? 78  GLU A OE2   1 
ATOM   599  N  N     . ILE A 1 79  ? -1.385  8.019   3.886   1.00 20.23 ? 79  ILE A N     1 
ATOM   600  C  CA    . ILE A 1 79  ? -1.788  6.598   3.557   1.00 18.92 ? 79  ILE A CA    1 
ATOM   601  C  C     . ILE A 1 79  ? -2.046  5.837   4.825   1.00 22.13 ? 79  ILE A C     1 
ATOM   602  O  O     . ILE A 1 79  ? -1.198  5.790   5.713   1.00 22.50 ? 79  ILE A O     1 
ATOM   603  C  CB    . ILE A 1 79  ? -0.570  6.010   2.800   1.00 15.57 ? 79  ILE A CB    1 
ATOM   604  C  CG1   . ILE A 1 79  ? -0.619  6.656   1.380   1.00 22.82 ? 79  ILE A CG1   1 
ATOM   605  C  CG2   . ILE A 1 79  ? -0.713  4.482   2.721   1.00 18.99 ? 79  ILE A CG2   1 
ATOM   606  C  CD1   . ILE A 1 79  ? 0.533   6.292   0.458   1.00 22.41 ? 79  ILE A CD1   1 
ATOM   607  N  N     . GLN A 1 80  ? -3.127  5.074   4.904   1.00 19.36 ? 80  GLN A N     1 
ATOM   608  C  CA    . GLN A 1 80  ? -3.391  4.173   5.979   1.00 18.47 ? 80  GLN A CA    1 
ATOM   609  C  C     . GLN A 1 80  ? -3.213  2.742   5.425   1.00 18.52 ? 80  GLN A C     1 
ATOM   610  O  O     . GLN A 1 80  ? -3.567  2.495   4.266   1.00 20.39 ? 80  GLN A O     1 
ATOM   611  C  CB    . GLN A 1 80  ? -4.858  4.279   6.411   1.00 20.25 ? 80  GLN A CB    1 
ATOM   612  C  CG    . GLN A 1 80  ? -5.290  5.675   6.868   1.00 28.99 ? 80  GLN A CG    1 
ATOM   613  C  CD    . GLN A 1 80  ? -6.750  5.598   7.343   1.00 46.89 ? 80  GLN A CD    1 
ATOM   614  O  OE1   . GLN A 1 80  ? -7.662  4.976   6.772   1.00 47.94 ? 80  GLN A OE1   1 
ATOM   615  N  NE2   . GLN A 1 80  ? -7.046  6.242   8.472   1.00 54.32 ? 80  GLN A NE2   1 
ATOM   616  N  N     . VAL A 1 81  ? -2.651  1.867   6.273   1.00 18.00 ? 81  VAL A N     1 
ATOM   617  C  CA    . VAL A 1 81  ? -2.465  0.478   5.731   1.00 16.11 ? 81  VAL A CA    1 
ATOM   618  C  C     . VAL A 1 81  ? -3.425  -0.436  6.437   1.00 20.04 ? 81  VAL A C     1 
ATOM   619  O  O     . VAL A 1 81  ? -3.339  -0.559  7.690   1.00 18.37 ? 81  VAL A O     1 
ATOM   620  C  CB    . VAL A 1 81  ? -1.015  0.006   5.956   1.00 17.57 ? 81  VAL A CB    1 
ATOM   621  C  CG1   . VAL A 1 81  ? -0.884  -1.367  5.228   1.00 22.17 ? 81  VAL A CG1   1 
ATOM   622  C  CG2   . VAL A 1 81  ? -0.090  0.994   5.230   1.00 17.09 ? 81  VAL A CG2   1 
ATOM   623  N  N     . ILE A 1 82  ? -4.302  -1.137  5.709   1.00 15.69 ? 82  ILE A N     1 
ATOM   624  C  CA    . ILE A 1 82  ? -5.320  -1.935  6.398   1.00 14.27 ? 82  ILE A CA    1 
ATOM   625  C  C     . ILE A 1 82  ? -4.810  -3.368  6.511   1.00 20.64 ? 82  ILE A C     1 
ATOM   626  O  O     . ILE A 1 82  ? -4.594  -3.909  5.420   1.00 17.85 ? 82  ILE A O     1 
ATOM   627  C  CB    . ILE A 1 82  ? -6.642  -1.869  5.580   1.00 20.69 ? 82  ILE A CB    1 
ATOM   628  C  CG1   . ILE A 1 82  ? -7.084  -0.414  5.495   1.00 18.07 ? 82  ILE A CG1   1 
ATOM   629  C  CG2   . ILE A 1 82  ? -7.724  -2.763  6.271   1.00 18.22 ? 82  ILE A CG2   1 
ATOM   630  C  CD1   . ILE A 1 82  ? -8.255  -0.200  4.478   1.00 23.43 ? 82  ILE A CD1   1 
ATOM   631  N  N     . CYS A 1 83  ? -4.539  -3.955  7.672   1.00 15.74 ? 83  CYS A N     1 
ATOM   632  C  CA    . CYS A 1 83  ? -3.882  -5.253  7.763   1.00 17.78 ? 83  CYS A CA    1 
ATOM   633  C  C     . CYS A 1 83  ? -4.809  -6.261  8.445   1.00 20.98 ? 83  CYS A C     1 
ATOM   634  O  O     . CYS A 1 83  ? -5.362  -5.880  9.489   1.00 21.39 ? 83  CYS A O     1 
ATOM   635  C  CB    . CYS A 1 83  ? -2.667  -5.116  8.782   1.00 20.16 ? 83  CYS A CB    1 
ATOM   636  S  SG    . CYS A 1 83  ? -1.449  -3.991  8.051   1.00 27.87 ? 83  CYS A SG    1 
ATOM   637  N  N     . THR A 1 84  ? -4.930  -7.469  7.902   1.00 17.41 ? 84  THR A N     1 
ATOM   638  C  CA    . THR A 1 84  ? -5.704  -8.516  8.546   1.00 19.21 ? 84  THR A CA    1 
ATOM   639  C  C     . THR A 1 84  ? -4.804  -9.721  8.676   1.00 18.87 ? 84  THR A C     1 
ATOM   640  O  O     . THR A 1 84  ? -4.021  -10.064 7.785   1.00 19.80 ? 84  THR A O     1 
ATOM   641  C  CB    . THR A 1 84  ? -6.974  -8.889  7.731   1.00 22.33 ? 84  THR A CB    1 
ATOM   642  O  OG1   . THR A 1 84  ? -7.820  -7.731  7.691   1.00 25.06 ? 84  THR A OG1   1 
ATOM   643  C  CG2   . THR A 1 84  ? -7.716  -10.037 8.399   1.00 19.64 ? 84  THR A CG2   1 
ATOM   644  N  N     . ASN A 1 85  ? -4.901  -10.378 9.834   1.00 17.38 ? 85  ASN A N     1 
ATOM   645  C  CA    . ASN A 1 85  ? -4.065  -11.590 9.994   1.00 18.02 ? 85  ASN A CA    1 
ATOM   646  C  C     . ASN A 1 85  ? -4.939  -12.760 9.551   1.00 20.37 ? 85  ASN A C     1 
ATOM   647  O  O     . ASN A 1 85  ? -5.928  -13.079 10.256  1.00 21.84 ? 85  ASN A O     1 
ATOM   648  C  CB    . ASN A 1 85  ? -3.805  -11.656 11.521  1.00 19.27 ? 85  ASN A CB    1 
ATOM   649  C  CG    . ASN A 1 85  ? -2.981  -12.856 11.920  1.00 30.94 ? 85  ASN A CG    1 
ATOM   650  O  OD1   . ASN A 1 85  ? -2.821  -13.808 11.157  1.00 26.62 ? 85  ASN A OD1   1 
ATOM   651  N  ND2   . ASN A 1 85  ? -2.400  -12.896 13.113  1.00 21.62 ? 85  ASN A ND2   1 
ATOM   652  N  N     . ILE A 1 86  ? -4.558  -13.468 8.499   1.00 16.80 ? 86  ILE A N     1 
ATOM   653  C  CA    . ILE A 1 86  ? -5.392  -14.600 8.030   1.00 20.34 ? 86  ILE A CA    1 
ATOM   654  C  C     . ILE A 1 86  ? -4.575  -15.855 8.336   1.00 23.27 ? 86  ILE A C     1 
ATOM   655  O  O     . ILE A 1 86  ? -4.813  -16.902 7.766   1.00 30.58 ? 86  ILE A O     1 
ATOM   656  C  CB    . ILE A 1 86  ? -5.664  -14.469 6.517   1.00 22.27 ? 86  ILE A CB    1 
ATOM   657  C  CG1   . ILE A 1 86  ? -4.348  -14.276 5.719   1.00 19.23 ? 86  ILE A CG1   1 
ATOM   658  C  CG2   . ILE A 1 86  ? -6.533  -13.238 6.253   1.00 19.86 ? 86  ILE A CG2   1 
ATOM   659  C  CD1   . ILE A 1 86  ? -4.621  -14.289 4.177   1.00 19.77 ? 86  ILE A CD1   1 
ATOM   660  N  N     . GLY A 1 87  ? -3.534  -15.755 9.121   1.00 25.55 ? 87  GLY A N     1 
ATOM   661  C  CA    . GLY A 1 87  ? -2.713  -16.911 9.515   1.00 29.22 ? 87  GLY A CA    1 
ATOM   662  C  C     . GLY A 1 87  ? -3.274  -17.579 10.782  1.00 30.77 ? 87  GLY A C     1 
ATOM   663  O  O     . GLY A 1 87  ? -4.375  -17.325 11.264  1.00 29.12 ? 87  GLY A O     1 
ATOM   664  N  N     . LYS A 1 88  ? -2.456  -18.444 11.365  1.00 34.48 ? 88  LYS A N     1 
ATOM   665  C  CA    . LYS A 1 88  ? -2.978  -19.265 12.491  1.00 39.36 ? 88  LYS A CA    1 
ATOM   666  C  C     . LYS A 1 88  ? -2.240  -18.834 13.752  1.00 41.60 ? 88  LYS A C     1 
ATOM   667  O  O     . LYS A 1 88  ? -2.392  -19.396 14.823  1.00 43.28 ? 88  LYS A O     1 
ATOM   668  C  CB    . LYS A 1 88  ? -2.677  -20.736 12.216  1.00 49.18 ? 88  LYS A CB    1 
ATOM   669  C  CG    . LYS A 1 88  ? -3.590  -21.514 11.304  1.00 60.34 ? 88  LYS A CG    1 
ATOM   670  C  CD    . LYS A 1 88  ? -3.182  -22.990 11.262  1.00 64.81 ? 88  LYS A CD    1 
ATOM   671  C  CE    . LYS A 1 88  ? -4.428  -23.865 11.137  1.00 64.36 ? 88  LYS A CE    1 
ATOM   672  N  NZ    . LYS A 1 88  ? -4.004  -25.400 11.504  0.00 88.88 ? 88  LYS A NZ    1 
ATOM   673  N  N     . SER A 1 89  ? -1.347  -17.855 13.576  1.00 37.43 ? 89  SER A N     1 
ATOM   674  C  CA    . SER A 1 89  ? -0.573  -17.380 14.723  1.00 39.52 ? 89  SER A CA    1 
ATOM   675  C  C     . SER A 1 89  ? -0.598  -15.876 14.887  1.00 36.90 ? 89  SER A C     1 
ATOM   676  O  O     . SER A 1 89  ? -0.874  -15.162 13.900  1.00 28.94 ? 89  SER A O     1 
ATOM   677  C  CB    . SER A 1 89  ? 0.830   -17.921 14.418  1.00 38.86 ? 89  SER A CB    1 
ATOM   678  O  OG    . SER A 1 89  ? 1.644   -17.577 15.507  1.00 60.25 ? 89  SER A OG    1 
ATOM   679  N  N     . ASN A 1 90  ? -0.458  -15.341 16.096  1.00 33.16 ? 90  ASN A N     1 
ATOM   680  C  CA    . ASN A 1 90  ? -0.391  -13.918 16.348  1.00 31.39 ? 90  ASN A CA    1 
ATOM   681  C  C     . ASN A 1 90  ? 0.814   -13.322 15.606  1.00 26.71 ? 90  ASN A C     1 
ATOM   682  O  O     . ASN A 1 90  ? 1.834   -13.978 15.421  1.00 29.97 ? 90  ASN A O     1 
ATOM   683  C  CB    . ASN A 1 90  ? -0.210  -13.476 17.815  1.00 33.22 ? 90  ASN A CB    1 
ATOM   684  C  CG    . ASN A 1 90  ? -1.421  -13.932 18.609  1.00 42.89 ? 90  ASN A CG    1 
ATOM   685  O  OD1   . ASN A 1 90  ? -2.500  -14.121 18.053  1.00 38.25 ? 90  ASN A OD1   1 
ATOM   686  N  ND2   . ASN A 1 90  ? -1.225  -14.119 19.908  1.00 51.11 ? 90  ASN A ND2   1 
ATOM   687  N  N     . ILE A 1 91  ? 0.589   -12.134 15.063  1.00 22.75 ? 91  ILE A N     1 
ATOM   688  C  CA    . ILE A 1 91  ? 1.747   -11.547 14.305  1.00 19.08 ? 91  ILE A CA    1 
ATOM   689  C  C     . ILE A 1 91  ? 2.220   -10.322 15.092  1.00 20.40 ? 91  ILE A C     1 
ATOM   690  O  O     . ILE A 1 91  ? 1.386   -9.458  15.391  1.00 22.13 ? 91  ILE A O     1 
ATOM   691  C  CB    . ILE A 1 91  ? 1.264   -11.101 12.913  1.00 32.05 ? 91  ILE A CB    1 
ATOM   692  C  CG1   . ILE A 1 91  ? 1.019   -12.378 12.079  1.00 28.96 ? 91  ILE A CG1   1 
ATOM   693  C  CG2   . ILE A 1 91  ? 2.374   -10.210 12.297  1.00 31.08 ? 91  ILE A CG2   1 
ATOM   694  C  CD1   . ILE A 1 91  ? 0.200   -12.108 10.799  1.00 30.72 ? 91  ILE A CD1   1 
ATOM   695  N  N     . LYS A 1 92  ? 3.529   -10.235 15.224  1.00 21.48 ? 92  LYS A N     1 
ATOM   696  C  CA    . LYS A 1 92  ? 4.062   -9.095  15.970  1.00 26.62 ? 92  LYS A CA    1 
ATOM   697  C  C     . LYS A 1 92  ? 4.816   -8.201  14.987  1.00 26.50 ? 92  LYS A C     1 
ATOM   698  O  O     . LYS A 1 92  ? 5.720   -8.735  14.365  1.00 28.85 ? 92  LYS A O     1 
ATOM   699  C  CB    . LYS A 1 92  ? 5.076   -9.740  16.963  1.00 29.29 ? 92  LYS A CB    1 
ATOM   700  C  CG    . LYS A 1 92  ? 5.820   -8.676  17.760  1.00 53.53 ? 92  LYS A CG    1 
ATOM   701  C  CD    . LYS A 1 92  ? 4.827   -7.754  18.452  1.00 57.87 ? 92  LYS A CD    1 
ATOM   702  C  CE    . LYS A 1 92  ? 5.462   -6.610  19.190  1.00 60.46 ? 92  LYS A CE    1 
ATOM   703  N  NZ    . LYS A 1 92  ? 5.847   -5.513  18.269  1.00 63.96 ? 92  LYS A NZ    1 
ATOM   704  N  N     . LEU A 1 93  ? 4.462   -6.942  14.817  1.00 21.97 ? 93  LEU A N     1 
ATOM   705  C  CA    . LEU A 1 93  ? 5.277   -6.112  13.915  1.00 21.75 ? 93  LEU A CA    1 
ATOM   706  C  C     . LEU A 1 93  ? 6.199   -5.283  14.820  1.00 22.54 ? 93  LEU A C     1 
ATOM   707  O  O     . LEU A 1 93  ? 5.695   -4.758  15.837  1.00 20.65 ? 93  LEU A O     1 
ATOM   708  C  CB    . LEU A 1 93  ? 4.276   -5.170  13.216  1.00 22.89 ? 93  LEU A CB    1 
ATOM   709  C  CG    . LEU A 1 93  ? 3.306   -5.925  12.256  1.00 26.73 ? 93  LEU A CG    1 
ATOM   710  C  CD1   . LEU A 1 93  ? 2.397   -4.922  11.591  1.00 27.76 ? 93  LEU A CD1   1 
ATOM   711  C  CD2   . LEU A 1 93  ? 4.087   -6.732  11.236  1.00 22.88 ? 93  LEU A CD2   1 
ATOM   712  N  N     . ILE A 1 94  ? 7.418   -5.060  14.377  1.00 18.38 ? 94  ILE A N     1 
ATOM   713  C  CA    . ILE A 1 94  ? 8.367   -4.327  15.235  1.00 19.66 ? 94  ILE A CA    1 
ATOM   714  C  C     . ILE A 1 94  ? 8.543   -2.958  14.638  1.00 21.52 ? 94  ILE A C     1 
ATOM   715  O  O     . ILE A 1 94  ? 8.821   -2.872  13.447  1.00 19.33 ? 94  ILE A O     1 
ATOM   716  C  CB    . ILE A 1 94  ? 9.768   -5.008  15.203  1.00 25.14 ? 94  ILE A CB    1 
ATOM   717  C  CG1   . ILE A 1 94  ? 9.539   -6.490  15.535  1.00 33.50 ? 94  ILE A CG1   1 
ATOM   718  C  CG2   . ILE A 1 94  ? 10.759  -4.332  16.161  1.00 22.25 ? 94  ILE A CG2   1 
ATOM   719  C  CD1   . ILE A 1 94  ? 9.307   -6.693  16.998  1.00 36.05 ? 94  ILE A CD1   1 
ATOM   720  N  N     . GLU A 1 95  ? 8.555   -1.929  15.484  1.00 18.97 ? 95  GLU A N     1 
ATOM   721  C  CA    . GLU A 1 95  ? 8.853   -0.599  15.057  1.00 19.99 ? 95  GLU A CA    1 
ATOM   722  C  C     . GLU A 1 95  ? 9.930   -0.500  13.999  1.00 18.41 ? 95  GLU A C     1 
ATOM   723  O  O     . GLU A 1 95  ? 11.110  -0.912  14.219  1.00 19.44 ? 95  GLU A O     1 
ATOM   724  C  CB    . GLU A 1 95  ? 9.341   0.153   16.387  1.00 19.64 ? 95  GLU A CB    1 
ATOM   725  C  CG    . GLU A 1 95  ? 9.585   1.658   16.075  1.00 20.25 ? 95  GLU A CG    1 
ATOM   726  C  CD    . GLU A 1 95  ? 9.829   2.413   17.406  1.00 18.50 ? 95  GLU A CD    1 
ATOM   727  O  OE1   . GLU A 1 95  ? 9.868   1.830   18.483  1.00 20.75 ? 95  GLU A OE1   1 
ATOM   728  O  OE2   . GLU A 1 95  ? 9.977   3.612   17.398  1.00 26.15 ? 95  GLU A OE2   1 
ATOM   729  N  N     . GLY A 1 96  ? 9.628   0.224   12.897  1.00 15.32 ? 96  GLY A N     1 
ATOM   730  C  CA    . GLY A 1 96  ? 10.649  0.404   11.856  1.00 14.72 ? 96  GLY A CA    1 
ATOM   731  C  C     . GLY A 1 96  ? 10.551  -0.617  10.708  1.00 18.75 ? 96  GLY A C     1 
ATOM   732  O  O     . GLY A 1 96  ? 11.092  -0.359  9.606   1.00 14.33 ? 96  GLY A O     1 
ATOM   733  N  N     . GLN A 1 97  ? 10.143  -1.853  10.931  1.00 14.51 ? 97  GLN A N     1 
ATOM   734  C  CA    . GLN A 1 97  ? 10.326  -2.886  9.907   1.00 16.66 ? 97  GLN A CA    1 
ATOM   735  C  C     . GLN A 1 97  ? 9.427   -2.570  8.683   1.00 19.97 ? 97  GLN A C     1 
ATOM   736  O  O     . GLN A 1 97  ? 8.314   -2.031  8.822   1.00 18.84 ? 97  GLN A O     1 
ATOM   737  C  CB    . GLN A 1 97  ? 9.849   -4.244  10.436  1.00 18.40 ? 97  GLN A CB    1 
ATOM   738  C  CG    . GLN A 1 97  ? 8.324   -4.457  10.603  1.00 20.61 ? 97  GLN A CG    1 
ATOM   739  C  CD    . GLN A 1 97  ? 8.000   -5.932  10.835  1.00 24.64 ? 97  GLN A CD    1 
ATOM   740  O  OE1   . GLN A 1 97  ? 8.094   -6.451  11.968  1.00 21.06 ? 97  GLN A OE1   1 
ATOM   741  N  NE2   . GLN A 1 97  ? 7.617   -6.725  9.837   1.00 18.16 ? 97  GLN A NE2   1 
ATOM   742  N  N     . LYS A 1 98  ? 9.857   -3.080  7.533   1.00 19.98 ? 98  LYS A N     1 
ATOM   743  C  CA    . LYS A 1 98  ? 8.994   -3.044  6.340   1.00 20.51 ? 98  LYS A CA    1 
ATOM   744  C  C     . LYS A 1 98  ? 7.780   -3.910  6.589   1.00 17.42 ? 98  LYS A C     1 
ATOM   745  O  O     . LYS A 1 98  ? 7.807   -4.969  7.266   1.00 18.13 ? 98  LYS A O     1 
ATOM   746  C  CB    . LYS A 1 98  ? 9.793   -3.527  5.098   1.00 15.38 ? 98  LYS A CB    1 
ATOM   747  C  CG    . LYS A 1 98  ? 10.169  -5.024  5.197   1.00 17.04 ? 98  LYS A CG    1 
ATOM   748  C  CD    . LYS A 1 98  ? 11.053  -5.407  3.944   1.00 17.58 ? 98  LYS A CD    1 
ATOM   749  C  CE    . LYS A 1 98  ? 11.550  -6.839  4.198   1.00 19.56 ? 98  LYS A CE    1 
ATOM   750  N  NZ    . LYS A 1 98  ? 12.488  -7.324  3.157   1.00 17.60 ? 98  LYS A NZ    1 
ATOM   751  N  N     . PHE A 1 99  ? 6.611   -3.492  6.124   1.00 17.80 ? 99  PHE A N     1 
ATOM   752  C  CA    . PHE A 1 99  ? 5.399   -4.340  6.267   1.00 14.83 ? 99  PHE A CA    1 
ATOM   753  C  C     . PHE A 1 99  ? 4.421   -4.168  5.110   1.00 19.41 ? 99  PHE A C     1 
ATOM   754  O  O     . PHE A 1 99  ? 3.489   -4.955  5.048   1.00 16.29 ? 99  PHE A O     1 
ATOM   755  C  CB    . PHE A 1 99  ? 4.641   -4.079  7.612   1.00 14.66 ? 99  PHE A CB    1 
ATOM   756  C  CG    . PHE A 1 99  ? 3.862   -2.781  7.625   1.00 18.09 ? 99  PHE A CG    1 
ATOM   757  C  CD1   . PHE A 1 99  ? 4.473   -1.547  7.425   1.00 17.68 ? 99  PHE A CD1   1 
ATOM   758  C  CD2   . PHE A 1 99  ? 2.481   -2.818  7.797   1.00 22.04 ? 99  PHE A CD2   1 
ATOM   759  C  CE1   . PHE A 1 99  ? 3.748   -0.354  7.458   1.00 19.56 ? 99  PHE A CE1   1 
ATOM   760  C  CE2   . PHE A 1 99  ? 1.743   -1.640  7.829   1.00 18.62 ? 99  PHE A CE2   1 
ATOM   761  C  CZ    . PHE A 1 99  ? 2.362   -0.374  7.649   1.00 18.40 ? 99  PHE A CZ    1 
ATOM   762  N  N     . ALA A 1 100 ? 4.789   -3.465  4.033   1.00 16.44 ? 100 ALA A N     1 
ATOM   763  C  CA    . ALA A 1 100 ? 3.945   -3.358  2.862   1.00 17.91 ? 100 ALA A CA    1 
ATOM   764  C  C     . ALA A 1 100 ? 4.788   -2.563  1.823   1.00 17.64 ? 100 ALA A C     1 
ATOM   765  O  O     . ALA A 1 100 ? 5.842   -2.040  2.234   1.00 17.62 ? 100 ALA A O     1 
ATOM   766  C  CB    . ALA A 1 100 ? 2.716   -2.446  3.161   1.00 17.24 ? 100 ALA A CB    1 
ATOM   767  N  N     . GLN A 1 101 ? 4.339   -2.474  0.603   1.00 14.66 ? 101 GLN A N     1 
ATOM   768  C  CA    . GLN A 1 101 ? 5.068   -1.689  -0.377  1.00 14.38 ? 101 GLN A CA    1 
ATOM   769  C  C     . GLN A 1 101 ? 4.070   -0.928  -1.246  1.00 13.83 ? 101 GLN A C     1 
ATOM   770  O  O     . GLN A 1 101 ? 2.921   -1.312  -1.350  1.00 19.17 ? 101 GLN A O     1 
ATOM   771  C  CB    . GLN A 1 101 ? 5.977   -2.551  -1.278  1.00 11.79 ? 101 GLN A CB    1 
ATOM   772  C  CG    . GLN A 1 101 ? 5.213   -3.659  -2.036  1.00 15.76 ? 101 GLN A CG    1 
ATOM   773  C  CD    . GLN A 1 101 ? 6.140   -4.479  -2.929  1.00 23.13 ? 101 GLN A CD    1 
ATOM   774  O  OE1   . GLN A 1 101 ? 7.025   -3.977  -3.611  1.00 21.44 ? 101 GLN A OE1   1 
ATOM   775  N  NE2   . GLN A 1 101 ? 5.982   -5.778  -2.958  1.00 16.51 ? 101 GLN A NE2   1 
ATOM   776  N  N     . LEU A 1 102 ? 4.561   0.181   -1.788  1.00 15.60 ? 102 LEU A N     1 
ATOM   777  C  CA    . LEU A 1 102 ? 3.718   1.074   -2.536  1.00 14.65 ? 102 LEU A CA    1 
ATOM   778  C  C     . LEU A 1 102 ? 4.229   1.052   -3.980  1.00 14.94 ? 102 LEU A C     1 
ATOM   779  O  O     . LEU A 1 102 ? 5.429   1.256   -4.188  1.00 18.23 ? 102 LEU A O     1 
ATOM   780  C  CB    . LEU A 1 102 ? 3.943   2.499   -1.965  1.00 12.86 ? 102 LEU A CB    1 
ATOM   781  C  CG    . LEU A 1 102 ? 3.312   3.575   -2.873  1.00 20.06 ? 102 LEU A CG    1 
ATOM   782  C  CD1   . LEU A 1 102 ? 1.793   3.535   -2.872  1.00 15.30 ? 102 LEU A CD1   1 
ATOM   783  C  CD2   . LEU A 1 102 ? 3.770   4.945   -2.317  1.00 22.08 ? 102 LEU A CD2   1 
ATOM   784  N  N     . ILE A 1 103 ? 3.333   0.718   -4.911  1.00 12.90 ? 103 ILE A N     1 
ATOM   785  C  CA    . ILE A 1 103 ? 3.782   0.641   -6.306  1.00 13.74 ? 103 ILE A CA    1 
ATOM   786  C  C     . ILE A 1 103 ? 2.982   1.691   -7.047  1.00 17.14 ? 103 ILE A C     1 
ATOM   787  O  O     . ILE A 1 103 ? 1.742   1.834   -6.740  1.00 17.53 ? 103 ILE A O     1 
ATOM   788  C  CB    . ILE A 1 103 ? 3.418   -0.789  -6.838  1.00 16.02 ? 103 ILE A CB    1 
ATOM   789  C  CG1   . ILE A 1 103 ? 4.214   -1.866  -6.093  1.00 18.78 ? 103 ILE A CG1   1 
ATOM   790  C  CG2   . ILE A 1 103 ? 3.725   -0.838  -8.362  1.00 14.75 ? 103 ILE A CG2   1 
ATOM   791  C  CD1   . ILE A 1 103 ? 3.774   -3.300  -6.431  1.00 17.76 ? 103 ILE A CD1   1 
ATOM   792  N  N     . ILE A 1 104 ? 3.565   2.404   -8.016  1.00 15.91 ? 104 ILE A N     1 
ATOM   793  C  CA    . ILE A 1 104 ? 2.782   3.466   -8.723  1.00 16.41 ? 104 ILE A CA    1 
ATOM   794  C  C     . ILE A 1 104 ? 2.396   2.924   -10.090 1.00 17.51 ? 104 ILE A C     1 
ATOM   795  O  O     . ILE A 1 104 ? 3.253   2.441   -10.828 1.00 17.09 ? 104 ILE A O     1 
ATOM   796  C  CB    . ILE A 1 104 ? 3.609   4.780   -8.885  1.00 18.69 ? 104 ILE A CB    1 
ATOM   797  C  CG1   . ILE A 1 104 ? 4.101   5.269   -7.513  1.00 18.94 ? 104 ILE A CG1   1 
ATOM   798  C  CG2   . ILE A 1 104 ? 2.849   5.880   -9.613  1.00 19.25 ? 104 ILE A CG2   1 
ATOM   799  C  CD1   . ILE A 1 104 ? 2.971   5.578   -6.521  1.00 19.97 ? 104 ILE A CD1   1 
ATOM   800  N  N     . LEU A 1 105 ? 1.106   2.963   -10.443 1.00 15.78 ? 105 LEU A N     1 
ATOM   801  C  CA    . LEU A 1 105 ? 0.672   2.395   -11.727 1.00 15.30 ? 105 LEU A CA    1 
ATOM   802  C  C     . LEU A 1 105 ? -0.096  3.493   -12.495 1.00 16.85 ? 105 LEU A C     1 
ATOM   803  O  O     . LEU A 1 105 ? -0.594  4.415   -11.880 1.00 17.83 ? 105 LEU A O     1 
ATOM   804  C  CB    . LEU A 1 105 ? -0.315  1.236   -11.524 1.00 18.83 ? 105 LEU A CB    1 
ATOM   805  C  CG    . LEU A 1 105 ? 0.256   0.005   -10.785 1.00 25.84 ? 105 LEU A CG    1 
ATOM   806  C  CD1   . LEU A 1 105 ? -0.809  -1.033  -10.451 1.00 21.58 ? 105 LEU A CD1   1 
ATOM   807  C  CD2   . LEU A 1 105 ? 1.212   -0.743  -11.727 1.00 23.23 ? 105 LEU A CD2   1 
ATOM   808  N  N     . GLN A 1 106 ? -0.330  3.301   -13.769 1.00 19.84 ? 106 GLN A N     1 
ATOM   809  C  CA    . GLN A 1 106 ? -1.262  4.137   -14.524 1.00 20.09 ? 106 GLN A CA    1 
ATOM   810  C  C     . GLN A 1 106 ? -2.508  3.352   -14.799 1.00 20.16 ? 106 GLN A C     1 
ATOM   811  O  O     . GLN A 1 106 ? -2.333  2.161   -15.064 1.00 22.12 ? 106 GLN A O     1 
ATOM   812  C  CB    . GLN A 1 106 ? -0.678  4.364   -15.943 1.00 22.84 ? 106 GLN A CB    1 
ATOM   813  C  CG    . GLN A 1 106 ? 0.499   5.348   -15.881 1.00 40.63 ? 106 GLN A CG    1 
ATOM   814  C  CD    . GLN A 1 106 ? 0.903   5.713   -17.320 1.00 54.43 ? 106 GLN A CD    1 
ATOM   815  O  OE1   . GLN A 1 106 ? 0.234   5.409   -18.315 1.00 55.42 ? 106 GLN A OE1   1 
ATOM   816  N  NE2   . GLN A 1 106 ? 2.042   6.373   -17.442 1.00 62.98 ? 106 GLN A NE2   1 
ATOM   817  N  N     . HIS A 1 107 ? -3.688  3.955   -14.728 1.00 16.68 ? 107 HIS A N     1 
ATOM   818  C  CA    . HIS A 1 107 ? -4.888  3.226   -15.103 1.00 18.00 ? 107 HIS A CA    1 
ATOM   819  C  C     . HIS A 1 107 ? -5.440  3.884   -16.379 1.00 22.66 ? 107 HIS A C     1 
ATOM   820  O  O     . HIS A 1 107 ? -4.931  4.931   -16.807 1.00 19.51 ? 107 HIS A O     1 
ATOM   821  C  CB    . HIS A 1 107 ? -5.927  3.355   -13.988 1.00 14.60 ? 107 HIS A CB    1 
ATOM   822  C  CG    . HIS A 1 107 ? -6.515  4.738   -13.843 1.00 14.87 ? 107 HIS A CG    1 
ATOM   823  N  ND1   . HIS A 1 107 ? -7.425  5.290   -14.679 1.00 20.70 ? 107 HIS A ND1   1 
ATOM   824  C  CD2   . HIS A 1 107 ? -6.242  5.680   -12.888 1.00 17.39 ? 107 HIS A CD2   1 
ATOM   825  C  CE1   . HIS A 1 107 ? -7.729  6.506   -14.240 1.00 17.59 ? 107 HIS A CE1   1 
ATOM   826  N  NE2   . HIS A 1 107 ? -7.016  6.775   -13.122 1.00 19.07 ? 107 HIS A NE2   1 
ATOM   827  N  N     . HIS A 1 108 ? -6.323  3.154   -17.039 1.00 19.42 ? 108 HIS A N     1 
ATOM   828  C  CA    . HIS A 1 108 ? -7.020  3.724   -18.221 1.00 26.80 ? 108 HIS A CA    1 
ATOM   829  C  C     . HIS A 1 108 ? -8.489  3.766   -17.917 1.00 25.43 ? 108 HIS A C     1 
ATOM   830  O  O     . HIS A 1 108 ? -9.336  3.410   -18.807 1.00 24.32 ? 108 HIS A O     1 
ATOM   831  C  CB    . HIS A 1 108 ? -6.648  2.789   -19.452 1.00 34.62 ? 108 HIS A CB    1 
ATOM   832  C  CG    . HIS A 1 108 ? -5.140  2.683   -19.529 1.00 44.46 ? 108 HIS A CG    1 
ATOM   833  N  ND1   . HIS A 1 108 ? -4.383  3.521   -20.329 1.00 46.59 ? 108 HIS A ND1   1 
ATOM   834  C  CD2   . HIS A 1 108 ? -4.232  1.913   -18.858 1.00 48.94 ? 108 HIS A CD2   1 
ATOM   835  C  CE1   . HIS A 1 108 ? -3.087  3.232   -20.145 1.00 50.81 ? 108 HIS A CE1   1 
ATOM   836  N  NE2   . HIS A 1 108 ? -2.961  2.281   -19.243 1.00 43.18 ? 108 HIS A NE2   1 
ATOM   837  N  N     . SER A 1 109 ? -8.946  4.085   -16.699 1.00 25.18 ? 109 SER A N     1 
ATOM   838  C  CA    . SER A 1 109 ? -10.359 4.071   -16.324 1.00 25.32 ? 109 SER A CA    1 
ATOM   839  C  C     A SER A 1 109 ? -11.180 5.301   -16.706 0.50 28.07 ? 109 SER A C     1 
ATOM   840  C  C     B SER A 1 109 ? -10.945 5.482   -16.536 0.50 32.83 ? 109 SER A C     1 
ATOM   841  O  O     A SER A 1 109 ? -11.726 5.989   -15.814 0.50 32.73 ? 109 SER A O     1 
ATOM   842  O  O     B SER A 1 109 ? -11.444 6.168   -15.614 0.50 34.52 ? 109 SER A O     1 
ATOM   843  C  CB    . SER A 1 109 ? -10.558 3.865   -14.790 1.00 20.46 ? 109 SER A CB    1 
ATOM   844  O  OG    . SER A 1 109 ? -9.844  2.697   -14.312 1.00 18.58 ? 109 SER A OG    1 
ATOM   845  N  N     A ASN A 1 110 ? -11.321 5.711   -17.921 0.50 25.00 ? 110 ASN A N     1 
ATOM   846  N  N     B ASN A 1 110 ? -10.550 6.083   -17.635 0.50 33.83 ? 110 ASN A N     1 
ATOM   847  C  CA    A ASN A 1 110 ? -11.735 7.072   -18.333 0.50 26.82 ? 110 ASN A CA    1 
ATOM   848  C  CA    B ASN A 1 110 ? -10.857 7.482   -17.985 0.50 34.36 ? 110 ASN A CA    1 
ATOM   849  C  C     A ASN A 1 110 ? -12.044 6.922   -19.825 0.50 27.63 ? 110 ASN A C     1 
ATOM   850  C  C     B ASN A 1 110 ? -10.896 7.470   -19.516 0.50 35.15 ? 110 ASN A C     1 
ATOM   851  O  O     A ASN A 1 110 ? -12.006 5.800   -20.384 0.50 19.54 ? 110 ASN A O     1 
ATOM   852  O  O     B ASN A 1 110 ? -9.860  7.181   -20.102 0.50 28.73 ? 110 ASN A O     1 
ATOM   853  C  CB    A ASN A 1 110 ? -10.649 8.108   -17.972 0.50 24.18 ? 110 ASN A CB    1 
ATOM   854  C  CB    B ASN A 1 110 ? -9.803  8.372   -17.331 0.50 31.30 ? 110 ASN A CB    1 
ATOM   855  C  CG    A ASN A 1 110 ? -10.655 8.644   -16.552 0.50 45.32 ? 110 ASN A CG    1 
ATOM   856  C  CG    B ASN A 1 110 ? -10.049 8.807   -15.886 0.50 34.74 ? 110 ASN A CG    1 
ATOM   857  O  OD1   A ASN A 1 110 ? -11.705 8.567   -15.890 0.50 53.42 ? 110 ASN A OD1   1 
ATOM   858  O  OD1   B ASN A 1 110 ? -11.097 8.591   -15.265 0.50 38.53 ? 110 ASN A OD1   1 
ATOM   859  N  ND2   A ASN A 1 110 ? -9.594  9.197   -15.960 0.50 44.33 ? 110 ASN A ND2   1 
ATOM   860  N  ND2   B ASN A 1 110 ? -9.175  9.461   -15.120 0.50 16.23 ? 110 ASN A ND2   1 
ATOM   861  N  N     A SER A 1 111 ? -12.517 7.972   -20.508 0.50 30.90 ? 111 SER A N     1 
ATOM   862  N  N     B SER A 1 111 ? -12.074 7.298   -20.119 0.50 40.41 ? 111 SER A N     1 
ATOM   863  C  CA    A SER A 1 111 ? -12.844 7.958   -21.923 0.50 28.95 ? 111 SER A CA    1 
ATOM   864  C  CA    B SER A 1 111 ? -12.467 7.386   -21.513 0.50 40.52 ? 111 SER A CA    1 
ATOM   865  C  C     A SER A 1 111 ? -13.716 6.783   -22.360 0.50 33.07 ? 111 SER A C     1 
ATOM   866  C  C     B SER A 1 111 ? -13.619 6.473   -22.005 0.50 39.61 ? 111 SER A C     1 
ATOM   867  O  O     A SER A 1 111 ? -13.418 5.937   -23.206 0.50 33.04 ? 111 SER A O     1 
ATOM   868  O  O     B SER A 1 111 ? -13.434 5.842   -23.091 0.50 39.56 ? 111 SER A O     1 
ATOM   869  C  CB    A SER A 1 111 ? -11.604 7.979   -22.805 0.50 33.72 ? 111 SER A CB    1 
ATOM   870  C  CB    B SER A 1 111 ? -11.245 7.084   -22.448 0.50 45.56 ? 111 SER A CB    1 
ATOM   871  O  OG    A SER A 1 111 ? -10.478 7.450   -22.143 0.50 44.22 ? 111 SER A OG    1 
ATOM   872  O  OG    B SER A 1 111 ? -10.471 8.301   -22.449 0.50 51.51 ? 111 SER A OG    1 
ATOM   873  N  N     . ARG A 1 112 ? -14.930 6.813   -21.835 1.00 34.38 ? 112 ARG A N     1 
ATOM   874  C  CA    . ARG A 1 112 ? -15.948 5.808   -22.068 1.00 37.34 ? 112 ARG A CA    1 
ATOM   875  C  C     . ARG A 1 112 ? -16.220 5.773   -23.579 1.00 44.57 ? 112 ARG A C     1 
ATOM   876  O  O     . ARG A 1 112 ? -16.230 6.835   -24.211 1.00 42.45 ? 112 ARG A O     1 
ATOM   877  C  CB    . ARG A 1 112 ? -17.254 6.104   -21.324 1.00 42.16 ? 112 ARG A CB    1 
ATOM   878  C  CG    . ARG A 1 112 ? -18.388 5.126   -21.613 1.00 43.46 ? 112 ARG A CG    1 
ATOM   879  C  CD    . ARG A 1 112 ? -19.699 5.487   -20.903 1.00 39.94 ? 112 ARG A CD    1 
ATOM   880  N  NE    . ARG A 1 112 ? -20.637 4.350   -21.024 1.00 38.61 ? 112 ARG A NE    1 
ATOM   881  C  CZ    . ARG A 1 112 ? -21.815 4.283   -20.405 1.00 48.74 ? 112 ARG A CZ    1 
ATOM   882  N  NH1   . ARG A 1 112 ? -22.185 5.310   -19.628 1.00 40.42 ? 112 ARG A NH1   1 
ATOM   883  N  NH2   . ARG A 1 112 ? -22.620 3.224   -20.534 1.00 35.65 ? 112 ARG A NH2   1 
ATOM   884  N  N     . GLN A 1 113 ? -16.436 4.609   -24.176 1.00 42.71 ? 113 GLN A N     1 
ATOM   885  C  CA    . GLN A 1 113 ? -16.617 4.518   -25.619 1.00 42.81 ? 113 GLN A CA    1 
ATOM   886  C  C     . GLN A 1 113 ? -17.994 3.893   -25.826 1.00 46.00 ? 113 GLN A C     1 
ATOM   887  O  O     . GLN A 1 113 ? -18.640 3.358   -24.925 1.00 45.29 ? 113 GLN A O     1 
ATOM   888  C  CB    . GLN A 1 113 ? -15.626 3.617   -26.345 1.00 36.34 ? 113 GLN A CB    1 
ATOM   889  C  CG    . GLN A 1 113 ? -14.172 3.935   -26.065 1.00 40.05 ? 113 GLN A CG    1 
ATOM   890  C  CD    . GLN A 1 113 ? -13.834 5.294   -26.666 1.00 49.14 ? 113 GLN A CD    1 
ATOM   891  O  OE1   . GLN A 1 113 ? -13.882 5.472   -27.891 1.00 48.29 ? 113 GLN A OE1   1 
ATOM   892  N  NE2   . GLN A 1 113 ? -13.514 6.266   -25.846 1.00 39.18 ? 113 GLN A NE2   1 
ATOM   893  N  N     . PRO A 1 114 ? -18.445 4.004   -27.056 1.00 48.37 ? 114 PRO A N     1 
ATOM   894  C  CA    . PRO A 1 114 ? -19.686 3.379   -27.472 1.00 47.46 ? 114 PRO A CA    1 
ATOM   895  C  C     . PRO A 1 114 ? -19.491 1.868   -27.447 1.00 39.65 ? 114 PRO A C     1 
ATOM   896  O  O     . PRO A 1 114 ? -18.464 1.382   -27.874 1.00 33.83 ? 114 PRO A O     1 
ATOM   897  C  CB    . PRO A 1 114 ? -19.930 3.846   -28.935 1.00 53.32 ? 114 PRO A CB    1 
ATOM   898  C  CG    . PRO A 1 114 ? -18.535 4.222   -29.376 1.00 53.53 ? 114 PRO A CG    1 
ATOM   899  C  CD    . PRO A 1 114 ? -17.742 4.663   -28.167 1.00 51.24 ? 114 PRO A CD    1 
ATOM   900  N  N     . TRP A 1 115 ? -20.466 1.111   -27.024 1.00 38.07 ? 115 TRP A N     1 
ATOM   901  C  CA    . TRP A 1 115 ? -20.399 -0.344  -27.079 1.00 42.26 ? 115 TRP A CA    1 
ATOM   902  C  C     . TRP A 1 115 ? -20.337 -0.888  -28.488 1.00 47.00 ? 115 TRP A C     1 
ATOM   903  O  O     . TRP A 1 115 ? -21.149 -0.454  -29.322 1.00 46.99 ? 115 TRP A O     1 
ATOM   904  C  CB    . TRP A 1 115 ? -21.722 -0.773  -26.417 1.00 40.39 ? 115 TRP A CB    1 
ATOM   905  C  CG    . TRP A 1 115 ? -21.731 -2.258  -26.196 1.00 48.33 ? 115 TRP A CG    1 
ATOM   906  C  CD1   . TRP A 1 115 ? -22.271 -3.214  -27.012 1.00 48.51 ? 115 TRP A CD1   1 
ATOM   907  C  CD2   . TRP A 1 115 ? -21.147 -2.942  -25.073 1.00 39.56 ? 115 TRP A CD2   1 
ATOM   908  N  NE1   . TRP A 1 115 ? -22.063 -4.453  -26.454 1.00 51.14 ? 115 TRP A NE1   1 
ATOM   909  C  CE2   . TRP A 1 115 ? -21.371 -4.314  -25.266 1.00 41.24 ? 115 TRP A CE2   1 
ATOM   910  C  CE3   . TRP A 1 115 ? -20.476 -2.519  -23.927 1.00 32.86 ? 115 TRP A CE3   1 
ATOM   911  C  CZ2   . TRP A 1 115 ? -20.954 -5.295  -24.362 1.00 42.54 ? 115 TRP A CZ2   1 
ATOM   912  C  CZ3   . TRP A 1 115 ? -20.055 -3.501  -23.043 1.00 32.96 ? 115 TRP A CZ3   1 
ATOM   913  C  CH2   . TRP A 1 115 ? -20.273 -4.861  -23.245 1.00 35.94 ? 115 TRP A CH2   1 
ATOM   914  N  N     . ASP A 1 116 ? -19.486 -1.832  -28.857 1.00 49.79 ? 116 ASP A N     1 
ATOM   915  C  CA    . ASP A 1 116 ? -19.533 -2.415  -30.184 1.00 53.82 ? 116 ASP A CA    1 
ATOM   916  C  C     . ASP A 1 116 ? -20.368 -3.698  -30.129 1.00 59.32 ? 116 ASP A C     1 
ATOM   917  O  O     . ASP A 1 116 ? -19.972 -4.726  -29.563 1.00 56.92 ? 116 ASP A O     1 
ATOM   918  C  CB    . ASP A 1 116 ? -18.153 -2.678  -30.762 1.00 63.12 ? 116 ASP A CB    1 
ATOM   919  C  CG    . ASP A 1 116 ? -18.210 -3.225  -32.037 0.00 88.88 ? 116 ASP A CG    1 
ATOM   920  O  OD1   . ASP A 1 116 ? -19.305 -3.461  -32.551 0.00 88.88 ? 116 ASP A OD1   1 
ATOM   921  O  OD2   . ASP A 1 116 ? -17.158 -3.411  -32.590 0.00 88.88 ? 116 ASP A OD2   1 
ATOM   922  N  N     . GLU A 1 117 ? -21.529 -3.650  -30.787 1.00 59.96 ? 117 GLU A N     1 
ATOM   923  C  CA    . GLU A 1 117 ? -22.419 -4.796  -30.920 1.00 63.27 ? 117 GLU A CA    1 
ATOM   924  C  C     . GLU A 1 117 ? -21.854 -5.887  -31.813 1.00 63.44 ? 117 GLU A C     1 
ATOM   925  O  O     . GLU A 1 117 ? -22.319 -7.021  -31.664 1.00 66.31 ? 117 GLU A O     1 
ATOM   926  C  CB    . GLU A 1 117 ? -23.779 -4.303  -31.445 1.00 63.57 ? 117 GLU A CB    1 
ATOM   927  C  CG    . GLU A 1 117 ? -24.627 -3.587  -30.388 1.00 60.09 ? 117 GLU A CG    1 
ATOM   928  C  CD    . GLU A 1 117 ? -25.374 -4.250  -29.435 0.00 88.88 ? 117 GLU A CD    1 
ATOM   929  O  OE1   . GLU A 1 117 ? -24.885 -5.170  -28.796 0.00 88.88 ? 117 GLU A OE1   1 
ATOM   930  O  OE2   . GLU A 1 117 ? -26.559 -3.925  -29.344 0.00 88.88 ? 117 GLU A OE2   1 
ATOM   931  N  N     . ASN A 1 118 ? -20.820 -5.633  -32.596 1.00 65.23 ? 118 ASN A N     1 
ATOM   932  C  CA    . ASN A 1 118 ? -20.208 -6.623  -33.473 1.00 68.64 ? 118 ASN A CA    1 
ATOM   933  C  C     . ASN A 1 118 ? -19.957 -7.962  -32.788 1.00 70.51 ? 118 ASN A C     1 
ATOM   934  O  O     . ASN A 1 118 ? -19.288 -8.820  -33.417 1.00 71.90 ? 118 ASN A O     1 
ATOM   935  C  CB    . ASN A 1 118 ? -18.879 -6.107  -34.053 1.00 68.60 ? 118 ASN A CB    1 
ATOM   936  C  CG    . ASN A 1 118 ? -18.465 -5.532  -35.077 0.00 88.88 ? 118 ASN A CG    1 
ATOM   937  O  OD1   . ASN A 1 118 ? -19.381 -5.050  -35.741 0.00 88.88 ? 118 ASN A OD1   1 
ATOM   938  N  ND2   . ASN A 1 118 ? -17.193 -5.560  -35.493 0.00 88.88 ? 118 ASN A ND2   1 
HETATM 939  SR SR    . SR  B 2 .   ? -14.184 6.822   -3.135  1.00 20.92 ? 202 SR  A SR    1 
HETATM 940  N  N1    . DUD C 3 .   ? -6.837  4.630   1.356   1.00 15.70 ? 201 DUD A N1    1 
HETATM 941  C  C2    . DUD C 3 .   ? -5.797  4.371   2.225   1.00 21.26 ? 201 DUD A C2    1 
HETATM 942  N  N3    . DUD C 3 .   ? -5.455  3.047   2.432   1.00 15.64 ? 201 DUD A N3    1 
HETATM 943  C  C4    . DUD C 3 .   ? -6.138  2.010   1.790   1.00 20.89 ? 201 DUD A C4    1 
HETATM 944  C  C5    . DUD C 3 .   ? -7.202  2.333   0.875   1.00 14.70 ? 201 DUD A C5    1 
HETATM 945  C  C6    . DUD C 3 .   ? -7.554  3.653   0.697   1.00 18.15 ? 201 DUD A C6    1 
HETATM 946  O  O2    . DUD C 3 .   ? -5.183  5.270   2.770   1.00 18.94 ? 201 DUD A O2    1 
HETATM 947  O  O4    . DUD C 3 .   ? -5.760  0.868   2.007   1.00 21.52 ? 201 DUD A O4    1 
HETATM 948  C  "C1'" . DUD C 3 .   ? -7.157  6.093   1.175   1.00 12.72 ? 201 DUD A "C1'" 1 
HETATM 949  C  "C2'" . DUD C 3 .   ? -6.709  6.553   -0.240  1.00 13.54 ? 201 DUD A "C2'" 1 
HETATM 950  C  "C3'" . DUD C 3 .   ? -8.013  6.510   -1.051  1.00 15.92 ? 201 DUD A "C3'" 1 
HETATM 951  C  "C4'" . DUD C 3 .   ? -9.045  6.913   -0.012  1.00 17.22 ? 201 DUD A "C4'" 1 
HETATM 952  O  "O4'" . DUD C 3 .   ? -8.584  6.203   1.199   1.00 14.99 ? 201 DUD A "O4'" 1 
HETATM 953  O  "O3'" . DUD C 3 .   ? -8.071  7.443   -2.129  1.00 17.69 ? 201 DUD A "O3'" 1 
HETATM 954  C  "C5'" . DUD C 3 .   ? -10.463 6.450   -0.361  1.00 17.47 ? 201 DUD A "C5'" 1 
HETATM 955  O  "O5'" . DUD C 3 .   ? -11.328 6.766   0.746   1.00 20.89 ? 201 DUD A "O5'" 1 
HETATM 956  P  PA    . DUD C 3 .   ? -12.901 6.877   0.432   1.00 19.68 ? 201 DUD A PA    1 
HETATM 957  O  O1A   . DUD C 3 .   ? -13.126 7.439   -0.922  1.00 15.61 ? 201 DUD A O1A   1 
HETATM 958  O  O2A   . DUD C 3 .   ? -13.525 7.662   1.518   1.00 21.90 ? 201 DUD A O2A   1 
HETATM 959  O  O3A   . DUD C 3 .   ? -13.473 5.369   0.574   1.00 19.18 ? 201 DUD A O3A   1 
HETATM 960  P  PB    . DUD C 3 .   ? -13.960 4.228   -0.404  1.00 19.25 ? 201 DUD A PB    1 
HETATM 961  O  O1B   . DUD C 3 .   ? -12.693 3.600   -0.940  1.00 18.33 ? 201 DUD A O1B   1 
HETATM 962  O  O2B   . DUD C 3 .   ? -14.802 4.760   -1.500  1.00 15.97 ? 201 DUD A O2B   1 
HETATM 963  O  O3B   . DUD C 3 .   ? -14.676 3.266   0.566   1.00 18.43 ? 201 DUD A O3B   1 
HETATM 964  O  O     . HOH D 4 .   ? -12.228 4.952   -3.175  1.00 16.20 ? 203 HOH A O     1 
HETATM 965  O  O     . HOH D 4 .   ? 12.583  -4.715  0.727   1.00 16.26 ? 204 HOH A O     1 
HETATM 966  O  O     . HOH D 4 .   ? -6.338  7.618   -9.468  1.00 16.51 ? 205 HOH A O     1 
HETATM 967  O  O     . HOH D 4 .   ? -10.567 -6.454  -1.017  1.00 16.58 ? 206 HOH A O     1 
HETATM 968  O  O     . HOH D 4 .   ? -8.817  0.486   -1.661  1.00 16.73 ? 207 HOH A O     1 
HETATM 969  O  O     . HOH D 4 .   ? -4.036  -1.048  2.987   1.00 16.84 ? 208 HOH A O     1 
HETATM 970  O  O     . HOH D 4 .   ? -16.120 8.160   -1.833  1.00 16.91 ? 209 HOH A O     1 
HETATM 971  O  O     . HOH D 4 .   ? -0.123  2.044   -19.104 0.33 18.13 ? 210 HOH A O     1 
HETATM 972  O  O     . HOH D 4 .   ? -9.975  2.839   -1.444  1.00 18.67 ? 211 HOH A O     1 
HETATM 973  O  O     . HOH D 4 .   ? -9.454  3.892   -3.884  1.00 18.92 ? 212 HOH A O     1 
HETATM 974  O  O     . HOH D 4 .   ? 9.500   -4.423  -4.379  1.00 19.39 ? 213 HOH A O     1 
HETATM 975  O  O     . HOH D 4 .   ? 12.842  -6.877  -3.820  1.00 19.49 ? 214 HOH A O     1 
HETATM 976  O  O     . HOH D 4 .   ? 14.676  -5.043  -2.070  1.00 19.70 ? 215 HOH A O     1 
HETATM 977  O  O     . HOH D 4 .   ? 3.185   -7.290  3.593   1.00 20.42 ? 216 HOH A O     1 
HETATM 978  O  O     . HOH D 4 .   ? -9.561  -6.394  5.686   1.00 21.84 ? 217 HOH A O     1 
HETATM 979  O  O     . HOH D 4 .   ? 1.204   -9.101  3.190   1.00 21.94 ? 218 HOH A O     1 
HETATM 980  O  O     . HOH D 4 .   ? -7.271  9.222   -11.672 1.00 22.14 ? 219 HOH A O     1 
HETATM 981  O  O     . HOH D 4 .   ? 11.582  -1.710  -2.033  1.00 22.30 ? 220 HOH A O     1 
HETATM 982  O  O     . HOH D 4 .   ? 14.186  -1.352  -3.039  1.00 23.06 ? 221 HOH A O     1 
HETATM 983  O  O     . HOH D 4 .   ? 12.022  1.126   -0.472  1.00 23.52 ? 222 HOH A O     1 
HETATM 984  O  O     . HOH D 4 .   ? -13.788 5.783   -5.638  1.00 23.66 ? 223 HOH A O     1 
HETATM 985  O  O     . HOH D 4 .   ? 14.882  -7.132  -7.157  1.00 25.96 ? 224 HOH A O     1 
HETATM 986  O  O     . HOH D 4 .   ? 13.098  1.603   9.491   0.50 26.47 ? 225 HOH A O     1 
HETATM 987  O  O     . HOH D 4 .   ? 9.786   5.194   19.463  1.00 28.09 ? 226 HOH A O     1 
HETATM 988  O  O     . HOH D 4 .   ? -1.911  12.257  -5.987  1.00 29.52 ? 227 HOH A O     1 
HETATM 989  O  O     . HOH D 4 .   ? 6.947   1.253   19.431  1.00 31.90 ? 228 HOH A O     1 
HETATM 990  O  O     . HOH D 4 .   ? -6.181  -3.781  -4.080  1.00 33.14 ? 229 HOH A O     1 
HETATM 991  O  O     . HOH D 4 .   ? -15.990 8.547   1.031   1.00 33.27 ? 230 HOH A O     1 
HETATM 992  O  O     . HOH D 4 .   ? -1.372  11.281  -0.256  1.00 33.85 ? 231 HOH A O     1 
HETATM 993  O  O     . HOH D 4 .   ? -3.511  -4.519  -1.363  1.00 34.52 ? 232 HOH A O     1 
HETATM 994  O  O     . HOH D 4 .   ? 2.220   7.318   11.652  1.00 35.14 ? 233 HOH A O     1 
HETATM 995  O  O     . HOH D 4 .   ? -9.663  10.169  -2.438  1.00 35.41 ? 234 HOH A O     1 
HETATM 996  O  O     . HOH D 4 .   ? 13.642  -0.587  1.017   1.00 35.63 ? 235 HOH A O     1 
HETATM 997  O  O     . HOH D 4 .   ? -7.185  -0.366  13.935  1.00 36.08 ? 236 HOH A O     1 
HETATM 998  O  O     . HOH D 4 .   ? 1.282   1.231   -15.063 1.00 36.12 ? 237 HOH A O     1 
HETATM 999  O  O     . HOH D 4 .   ? -20.126 2.438   -23.080 1.00 36.28 ? 238 HOH A O     1 
HETATM 1000 O  O     . HOH D 4 .   ? -2.575  14.540  -10.824 1.00 37.08 ? 239 HOH A O     1 
HETATM 1001 O  O     . HOH D 4 .   ? -1.892  14.340  -3.290  1.00 37.75 ? 240 HOH A O     1 
HETATM 1002 O  O     . HOH D 4 .   ? 7.292   -9.066  12.060  1.00 37.80 ? 241 HOH A O     1 
HETATM 1003 O  O     . HOH D 4 .   ? -5.617  -9.552  -2.340  0.33 37.87 ? 242 HOH A O     1 
HETATM 1004 O  O     . HOH D 4 .   ? 18.912  1.383   -7.651  1.00 38.59 ? 243 HOH A O     1 
HETATM 1005 O  O     . HOH D 4 .   ? -2.668  10.622  -4.097  1.00 39.05 ? 244 HOH A O     1 
HETATM 1006 O  O     . HOH D 4 .   ? -8.360  4.364   4.245   1.00 39.77 ? 245 HOH A O     1 
HETATM 1007 O  O     . HOH D 4 .   ? -4.646  -7.959  -4.749  0.33 40.63 ? 246 HOH A O     1 
HETATM 1008 O  O     . HOH D 4 .   ? -10.389 -9.487  10.975  1.00 41.05 ? 247 HOH A O     1 
HETATM 1009 O  O     . HOH D 4 .   ? -2.183  -7.410  -0.857  1.00 41.40 ? 248 HOH A O     1 
HETATM 1010 O  O     . HOH D 4 .   ? -0.355  -4.268  20.041  1.00 41.61 ? 249 HOH A O     1 
HETATM 1011 O  O     . HOH D 4 .   ? 0.579   0.609   -17.708 0.33 42.43 ? 250 HOH A O     1 
HETATM 1012 O  O     . HOH D 4 .   ? 13.919  5.857   -4.389  1.00 42.45 ? 251 HOH A O     1 
HETATM 1013 O  O     . HOH D 4 .   ? 9.020   3.571   12.109  1.00 42.66 ? 252 HOH A O     1 
HETATM 1014 O  O     . HOH D 4 .   ? -8.381  -4.461  -2.066  1.00 42.79 ? 253 HOH A O     1 
HETATM 1015 O  O     . HOH D 4 .   ? 8.802   -14.504 6.704   1.00 42.80 ? 254 HOH A O     1 
HETATM 1016 O  O     . HOH D 4 .   ? 15.854  -0.985  -0.812  1.00 44.15 ? 255 HOH A O     1 
HETATM 1017 O  O     . HOH D 4 .   ? 3.966   13.590  6.210   1.00 44.20 ? 256 HOH A O     1 
HETATM 1018 O  O     . HOH D 4 .   ? 3.453   0.300   20.676  1.00 45.59 ? 257 HOH A O     1 
HETATM 1019 O  O     . HOH D 4 .   ? -7.865  13.508  0.292   1.00 46.24 ? 258 HOH A O     1 
HETATM 1020 O  O     . HOH D 4 .   ? -13.614 9.651   -15.241 1.00 46.76 ? 259 HOH A O     1 
HETATM 1021 O  O     . HOH D 4 .   ? -7.269  12.418  -13.988 1.00 47.45 ? 260 HOH A O     1 
HETATM 1022 O  O     . HOH D 4 .   ? -4.137  -5.782  -3.553  1.00 47.71 ? 261 HOH A O     1 
HETATM 1023 O  O     . HOH D 4 .   ? -5.974  -7.437  -0.909  1.00 48.29 ? 262 HOH A O     1 
HETATM 1024 O  O     . HOH D 4 .   ? 3.849   14.016  -9.310  1.00 48.85 ? 263 HOH A O     1 
HETATM 1025 O  O     . HOH D 4 .   ? -8.299  6.119   -22.191 1.00 49.48 ? 264 HOH A O     1 
HETATM 1026 O  O     . HOH D 4 .   ? -14.889 7.914   -16.890 1.00 50.35 ? 265 HOH A O     1 
HETATM 1027 O  O     . HOH D 4 .   ? -7.777  7.364   4.661   1.00 50.44 ? 266 HOH A O     1 
HETATM 1028 O  O     . HOH D 4 .   ? 5.210   -12.339 14.165  1.00 51.11 ? 267 HOH A O     1 
HETATM 1029 O  O     . HOH D 4 .   ? -1.242  16.942  -2.571  1.00 51.92 ? 268 HOH A O     1 
HETATM 1030 O  O     . HOH D 4 .   ? 3.884   17.008  -7.377  1.00 52.27 ? 269 HOH A O     1 
HETATM 1031 O  O     . HOH D 4 .   ? -3.656  6.298   -18.790 1.00 52.33 ? 270 HOH A O     1 
HETATM 1032 O  O     . HOH D 4 .   ? 2.926   7.531   -13.014 1.00 53.98 ? 271 HOH A O     1 
HETATM 1033 O  O     . HOH D 4 .   ? 1.354   11.931  10.814  1.00 54.10 ? 272 HOH A O     1 
HETATM 1034 O  O     . HOH D 4 .   ? -0.329  -17.075 18.406  1.00 54.90 ? 273 HOH A O     1 
HETATM 1035 O  O     . HOH D 4 .   ? -2.869  0.757   14.688  1.00 55.30 ? 274 HOH A O     1 
HETATM 1036 O  O     . HOH D 4 .   ? 10.534  -14.200 1.730   1.00 55.60 ? 275 HOH A O     1 
HETATM 1037 O  O     . HOH D 4 .   ? -10.044 6.738   3.550   1.00 56.55 ? 276 HOH A O     1 
HETATM 1038 O  O     . HOH D 4 .   ? 6.383   13.274  9.092   1.00 56.88 ? 277 HOH A O     1 
HETATM 1039 O  O     . HOH D 4 .   ? -6.756  -15.998 10.911  1.00 57.26 ? 278 HOH A O     1 
HETATM 1040 O  O     . HOH D 4 .   ? -5.910  5.409   -22.389 1.00 57.98 ? 279 HOH A O     1 
HETATM 1041 O  O     . HOH D 4 .   ? -7.043  6.844   -18.292 1.00 62.06 ? 280 HOH A O     1 
HETATM 1042 O  O     . HOH D 4 .   ? 7.924   -3.205  22.706  1.00 64.66 ? 281 HOH A O     1 
HETATM 1043 O  O     . HOH D 4 .   ? 0.735   9.318   11.665  1.00 68.82 ? 282 HOH A O     1 
# 
